data_3BJ5
# 
_entry.id   3BJ5 
# 
_audit_conform.dict_name       mmcif_pdbx.dic 
_audit_conform.dict_version    5.392 
_audit_conform.dict_location   http://mmcif.pdb.org/dictionaries/ascii/mmcif_pdbx.dic 
# 
loop_
_database_2.database_id 
_database_2.database_code 
_database_2.pdbx_database_accession 
_database_2.pdbx_DOI 
PDB   3BJ5         pdb_00003bj5 10.2210/pdb3bj5/pdb 
RCSB  RCSB045584   ?            ?                   
WWPDB D_1000045584 ?            ?                   
# 
loop_
_pdbx_audit_revision_history.ordinal 
_pdbx_audit_revision_history.data_content_type 
_pdbx_audit_revision_history.major_revision 
_pdbx_audit_revision_history.minor_revision 
_pdbx_audit_revision_history.revision_date 
1 'Structure model' 1 0 2008-09-30 
2 'Structure model' 1 1 2011-07-13 
3 'Structure model' 1 2 2021-11-10 
4 'Structure model' 1 3 2024-05-29 
# 
_pdbx_audit_revision_details.ordinal             1 
_pdbx_audit_revision_details.revision_ordinal    1 
_pdbx_audit_revision_details.data_content_type   'Structure model' 
_pdbx_audit_revision_details.provider            repository 
_pdbx_audit_revision_details.type                'Initial release' 
_pdbx_audit_revision_details.description         ? 
_pdbx_audit_revision_details.details             ? 
# 
loop_
_pdbx_audit_revision_group.ordinal 
_pdbx_audit_revision_group.revision_ordinal 
_pdbx_audit_revision_group.data_content_type 
_pdbx_audit_revision_group.group 
1 2 'Structure model' Advisory                    
2 2 'Structure model' 'Version format compliance' 
3 3 'Structure model' 'Data collection'           
4 3 'Structure model' 'Database references'       
5 3 'Structure model' 'Derived calculations'      
6 4 'Structure model' 'Data collection'           
# 
loop_
_pdbx_audit_revision_category.ordinal 
_pdbx_audit_revision_category.revision_ordinal 
_pdbx_audit_revision_category.data_content_type 
_pdbx_audit_revision_category.category 
1 3 'Structure model' database_2         
2 3 'Structure model' diffrn_source      
3 3 'Structure model' struct_ref_seq_dif 
4 3 'Structure model' struct_site        
5 4 'Structure model' chem_comp_atom     
6 4 'Structure model' chem_comp_bond     
# 
loop_
_pdbx_audit_revision_item.ordinal 
_pdbx_audit_revision_item.revision_ordinal 
_pdbx_audit_revision_item.data_content_type 
_pdbx_audit_revision_item.item 
1 3 'Structure model' '_database_2.pdbx_DOI'                 
2 3 'Structure model' '_database_2.pdbx_database_accession'  
3 3 'Structure model' '_diffrn_source.pdbx_synchrotron_site' 
4 3 'Structure model' '_struct_ref_seq_dif.details'          
5 3 'Structure model' '_struct_site.pdbx_auth_asym_id'       
6 3 'Structure model' '_struct_site.pdbx_auth_comp_id'       
7 3 'Structure model' '_struct_site.pdbx_auth_seq_id'        
# 
_pdbx_database_status.status_code                     REL 
_pdbx_database_status.entry_id                        3BJ5 
_pdbx_database_status.recvd_initial_deposition_date   2007-12-03 
_pdbx_database_status.deposit_site                    RCSB 
_pdbx_database_status.process_site                    PDBJ 
_pdbx_database_status.status_code_sf                  REL 
_pdbx_database_status.status_code_mr                  ? 
_pdbx_database_status.SG_entry                        ? 
_pdbx_database_status.pdb_format_compatible           Y 
_pdbx_database_status.status_code_cs                  ? 
_pdbx_database_status.status_code_nmr_data            ? 
_pdbx_database_status.methods_development_category    ? 
# 
loop_
_audit_author.name 
_audit_author.pdbx_ordinal 
'Ruddock, L.W.'     1 
'Nguyen, V.D.'      2 
'Wierenga, R.K.'    3 
'Haapalainen, A.M.' 4 
# 
_citation.id                        primary 
_citation.title                     
;Alternative conformations of the x region of human protein disulphide-isomerase modulate exposure of the substrate binding b' domain
;
_citation.journal_abbrev            J.Mol.Biol. 
_citation.journal_volume            383 
_citation.page_first                1144 
_citation.page_last                 1155 
_citation.year                      2008 
_citation.journal_id_ASTM           JMOBAK 
_citation.country                   UK 
_citation.journal_id_ISSN           0022-2836 
_citation.journal_id_CSD            0070 
_citation.book_publisher            ? 
_citation.pdbx_database_id_PubMed   18801374 
_citation.pdbx_database_id_DOI      10.1016/j.jmb.2008.08.085 
# 
loop_
_citation_author.citation_id 
_citation_author.name 
_citation_author.ordinal 
_citation_author.identifier_ORCID 
primary 'Nguyen, V.D.'      1  ? 
primary 'Wallis, K.'        2  ? 
primary 'Howard, M.J.'      3  ? 
primary 'Haapalainen, A.M.' 4  ? 
primary 'Salo, K.E.H.'      5  ? 
primary 'Saaranen, M.J.'    6  ? 
primary 'Sidhu, A.'         7  ? 
primary 'Wierenga, R.K.'    8  ? 
primary 'Freedman, R.B.'    9  ? 
primary 'Ruddock, L.W.'     10 ? 
primary 'Williamson, R.A.'  11 ? 
# 
loop_
_entity.id 
_entity.type 
_entity.src_method 
_entity.pdbx_description 
_entity.formula_weight 
_entity.pdbx_number_of_molecules 
_entity.pdbx_ec 
_entity.pdbx_mutation 
_entity.pdbx_fragment 
_entity.details 
1 polymer     man 'Protein disulfide-isomerase' 17270.775 1  5.3.4.1 I272A 
;b'x domain, UNPR residues 230-368
;
? 
2 non-polymer syn 'SULFATE ION'                 96.063    1  ?       ?     ?                                   ? 
3 water       nat water                         18.015    45 ?       ?     ?                                   ? 
# 
_entity_name_com.entity_id   1 
_entity_name_com.name        'PDI, Prolyl 4-hydroxylase subunit beta, Cellular thyroid hormone-binding protein, p55' 
# 
_entity_poly.entity_id                      1 
_entity_poly.type                           'polypeptide(L)' 
_entity_poly.nstd_linkage                   no 
_entity_poly.nstd_monomer                   no 
_entity_poly.pdbx_seq_one_letter_code       
;MHHHHHHMKHNQLPLVIEFTEQTAPKIFGGEIKTHILLFLPKSVSDYDGKLSNFKTAAESFKGKILFAFIDSDHTDNQRI
LEFFGLKKEECPAVRLITLEEEMTKYKPESEELTAERITEFCHRFLEGKIKPHLMSQELPEDWDKQP
;
_entity_poly.pdbx_seq_one_letter_code_can   
;MHHHHHHMKHNQLPLVIEFTEQTAPKIFGGEIKTHILLFLPKSVSDYDGKLSNFKTAAESFKGKILFAFIDSDHTDNQRI
LEFFGLKKEECPAVRLITLEEEMTKYKPESEELTAERITEFCHRFLEGKIKPHLMSQELPEDWDKQP
;
_entity_poly.pdbx_strand_id                 A 
_entity_poly.pdbx_target_identifier         ? 
# 
loop_
_pdbx_entity_nonpoly.entity_id 
_pdbx_entity_nonpoly.name 
_pdbx_entity_nonpoly.comp_id 
2 'SULFATE ION' SO4 
3 water         HOH 
# 
loop_
_entity_poly_seq.entity_id 
_entity_poly_seq.num 
_entity_poly_seq.mon_id 
_entity_poly_seq.hetero 
1 1   MET n 
1 2   HIS n 
1 3   HIS n 
1 4   HIS n 
1 5   HIS n 
1 6   HIS n 
1 7   HIS n 
1 8   MET n 
1 9   LYS n 
1 10  HIS n 
1 11  ASN n 
1 12  GLN n 
1 13  LEU n 
1 14  PRO n 
1 15  LEU n 
1 16  VAL n 
1 17  ILE n 
1 18  GLU n 
1 19  PHE n 
1 20  THR n 
1 21  GLU n 
1 22  GLN n 
1 23  THR n 
1 24  ALA n 
1 25  PRO n 
1 26  LYS n 
1 27  ILE n 
1 28  PHE n 
1 29  GLY n 
1 30  GLY n 
1 31  GLU n 
1 32  ILE n 
1 33  LYS n 
1 34  THR n 
1 35  HIS n 
1 36  ILE n 
1 37  LEU n 
1 38  LEU n 
1 39  PHE n 
1 40  LEU n 
1 41  PRO n 
1 42  LYS n 
1 43  SER n 
1 44  VAL n 
1 45  SER n 
1 46  ASP n 
1 47  TYR n 
1 48  ASP n 
1 49  GLY n 
1 50  LYS n 
1 51  LEU n 
1 52  SER n 
1 53  ASN n 
1 54  PHE n 
1 55  LYS n 
1 56  THR n 
1 57  ALA n 
1 58  ALA n 
1 59  GLU n 
1 60  SER n 
1 61  PHE n 
1 62  LYS n 
1 63  GLY n 
1 64  LYS n 
1 65  ILE n 
1 66  LEU n 
1 67  PHE n 
1 68  ALA n 
1 69  PHE n 
1 70  ILE n 
1 71  ASP n 
1 72  SER n 
1 73  ASP n 
1 74  HIS n 
1 75  THR n 
1 76  ASP n 
1 77  ASN n 
1 78  GLN n 
1 79  ARG n 
1 80  ILE n 
1 81  LEU n 
1 82  GLU n 
1 83  PHE n 
1 84  PHE n 
1 85  GLY n 
1 86  LEU n 
1 87  LYS n 
1 88  LYS n 
1 89  GLU n 
1 90  GLU n 
1 91  CYS n 
1 92  PRO n 
1 93  ALA n 
1 94  VAL n 
1 95  ARG n 
1 96  LEU n 
1 97  ILE n 
1 98  THR n 
1 99  LEU n 
1 100 GLU n 
1 101 GLU n 
1 102 GLU n 
1 103 MET n 
1 104 THR n 
1 105 LYS n 
1 106 TYR n 
1 107 LYS n 
1 108 PRO n 
1 109 GLU n 
1 110 SER n 
1 111 GLU n 
1 112 GLU n 
1 113 LEU n 
1 114 THR n 
1 115 ALA n 
1 116 GLU n 
1 117 ARG n 
1 118 ILE n 
1 119 THR n 
1 120 GLU n 
1 121 PHE n 
1 122 CYS n 
1 123 HIS n 
1 124 ARG n 
1 125 PHE n 
1 126 LEU n 
1 127 GLU n 
1 128 GLY n 
1 129 LYS n 
1 130 ILE n 
1 131 LYS n 
1 132 PRO n 
1 133 HIS n 
1 134 LEU n 
1 135 MET n 
1 136 SER n 
1 137 GLN n 
1 138 GLU n 
1 139 LEU n 
1 140 PRO n 
1 141 GLU n 
1 142 ASP n 
1 143 TRP n 
1 144 ASP n 
1 145 LYS n 
1 146 GLN n 
1 147 PRO n 
# 
_entity_src_gen.entity_id                          1 
_entity_src_gen.pdbx_src_id                        1 
_entity_src_gen.pdbx_alt_source_flag               sample 
_entity_src_gen.pdbx_seq_type                      ? 
_entity_src_gen.pdbx_beg_seq_num                   ? 
_entity_src_gen.pdbx_end_seq_num                   ? 
_entity_src_gen.gene_src_common_name               Human 
_entity_src_gen.gene_src_genus                     ? 
_entity_src_gen.pdbx_gene_src_gene                 'P4HB, ERBA2L, PDI, PDIA1, PO4DB' 
_entity_src_gen.gene_src_species                   ? 
_entity_src_gen.gene_src_strain                    ? 
_entity_src_gen.gene_src_tissue                    ? 
_entity_src_gen.gene_src_tissue_fraction           ? 
_entity_src_gen.gene_src_details                   ? 
_entity_src_gen.pdbx_gene_src_fragment             ? 
_entity_src_gen.pdbx_gene_src_scientific_name      'Homo sapiens' 
_entity_src_gen.pdbx_gene_src_ncbi_taxonomy_id     9606 
_entity_src_gen.pdbx_gene_src_variant              ? 
_entity_src_gen.pdbx_gene_src_cell_line            ? 
_entity_src_gen.pdbx_gene_src_atcc                 ? 
_entity_src_gen.pdbx_gene_src_organ                ? 
_entity_src_gen.pdbx_gene_src_organelle            ? 
_entity_src_gen.pdbx_gene_src_cell                 ? 
_entity_src_gen.pdbx_gene_src_cellular_location    ? 
_entity_src_gen.host_org_common_name               ? 
_entity_src_gen.pdbx_host_org_scientific_name      'Escherichia coli' 
_entity_src_gen.pdbx_host_org_ncbi_taxonomy_id     562 
_entity_src_gen.host_org_genus                     ? 
_entity_src_gen.pdbx_host_org_gene                 ? 
_entity_src_gen.pdbx_host_org_organ                ? 
_entity_src_gen.host_org_species                   ? 
_entity_src_gen.pdbx_host_org_tissue               ? 
_entity_src_gen.pdbx_host_org_tissue_fraction      ? 
_entity_src_gen.pdbx_host_org_strain               'BL21(DE3)plysS' 
_entity_src_gen.pdbx_host_org_variant              ? 
_entity_src_gen.pdbx_host_org_cell_line            ? 
_entity_src_gen.pdbx_host_org_atcc                 ? 
_entity_src_gen.pdbx_host_org_culture_collection   ? 
_entity_src_gen.pdbx_host_org_cell                 ? 
_entity_src_gen.pdbx_host_org_organelle            ? 
_entity_src_gen.pdbx_host_org_cellular_location    ? 
_entity_src_gen.pdbx_host_org_vector_type          plasmid 
_entity_src_gen.pdbx_host_org_vector               ? 
_entity_src_gen.host_org_details                   ? 
_entity_src_gen.expression_system_id               ? 
_entity_src_gen.plasmid_name                       'pet23a(+)' 
_entity_src_gen.plasmid_details                    ? 
_entity_src_gen.pdbx_description                   ? 
# 
loop_
_chem_comp.id 
_chem_comp.type 
_chem_comp.mon_nstd_flag 
_chem_comp.name 
_chem_comp.pdbx_synonyms 
_chem_comp.formula 
_chem_comp.formula_weight 
ALA 'L-peptide linking' y ALANINE         ? 'C3 H7 N O2'     89.093  
ARG 'L-peptide linking' y ARGININE        ? 'C6 H15 N4 O2 1' 175.209 
ASN 'L-peptide linking' y ASPARAGINE      ? 'C4 H8 N2 O3'    132.118 
ASP 'L-peptide linking' y 'ASPARTIC ACID' ? 'C4 H7 N O4'     133.103 
CYS 'L-peptide linking' y CYSTEINE        ? 'C3 H7 N O2 S'   121.158 
GLN 'L-peptide linking' y GLUTAMINE       ? 'C5 H10 N2 O3'   146.144 
GLU 'L-peptide linking' y 'GLUTAMIC ACID' ? 'C5 H9 N O4'     147.129 
GLY 'peptide linking'   y GLYCINE         ? 'C2 H5 N O2'     75.067  
HIS 'L-peptide linking' y HISTIDINE       ? 'C6 H10 N3 O2 1' 156.162 
HOH non-polymer         . WATER           ? 'H2 O'           18.015  
ILE 'L-peptide linking' y ISOLEUCINE      ? 'C6 H13 N O2'    131.173 
LEU 'L-peptide linking' y LEUCINE         ? 'C6 H13 N O2'    131.173 
LYS 'L-peptide linking' y LYSINE          ? 'C6 H15 N2 O2 1' 147.195 
MET 'L-peptide linking' y METHIONINE      ? 'C5 H11 N O2 S'  149.211 
PHE 'L-peptide linking' y PHENYLALANINE   ? 'C9 H11 N O2'    165.189 
PRO 'L-peptide linking' y PROLINE         ? 'C5 H9 N O2'     115.130 
SER 'L-peptide linking' y SERINE          ? 'C3 H7 N O3'     105.093 
SO4 non-polymer         . 'SULFATE ION'   ? 'O4 S -2'        96.063  
THR 'L-peptide linking' y THREONINE       ? 'C4 H9 N O3'     119.119 
TRP 'L-peptide linking' y TRYPTOPHAN      ? 'C11 H12 N2 O2'  204.225 
TYR 'L-peptide linking' y TYROSINE        ? 'C9 H11 N O3'    181.189 
VAL 'L-peptide linking' y VALINE          ? 'C5 H11 N O2'    117.146 
# 
loop_
_pdbx_poly_seq_scheme.asym_id 
_pdbx_poly_seq_scheme.entity_id 
_pdbx_poly_seq_scheme.seq_id 
_pdbx_poly_seq_scheme.mon_id 
_pdbx_poly_seq_scheme.ndb_seq_num 
_pdbx_poly_seq_scheme.pdb_seq_num 
_pdbx_poly_seq_scheme.auth_seq_num 
_pdbx_poly_seq_scheme.pdb_mon_id 
_pdbx_poly_seq_scheme.auth_mon_id 
_pdbx_poly_seq_scheme.pdb_strand_id 
_pdbx_poly_seq_scheme.pdb_ins_code 
_pdbx_poly_seq_scheme.hetero 
A 1 1   MET 1   205 ?   ?   ?   A . n 
A 1 2   HIS 2   206 ?   ?   ?   A . n 
A 1 3   HIS 3   207 ?   ?   ?   A . n 
A 1 4   HIS 4   208 ?   ?   ?   A . n 
A 1 5   HIS 5   209 ?   ?   ?   A . n 
A 1 6   HIS 6   210 ?   ?   ?   A . n 
A 1 7   HIS 7   211 ?   ?   ?   A . n 
A 1 8   MET 8   212 ?   ?   ?   A . n 
A 1 9   LYS 9   213 ?   ?   ?   A . n 
A 1 10  HIS 10  214 ?   ?   ?   A . n 
A 1 11  ASN 11  215 ?   ?   ?   A . n 
A 1 12  GLN 12  216 ?   ?   ?   A . n 
A 1 13  LEU 13  217 ?   ?   ?   A . n 
A 1 14  PRO 14  218 ?   ?   ?   A . n 
A 1 15  LEU 15  219 219 LEU LEU A . n 
A 1 16  VAL 16  220 220 VAL VAL A . n 
A 1 17  ILE 17  221 221 ILE ILE A . n 
A 1 18  GLU 18  222 222 GLU GLU A . n 
A 1 19  PHE 19  223 223 PHE PHE A . n 
A 1 20  THR 20  224 224 THR THR A . n 
A 1 21  GLU 21  225 225 GLU GLU A . n 
A 1 22  GLN 22  226 226 GLN GLN A . n 
A 1 23  THR 23  227 227 THR THR A . n 
A 1 24  ALA 24  228 228 ALA ALA A . n 
A 1 25  PRO 25  229 229 PRO PRO A . n 
A 1 26  LYS 26  230 230 LYS LYS A . n 
A 1 27  ILE 27  231 231 ILE ILE A . n 
A 1 28  PHE 28  232 232 PHE PHE A . n 
A 1 29  GLY 29  233 233 GLY GLY A . n 
A 1 30  GLY 30  234 234 GLY GLY A . n 
A 1 31  GLU 31  235 235 GLU GLU A . n 
A 1 32  ILE 32  236 236 ILE ILE A . n 
A 1 33  LYS 33  237 237 LYS LYS A . n 
A 1 34  THR 34  238 238 THR THR A . n 
A 1 35  HIS 35  239 239 HIS HIS A . n 
A 1 36  ILE 36  240 240 ILE ILE A . n 
A 1 37  LEU 37  241 241 LEU LEU A . n 
A 1 38  LEU 38  242 242 LEU LEU A . n 
A 1 39  PHE 39  243 243 PHE PHE A . n 
A 1 40  LEU 40  244 244 LEU LEU A . n 
A 1 41  PRO 41  245 245 PRO PRO A . n 
A 1 42  LYS 42  246 246 LYS LYS A . n 
A 1 43  SER 43  247 247 SER SER A . n 
A 1 44  VAL 44  248 248 VAL VAL A . n 
A 1 45  SER 45  249 249 SER SER A . n 
A 1 46  ASP 46  250 250 ASP ASP A . n 
A 1 47  TYR 47  251 251 TYR TYR A . n 
A 1 48  ASP 48  252 252 ASP ASP A . n 
A 1 49  GLY 49  253 253 GLY GLY A . n 
A 1 50  LYS 50  254 254 LYS LYS A . n 
A 1 51  LEU 51  255 255 LEU LEU A . n 
A 1 52  SER 52  256 256 SER SER A . n 
A 1 53  ASN 53  257 257 ASN ASN A . n 
A 1 54  PHE 54  258 258 PHE PHE A . n 
A 1 55  LYS 55  259 259 LYS LYS A . n 
A 1 56  THR 56  260 260 THR THR A . n 
A 1 57  ALA 57  261 261 ALA ALA A . n 
A 1 58  ALA 58  262 262 ALA ALA A . n 
A 1 59  GLU 59  263 263 GLU GLU A . n 
A 1 60  SER 60  264 264 SER SER A . n 
A 1 61  PHE 61  265 265 PHE PHE A . n 
A 1 62  LYS 62  266 266 LYS LYS A . n 
A 1 63  GLY 63  267 267 GLY GLY A . n 
A 1 64  LYS 64  268 268 LYS LYS A . n 
A 1 65  ILE 65  269 269 ILE ILE A . n 
A 1 66  LEU 66  270 270 LEU LEU A . n 
A 1 67  PHE 67  271 271 PHE PHE A . n 
A 1 68  ALA 68  272 272 ALA ALA A . n 
A 1 69  PHE 69  273 273 PHE PHE A . n 
A 1 70  ILE 70  274 274 ILE ILE A . n 
A 1 71  ASP 71  275 275 ASP ASP A . n 
A 1 72  SER 72  276 276 SER SER A . n 
A 1 73  ASP 73  277 277 ASP ASP A . n 
A 1 74  HIS 74  278 278 HIS HIS A . n 
A 1 75  THR 75  279 279 THR THR A . n 
A 1 76  ASP 76  280 280 ASP ASP A . n 
A 1 77  ASN 77  281 281 ASN ASN A . n 
A 1 78  GLN 78  282 282 GLN GLN A . n 
A 1 79  ARG 79  283 283 ARG ARG A . n 
A 1 80  ILE 80  284 284 ILE ILE A . n 
A 1 81  LEU 81  285 285 LEU LEU A . n 
A 1 82  GLU 82  286 286 GLU GLU A . n 
A 1 83  PHE 83  287 287 PHE PHE A . n 
A 1 84  PHE 84  288 288 PHE PHE A . n 
A 1 85  GLY 85  289 289 GLY GLY A . n 
A 1 86  LEU 86  290 290 LEU LEU A . n 
A 1 87  LYS 87  291 291 LYS LYS A . n 
A 1 88  LYS 88  292 292 LYS LYS A . n 
A 1 89  GLU 89  293 293 GLU GLU A . n 
A 1 90  GLU 90  294 294 GLU GLU A . n 
A 1 91  CYS 91  295 295 CYS CYS A . n 
A 1 92  PRO 92  296 296 PRO PRO A . n 
A 1 93  ALA 93  297 297 ALA ALA A . n 
A 1 94  VAL 94  298 298 VAL VAL A . n 
A 1 95  ARG 95  299 299 ARG ARG A . n 
A 1 96  LEU 96  300 300 LEU LEU A . n 
A 1 97  ILE 97  301 301 ILE ILE A . n 
A 1 98  THR 98  302 302 THR THR A . n 
A 1 99  LEU 99  303 303 LEU LEU A . n 
A 1 100 GLU 100 304 304 GLU GLU A . n 
A 1 101 GLU 101 305 305 GLU GLU A . n 
A 1 102 GLU 102 306 306 GLU GLU A . n 
A 1 103 MET 103 307 307 MET MET A . n 
A 1 104 THR 104 308 308 THR THR A . n 
A 1 105 LYS 105 309 309 LYS LYS A . n 
A 1 106 TYR 106 310 310 TYR TYR A . n 
A 1 107 LYS 107 311 311 LYS LYS A . n 
A 1 108 PRO 108 312 312 PRO PRO A . n 
A 1 109 GLU 109 313 313 GLU GLU A . n 
A 1 110 SER 110 314 314 SER SER A . n 
A 1 111 GLU 111 315 315 GLU GLU A . n 
A 1 112 GLU 112 316 316 GLU GLU A . n 
A 1 113 LEU 113 317 317 LEU LEU A . n 
A 1 114 THR 114 318 318 THR THR A . n 
A 1 115 ALA 115 319 319 ALA ALA A . n 
A 1 116 GLU 116 320 320 GLU GLU A . n 
A 1 117 ARG 117 321 321 ARG ARG A . n 
A 1 118 ILE 118 322 322 ILE ILE A . n 
A 1 119 THR 119 323 323 THR THR A . n 
A 1 120 GLU 120 324 324 GLU GLU A . n 
A 1 121 PHE 121 325 325 PHE PHE A . n 
A 1 122 CYS 122 326 326 CYS CYS A . n 
A 1 123 HIS 123 327 327 HIS HIS A . n 
A 1 124 ARG 124 328 328 ARG ARG A . n 
A 1 125 PHE 125 329 329 PHE PHE A . n 
A 1 126 LEU 126 330 330 LEU LEU A . n 
A 1 127 GLU 127 331 331 GLU GLU A . n 
A 1 128 GLY 128 332 332 GLY GLY A . n 
A 1 129 LYS 129 333 333 LYS LYS A . n 
A 1 130 ILE 130 334 334 ILE ILE A . n 
A 1 131 LYS 131 335 335 LYS LYS A . n 
A 1 132 PRO 132 336 336 PRO PRO A . n 
A 1 133 HIS 133 337 337 HIS HIS A . n 
A 1 134 LEU 134 338 338 LEU LEU A . n 
A 1 135 MET 135 339 339 MET MET A . n 
A 1 136 SER 136 340 340 SER SER A . n 
A 1 137 GLN 137 341 341 GLN GLN A . n 
A 1 138 GLU 138 342 342 GLU GLU A . n 
A 1 139 LEU 139 343 343 LEU LEU A . n 
A 1 140 PRO 140 344 344 PRO PRO A . n 
A 1 141 GLU 141 345 345 GLU GLU A . n 
A 1 142 ASP 142 346 346 ASP ASP A . n 
A 1 143 TRP 143 347 347 TRP TRP A . n 
A 1 144 ASP 144 348 348 ASP ASP A . n 
A 1 145 LYS 145 349 ?   ?   ?   A . n 
A 1 146 GLN 146 350 ?   ?   ?   A . n 
A 1 147 PRO 147 351 ?   ?   ?   A . n 
# 
loop_
_pdbx_nonpoly_scheme.asym_id 
_pdbx_nonpoly_scheme.entity_id 
_pdbx_nonpoly_scheme.mon_id 
_pdbx_nonpoly_scheme.ndb_seq_num 
_pdbx_nonpoly_scheme.pdb_seq_num 
_pdbx_nonpoly_scheme.auth_seq_num 
_pdbx_nonpoly_scheme.pdb_mon_id 
_pdbx_nonpoly_scheme.auth_mon_id 
_pdbx_nonpoly_scheme.pdb_strand_id 
_pdbx_nonpoly_scheme.pdb_ins_code 
B 2 SO4 1  1   1  SO4 SO4 A . 
C 3 HOH 1  352 1  HOH HOH A . 
C 3 HOH 2  353 2  HOH HOH A . 
C 3 HOH 3  354 3  HOH HOH A . 
C 3 HOH 4  355 4  HOH HOH A . 
C 3 HOH 5  356 5  HOH HOH A . 
C 3 HOH 6  357 6  HOH HOH A . 
C 3 HOH 7  358 7  HOH HOH A . 
C 3 HOH 8  359 8  HOH HOH A . 
C 3 HOH 9  360 9  HOH HOH A . 
C 3 HOH 10 361 10 HOH HOH A . 
C 3 HOH 11 362 11 HOH HOH A . 
C 3 HOH 12 363 12 HOH HOH A . 
C 3 HOH 13 364 13 HOH HOH A . 
C 3 HOH 14 365 14 HOH HOH A . 
C 3 HOH 15 366 15 HOH HOH A . 
C 3 HOH 16 367 16 HOH HOH A . 
C 3 HOH 17 368 17 HOH HOH A . 
C 3 HOH 18 369 18 HOH HOH A . 
C 3 HOH 19 370 19 HOH HOH A . 
C 3 HOH 20 371 20 HOH HOH A . 
C 3 HOH 21 372 21 HOH HOH A . 
C 3 HOH 22 373 22 HOH HOH A . 
C 3 HOH 23 374 23 HOH HOH A . 
C 3 HOH 24 375 24 HOH HOH A . 
C 3 HOH 25 376 25 HOH HOH A . 
C 3 HOH 26 377 26 HOH HOH A . 
C 3 HOH 27 378 27 HOH HOH A . 
C 3 HOH 28 379 28 HOH HOH A . 
C 3 HOH 29 380 29 HOH HOH A . 
C 3 HOH 30 381 30 HOH HOH A . 
C 3 HOH 31 382 31 HOH HOH A . 
C 3 HOH 32 383 32 HOH HOH A . 
C 3 HOH 33 384 33 HOH HOH A . 
C 3 HOH 34 385 34 HOH HOH A . 
C 3 HOH 35 386 35 HOH HOH A . 
C 3 HOH 36 387 36 HOH HOH A . 
C 3 HOH 37 388 37 HOH HOH A . 
C 3 HOH 38 389 38 HOH HOH A . 
C 3 HOH 39 390 39 HOH HOH A . 
C 3 HOH 40 391 40 HOH HOH A . 
C 3 HOH 41 392 41 HOH HOH A . 
C 3 HOH 42 393 42 HOH HOH A . 
C 3 HOH 43 394 43 HOH HOH A . 
C 3 HOH 44 395 44 HOH HOH A . 
C 3 HOH 45 396 45 HOH HOH A . 
# 
loop_
_software.name 
_software.classification 
_software.version 
_software.citation_id 
_software.pdbx_ordinal 
REFMAC   refinement        5.3.0028 ? 1 
HKL-2000 'data collection' .        ? 2 
XDS      'data reduction'  .        ? 3 
XDS      'data scaling'    .        ? 4 
MOLREP   phasing           .        ? 5 
# 
_cell.entry_id           3BJ5 
_cell.length_a           57.370 
_cell.length_b           57.370 
_cell.length_c           68.310 
_cell.angle_alpha        90.00 
_cell.angle_beta         90.00 
_cell.angle_gamma        120.00 
_cell.Z_PDB              6 
_cell.pdbx_unique_axis   ? 
_cell.length_a_esd       ? 
_cell.length_b_esd       ? 
_cell.length_c_esd       ? 
_cell.angle_alpha_esd    ? 
_cell.angle_beta_esd     ? 
_cell.angle_gamma_esd    ? 
# 
_symmetry.entry_id                         3BJ5 
_symmetry.space_group_name_H-M             'P 31 2 1' 
_symmetry.pdbx_full_space_group_name_H-M   ? 
_symmetry.cell_setting                     ? 
_symmetry.Int_Tables_number                152 
_symmetry.space_group_name_Hall            ? 
# 
_exptl.entry_id          3BJ5 
_exptl.method            'X-RAY DIFFRACTION' 
_exptl.crystals_number   1 
# 
_exptl_crystal.id                    1 
_exptl_crystal.density_meas          ? 
_exptl_crystal.density_Matthews      1.88 
_exptl_crystal.density_percent_sol   34.54 
_exptl_crystal.description           ? 
_exptl_crystal.F_000                 ? 
_exptl_crystal.preparation           ? 
# 
_exptl_crystal_grow.crystal_id      1 
_exptl_crystal_grow.method          'VAPOR DIFFUSION, HANGING DROP' 
_exptl_crystal_grow.temp            295.15 
_exptl_crystal_grow.temp_details    ? 
_exptl_crystal_grow.pH              8.5 
_exptl_crystal_grow.pdbx_details    
'2.95M Ammonium sulfate, 0.2M NaCl, 0.1M Tris-HCl pH 8.5, VAPOR DIFFUSION, HANGING DROP, temperature 295.15K' 
_exptl_crystal_grow.pdbx_pH_range   . 
# 
_diffrn.id                     1 
_diffrn.ambient_temp           100 
_diffrn.ambient_temp_details   ? 
_diffrn.crystal_id             1 
# 
_diffrn_detector.diffrn_id              1 
_diffrn_detector.detector               CCD 
_diffrn_detector.type                   'MARMOSAIC 225 mm CCD' 
_diffrn_detector.pdbx_collection_date   2006-11-14 
_diffrn_detector.details                ? 
# 
_diffrn_radiation.diffrn_id                        1 
_diffrn_radiation.wavelength_id                    1 
_diffrn_radiation.pdbx_monochromatic_or_laue_m_l   M 
_diffrn_radiation.monochromator                    'Double crystal Si[111], horizontally focussing' 
_diffrn_radiation.pdbx_diffrn_protocol             'SINGLE WAVELENGTH' 
_diffrn_radiation.pdbx_scattering_type             x-ray 
# 
_diffrn_radiation_wavelength.id           1 
_diffrn_radiation_wavelength.wavelength   0.89997 
_diffrn_radiation_wavelength.wt           1.0 
# 
_diffrn_source.diffrn_id                   1 
_diffrn_source.source                      SYNCHROTRON 
_diffrn_source.type                        'EMBL/DESY, HAMBURG BEAMLINE X12' 
_diffrn_source.pdbx_synchrotron_site       'EMBL/DESY, HAMBURG' 
_diffrn_source.pdbx_synchrotron_beamline   X12 
_diffrn_source.pdbx_wavelength             ? 
_diffrn_source.pdbx_wavelength_list        0.89997 
# 
_reflns.entry_id                     3BJ5 
_reflns.observed_criterion_sigma_F   0 
_reflns.observed_criterion_sigma_I   0 
_reflns.d_resolution_high            2.2 
_reflns.d_resolution_low             49.69 
_reflns.number_all                   6879 
_reflns.number_obs                   6879 
_reflns.percent_possible_obs         99.3 
_reflns.pdbx_Rmerge_I_obs            0.055 
_reflns.pdbx_Rsym_value              ? 
_reflns.pdbx_netI_over_sigmaI        17.84 
_reflns.B_iso_Wilson_estimate        41.042 
_reflns.pdbx_redundancy              4.3 
_reflns.R_free_details               ? 
_reflns.limit_h_max                  ? 
_reflns.limit_h_min                  ? 
_reflns.limit_k_max                  ? 
_reflns.limit_k_min                  ? 
_reflns.limit_l_max                  ? 
_reflns.limit_l_min                  ? 
_reflns.observed_criterion_F_max     ? 
_reflns.observed_criterion_F_min     ? 
_reflns.pdbx_chi_squared             ? 
_reflns.pdbx_scaling_rejects         ? 
_reflns.pdbx_ordinal                 1 
_reflns.pdbx_diffrn_id               1 
# 
_reflns_shell.d_res_high             2.2 
_reflns_shell.d_res_low              2.26 
_reflns_shell.percent_possible_all   99.3 
_reflns_shell.Rmerge_I_obs           0.17 
_reflns_shell.pdbx_Rsym_value        ? 
_reflns_shell.meanI_over_sigI_obs    17.8 
_reflns_shell.pdbx_redundancy        4.3 
_reflns_shell.percent_possible_obs   ? 
_reflns_shell.number_unique_all      849 
_reflns_shell.number_measured_all    ? 
_reflns_shell.number_measured_obs    ? 
_reflns_shell.number_unique_obs      ? 
_reflns_shell.pdbx_chi_squared       ? 
_reflns_shell.pdbx_ordinal           1 
_reflns_shell.pdbx_diffrn_id         1 
# 
_refine.entry_id                                 3BJ5 
_refine.ls_number_reflns_obs                     6533 
_refine.ls_number_reflns_all                     0 
_refine.pdbx_ls_sigma_I                          ? 
_refine.pdbx_ls_sigma_F                          0 
_refine.pdbx_data_cutoff_high_absF               ? 
_refine.pdbx_data_cutoff_low_absF                ? 
_refine.pdbx_data_cutoff_high_rms_absF           ? 
_refine.ls_d_res_low                             18.11 
_refine.ls_d_res_high                            2.20 
_refine.ls_percent_reflns_obs                    99.29 
_refine.ls_R_factor_obs                          0.19683 
_refine.ls_R_factor_all                          ? 
_refine.ls_R_factor_R_work                       0.1938 
_refine.ls_R_factor_R_free                       0.25525 
_refine.ls_R_factor_R_free_error                 ? 
_refine.ls_R_factor_R_free_error_details         ? 
_refine.ls_percent_reflns_R_free                 5.0 
_refine.ls_number_reflns_R_free                  344 
_refine.ls_number_parameters                     ? 
_refine.ls_number_restraints                     ? 
_refine.occupancy_min                            ? 
_refine.occupancy_max                            ? 
_refine.correlation_coeff_Fo_to_Fc               0.949 
_refine.correlation_coeff_Fo_to_Fc_free          0.922 
_refine.B_iso_mean                               37.401 
_refine.aniso_B[1][1]                            -0.18 
_refine.aniso_B[2][2]                            -0.18 
_refine.aniso_B[3][3]                            0.27 
_refine.aniso_B[1][2]                            -0.09 
_refine.aniso_B[1][3]                            0.00 
_refine.aniso_B[2][3]                            0.00 
_refine.solvent_model_details                    'BABINET MODEL WITH MASK' 
_refine.solvent_model_param_ksol                 ? 
_refine.solvent_model_param_bsol                 ? 
_refine.pdbx_solvent_vdw_probe_radii             1.20 
_refine.pdbx_solvent_ion_probe_radii             0.80 
_refine.pdbx_solvent_shrinkage_radii             0.80 
_refine.pdbx_ls_cross_valid_method               THROUGHOUT 
_refine.details                                  'HYDROGENS HAVE BEEN ADDED IN THE RIDING POSITIONS' 
_refine.pdbx_starting_model                      ? 
_refine.pdbx_method_to_determine_struct          'MOLECULAR REPLACEMENT' 
_refine.pdbx_isotropic_thermal_model             ? 
_refine.pdbx_stereochemistry_target_values       'MAXIMUM LIKELIHOOD' 
_refine.pdbx_stereochem_target_val_spec_case     ? 
_refine.pdbx_R_Free_selection_details            RANDOM 
_refine.pdbx_overall_ESU_R                       0.318 
_refine.pdbx_overall_ESU_R_Free                  0.236 
_refine.overall_SU_ML                            0.174 
_refine.overall_SU_B                             13.505 
_refine.ls_redundancy_reflns_obs                 ? 
_refine.B_iso_min                                ? 
_refine.B_iso_max                                ? 
_refine.overall_SU_R_Cruickshank_DPI             ? 
_refine.overall_SU_R_free                        ? 
_refine.ls_wR_factor_R_free                      ? 
_refine.ls_wR_factor_R_work                      ? 
_refine.overall_FOM_free_R_set                   ? 
_refine.overall_FOM_work_R_set                   ? 
_refine.pdbx_refine_id                           'X-RAY DIFFRACTION' 
_refine.pdbx_overall_phase_error                 ? 
_refine.pdbx_TLS_residual_ADP_flag               'LIKELY RESIDUAL' 
_refine.pdbx_diffrn_id                           1 
_refine.pdbx_overall_SU_R_free_Cruickshank_DPI   ? 
_refine.pdbx_overall_SU_R_Blow_DPI               ? 
_refine.pdbx_overall_SU_R_free_Blow_DPI          ? 
# 
_refine_hist.pdbx_refine_id                   'X-RAY DIFFRACTION' 
_refine_hist.cycle_id                         LAST 
_refine_hist.pdbx_number_atoms_protein        1063 
_refine_hist.pdbx_number_atoms_nucleic_acid   0 
_refine_hist.pdbx_number_atoms_ligand         5 
_refine_hist.number_atoms_solvent             45 
_refine_hist.number_atoms_total               1113 
_refine_hist.d_res_high                       2.20 
_refine_hist.d_res_low                        18.11 
# 
loop_
_refine_ls_restr.type 
_refine_ls_restr.dev_ideal 
_refine_ls_restr.dev_ideal_target 
_refine_ls_restr.weight 
_refine_ls_restr.number 
_refine_ls_restr.pdbx_refine_id 
_refine_ls_restr.pdbx_restraint_function 
r_bond_refined_d         0.012  0.022  ? 1091 'X-RAY DIFFRACTION' ? 
r_angle_refined_deg      1.362  1.981  ? 1468 'X-RAY DIFFRACTION' ? 
r_dihedral_angle_1_deg   5.882  5.000  ? 129  'X-RAY DIFFRACTION' ? 
r_dihedral_angle_2_deg   39.457 25.000 ? 52   'X-RAY DIFFRACTION' ? 
r_dihedral_angle_3_deg   19.101 15.000 ? 208  'X-RAY DIFFRACTION' ? 
r_dihedral_angle_4_deg   11.740 15.000 ? 4    'X-RAY DIFFRACTION' ? 
r_chiral_restr           0.087  0.200  ? 160  'X-RAY DIFFRACTION' ? 
r_gen_planes_refined     0.005  0.020  ? 807  'X-RAY DIFFRACTION' ? 
r_nbd_refined            0.221  0.200  ? 474  'X-RAY DIFFRACTION' ? 
r_nbtor_refined          0.310  0.200  ? 722  'X-RAY DIFFRACTION' ? 
r_xyhbond_nbd_refined    0.190  0.200  ? 46   'X-RAY DIFFRACTION' ? 
r_symmetry_vdw_refined   0.233  0.200  ? 36   'X-RAY DIFFRACTION' ? 
r_symmetry_hbond_refined 0.240  0.200  ? 10   'X-RAY DIFFRACTION' ? 
r_mcbond_it              0.754  1.500  ? 674  'X-RAY DIFFRACTION' ? 
r_mcangle_it             1.286  2.000  ? 1053 'X-RAY DIFFRACTION' ? 
r_scbond_it              1.760  3.000  ? 468  'X-RAY DIFFRACTION' ? 
r_scangle_it             2.841  4.500  ? 415  'X-RAY DIFFRACTION' ? 
# 
_refine_ls_shell.pdbx_total_number_of_bins_used   20 
_refine_ls_shell.d_res_high                       2.200 
_refine_ls_shell.d_res_low                        2.257 
_refine_ls_shell.number_reflns_R_work             467 
_refine_ls_shell.R_factor_R_work                  0.195 
_refine_ls_shell.percent_reflns_obs               99.80 
_refine_ls_shell.R_factor_R_free                  0.275 
_refine_ls_shell.R_factor_R_free_error            ? 
_refine_ls_shell.percent_reflns_R_free            ? 
_refine_ls_shell.number_reflns_R_free             24 
_refine_ls_shell.number_reflns_all                ? 
_refine_ls_shell.R_factor_all                     ? 
_refine_ls_shell.number_reflns_obs                ? 
_refine_ls_shell.redundancy_reflns_obs            ? 
_refine_ls_shell.pdbx_refine_id                   'X-RAY DIFFRACTION' 
# 
_struct.entry_id                  3BJ5 
_struct.title                     
;Alternative conformations of the x region of human protein disulphide-isomerase modulate exposure of the substrate binding b' domain
;
_struct.pdbx_model_details        ? 
_struct.pdbx_CASP_flag            ? 
_struct.pdbx_model_type_details   ? 
# 
_struct_keywords.entry_id        3BJ5 
_struct_keywords.pdbx_keywords   ISOMERASE 
_struct_keywords.text            'Thioredoxin fold, Chaperone, Endoplasmic reticulum, Isomerase, Membrane, Redox-active center' 
# 
loop_
_struct_asym.id 
_struct_asym.pdbx_blank_PDB_chainid_flag 
_struct_asym.pdbx_modified 
_struct_asym.entity_id 
_struct_asym.details 
A N N 1 ? 
B N N 2 ? 
C N N 3 ? 
# 
_struct_ref.id                         1 
_struct_ref.db_name                    UNP 
_struct_ref.db_code                    PDIA1_HUMAN 
_struct_ref.pdbx_db_accession          P07237 
_struct_ref.entity_id                  1 
_struct_ref.pdbx_seq_one_letter_code   
;KHNQLPLVIEFTEQTAPKIFGGEIKTHILLFLPKSVSDYDGKLSNFKTAAESFKGKILFIFIDSDHTDNQRILEFFGLKK
EECPAVRLITLEEEMTKYKPESEELTAERITEFCHRFLEGKIKPHLMSQELPEDWDKQP
;
_struct_ref.pdbx_align_begin           230 
_struct_ref.pdbx_db_isoform            ? 
# 
_struct_ref_seq.align_id                      1 
_struct_ref_seq.ref_id                        1 
_struct_ref_seq.pdbx_PDB_id_code              3BJ5 
_struct_ref_seq.pdbx_strand_id                A 
_struct_ref_seq.seq_align_beg                 9 
_struct_ref_seq.pdbx_seq_align_beg_ins_code   ? 
_struct_ref_seq.seq_align_end                 147 
_struct_ref_seq.pdbx_seq_align_end_ins_code   ? 
_struct_ref_seq.pdbx_db_accession             P07237 
_struct_ref_seq.db_align_beg                  230 
_struct_ref_seq.pdbx_db_align_beg_ins_code    ? 
_struct_ref_seq.db_align_end                  368 
_struct_ref_seq.pdbx_db_align_end_ins_code    ? 
_struct_ref_seq.pdbx_auth_seq_align_beg       213 
_struct_ref_seq.pdbx_auth_seq_align_end       351 
# 
loop_
_struct_ref_seq_dif.align_id 
_struct_ref_seq_dif.pdbx_pdb_id_code 
_struct_ref_seq_dif.mon_id 
_struct_ref_seq_dif.pdbx_pdb_strand_id 
_struct_ref_seq_dif.seq_num 
_struct_ref_seq_dif.pdbx_pdb_ins_code 
_struct_ref_seq_dif.pdbx_seq_db_name 
_struct_ref_seq_dif.pdbx_seq_db_accession_code 
_struct_ref_seq_dif.db_mon_id 
_struct_ref_seq_dif.pdbx_seq_db_seq_num 
_struct_ref_seq_dif.details 
_struct_ref_seq_dif.pdbx_auth_seq_num 
_struct_ref_seq_dif.pdbx_ordinal 
1 3BJ5 MET A 1  ? UNP P07237 ?   ?   'initiating methionine' 205 1 
1 3BJ5 HIS A 2  ? UNP P07237 ?   ?   'expression tag'        206 2 
1 3BJ5 HIS A 3  ? UNP P07237 ?   ?   'expression tag'        207 3 
1 3BJ5 HIS A 4  ? UNP P07237 ?   ?   'expression tag'        208 4 
1 3BJ5 HIS A 5  ? UNP P07237 ?   ?   'expression tag'        209 5 
1 3BJ5 HIS A 6  ? UNP P07237 ?   ?   'expression tag'        210 6 
1 3BJ5 HIS A 7  ? UNP P07237 ?   ?   'expression tag'        211 7 
1 3BJ5 MET A 8  ? UNP P07237 ?   ?   'expression tag'        212 8 
1 3BJ5 ALA A 68 ? UNP P07237 ILE 289 'engineered mutation'   272 9 
# 
_pdbx_struct_assembly.id                   1 
_pdbx_struct_assembly.details              author_and_software_defined_assembly 
_pdbx_struct_assembly.method_details       PISA 
_pdbx_struct_assembly.oligomeric_details   monomeric 
_pdbx_struct_assembly.oligomeric_count     1 
# 
_pdbx_struct_assembly_gen.assembly_id       1 
_pdbx_struct_assembly_gen.oper_expression   1 
_pdbx_struct_assembly_gen.asym_id_list      A,B,C 
# 
_pdbx_struct_oper_list.id                   1 
_pdbx_struct_oper_list.type                 'identity operation' 
_pdbx_struct_oper_list.name                 1_555 
_pdbx_struct_oper_list.symmetry_operation   x,y,z 
_pdbx_struct_oper_list.matrix[1][1]         1.0000000000 
_pdbx_struct_oper_list.matrix[1][2]         0.0000000000 
_pdbx_struct_oper_list.matrix[1][3]         0.0000000000 
_pdbx_struct_oper_list.vector[1]            0.0000000000 
_pdbx_struct_oper_list.matrix[2][1]         0.0000000000 
_pdbx_struct_oper_list.matrix[2][2]         1.0000000000 
_pdbx_struct_oper_list.matrix[2][3]         0.0000000000 
_pdbx_struct_oper_list.vector[2]            0.0000000000 
_pdbx_struct_oper_list.matrix[3][1]         0.0000000000 
_pdbx_struct_oper_list.matrix[3][2]         0.0000000000 
_pdbx_struct_oper_list.matrix[3][3]         1.0000000000 
_pdbx_struct_oper_list.vector[3]            0.0000000000 
# 
_struct_biol.id        1 
_struct_biol.details   ? 
# 
loop_
_struct_conf.conf_type_id 
_struct_conf.id 
_struct_conf.pdbx_PDB_helix_id 
_struct_conf.beg_label_comp_id 
_struct_conf.beg_label_asym_id 
_struct_conf.beg_label_seq_id 
_struct_conf.pdbx_beg_PDB_ins_code 
_struct_conf.end_label_comp_id 
_struct_conf.end_label_asym_id 
_struct_conf.end_label_seq_id 
_struct_conf.pdbx_end_PDB_ins_code 
_struct_conf.beg_auth_comp_id 
_struct_conf.beg_auth_asym_id 
_struct_conf.beg_auth_seq_id 
_struct_conf.end_auth_comp_id 
_struct_conf.end_auth_asym_id 
_struct_conf.end_auth_seq_id 
_struct_conf.pdbx_PDB_helix_class 
_struct_conf.details 
_struct_conf.pdbx_PDB_helix_length 
HELX_P HELX_P1 1 THR A 23  ? GLY A 29  ? THR A 227 GLY A 233 1 ? 7  
HELX_P HELX_P2 2 ASP A 46  ? SER A 60  ? ASP A 250 SER A 264 1 ? 15 
HELX_P HELX_P3 3 HIS A 74  ? ASP A 76  ? HIS A 278 ASP A 280 5 ? 3  
HELX_P HELX_P4 4 ASN A 77  ? PHE A 84  ? ASN A 281 PHE A 288 1 ? 8  
HELX_P HELX_P5 5 LYS A 87  ? CYS A 91  ? LYS A 291 CYS A 295 5 ? 5  
HELX_P HELX_P6 6 THR A 114 ? GLU A 127 ? THR A 318 GLU A 331 1 ? 14 
HELX_P HELX_P7 7 PRO A 140 ? ASP A 144 ? PRO A 344 ASP A 348 5 ? 5  
# 
_struct_conf_type.id          HELX_P 
_struct_conf_type.criteria    ? 
_struct_conf_type.reference   ? 
# 
loop_
_struct_mon_prot_cis.pdbx_id 
_struct_mon_prot_cis.label_comp_id 
_struct_mon_prot_cis.label_seq_id 
_struct_mon_prot_cis.label_asym_id 
_struct_mon_prot_cis.label_alt_id 
_struct_mon_prot_cis.pdbx_PDB_ins_code 
_struct_mon_prot_cis.auth_comp_id 
_struct_mon_prot_cis.auth_seq_id 
_struct_mon_prot_cis.auth_asym_id 
_struct_mon_prot_cis.pdbx_label_comp_id_2 
_struct_mon_prot_cis.pdbx_label_seq_id_2 
_struct_mon_prot_cis.pdbx_label_asym_id_2 
_struct_mon_prot_cis.pdbx_PDB_ins_code_2 
_struct_mon_prot_cis.pdbx_auth_comp_id_2 
_struct_mon_prot_cis.pdbx_auth_seq_id_2 
_struct_mon_prot_cis.pdbx_auth_asym_id_2 
_struct_mon_prot_cis.pdbx_PDB_model_num 
_struct_mon_prot_cis.pdbx_omega_angle 
1 CYS 91  A . ? CYS 295 A PRO 92  A ? PRO 296 A 1 7.52 
2 GLU 100 A . ? GLU 304 A GLU 101 A ? GLU 305 A 1 0.23 
# 
_struct_sheet.id               A 
_struct_sheet.type             ? 
_struct_sheet.number_strands   6 
_struct_sheet.details          ? 
# 
loop_
_struct_sheet_order.sheet_id 
_struct_sheet_order.range_id_1 
_struct_sheet_order.range_id_2 
_struct_sheet_order.offset 
_struct_sheet_order.sense 
A 1 2 ? parallel      
A 2 3 ? parallel      
A 3 4 ? anti-parallel 
A 4 5 ? anti-parallel 
A 5 6 ? anti-parallel 
# 
loop_
_struct_sheet_range.sheet_id 
_struct_sheet_range.id 
_struct_sheet_range.beg_label_comp_id 
_struct_sheet_range.beg_label_asym_id 
_struct_sheet_range.beg_label_seq_id 
_struct_sheet_range.pdbx_beg_PDB_ins_code 
_struct_sheet_range.end_label_comp_id 
_struct_sheet_range.end_label_asym_id 
_struct_sheet_range.end_label_seq_id 
_struct_sheet_range.pdbx_end_PDB_ins_code 
_struct_sheet_range.beg_auth_comp_id 
_struct_sheet_range.beg_auth_asym_id 
_struct_sheet_range.beg_auth_seq_id 
_struct_sheet_range.end_auth_comp_id 
_struct_sheet_range.end_auth_asym_id 
_struct_sheet_range.end_auth_seq_id 
A 1 VAL A 16  ? GLU A 18  ? VAL A 220 GLU A 222 
A 2 LEU A 66  ? ILE A 70  ? LEU A 270 ILE A 274 
A 3 THR A 34  ? PHE A 39  ? THR A 238 PHE A 243 
A 4 ALA A 93  ? THR A 98  ? ALA A 297 THR A 302 
A 5 THR A 104 ? TYR A 106 ? THR A 308 TYR A 310 
A 6 PRO A 132 ? LEU A 134 ? PRO A 336 LEU A 338 
# 
loop_
_pdbx_struct_sheet_hbond.sheet_id 
_pdbx_struct_sheet_hbond.range_id_1 
_pdbx_struct_sheet_hbond.range_id_2 
_pdbx_struct_sheet_hbond.range_1_label_atom_id 
_pdbx_struct_sheet_hbond.range_1_label_comp_id 
_pdbx_struct_sheet_hbond.range_1_label_asym_id 
_pdbx_struct_sheet_hbond.range_1_label_seq_id 
_pdbx_struct_sheet_hbond.range_1_PDB_ins_code 
_pdbx_struct_sheet_hbond.range_1_auth_atom_id 
_pdbx_struct_sheet_hbond.range_1_auth_comp_id 
_pdbx_struct_sheet_hbond.range_1_auth_asym_id 
_pdbx_struct_sheet_hbond.range_1_auth_seq_id 
_pdbx_struct_sheet_hbond.range_2_label_atom_id 
_pdbx_struct_sheet_hbond.range_2_label_comp_id 
_pdbx_struct_sheet_hbond.range_2_label_asym_id 
_pdbx_struct_sheet_hbond.range_2_label_seq_id 
_pdbx_struct_sheet_hbond.range_2_PDB_ins_code 
_pdbx_struct_sheet_hbond.range_2_auth_atom_id 
_pdbx_struct_sheet_hbond.range_2_auth_comp_id 
_pdbx_struct_sheet_hbond.range_2_auth_asym_id 
_pdbx_struct_sheet_hbond.range_2_auth_seq_id 
A 1 2 N ILE A 17  ? N ILE A 221 O PHE A 67  ? O PHE A 271 
A 2 3 O LEU A 66  ? O LEU A 270 N ILE A 36  ? N ILE A 240 
A 3 4 N PHE A 39  ? N PHE A 243 O ALA A 93  ? O ALA A 297 
A 4 5 N LEU A 96  ? N LEU A 300 O TYR A 106 ? O TYR A 310 
A 5 6 N LYS A 105 ? N LYS A 309 O HIS A 133 ? O HIS A 337 
# 
_struct_site.id                   AC1 
_struct_site.pdbx_evidence_code   Software 
_struct_site.pdbx_auth_asym_id    A 
_struct_site.pdbx_auth_comp_id    SO4 
_struct_site.pdbx_auth_seq_id     1 
_struct_site.pdbx_auth_ins_code   ? 
_struct_site.pdbx_num_residues    3 
_struct_site.details              'BINDING SITE FOR RESIDUE SO4 A 1' 
# 
loop_
_struct_site_gen.id 
_struct_site_gen.site_id 
_struct_site_gen.pdbx_num_res 
_struct_site_gen.label_comp_id 
_struct_site_gen.label_asym_id 
_struct_site_gen.label_seq_id 
_struct_site_gen.pdbx_auth_ins_code 
_struct_site_gen.auth_comp_id 
_struct_site_gen.auth_asym_id 
_struct_site_gen.auth_seq_id 
_struct_site_gen.label_atom_id 
_struct_site_gen.label_alt_id 
_struct_site_gen.symmetry 
_struct_site_gen.details 
1 AC1 3 MET A 135 ? MET A 339 . ? 1_555 ? 
2 AC1 3 SER A 136 ? SER A 340 . ? 1_555 ? 
3 AC1 3 HOH C .   ? HOH A 359 . ? 1_555 ? 
# 
_pdbx_validate_close_contact.id               1 
_pdbx_validate_close_contact.PDB_model_num    1 
_pdbx_validate_close_contact.auth_atom_id_1   O 
_pdbx_validate_close_contact.auth_asym_id_1   A 
_pdbx_validate_close_contact.auth_comp_id_1   HOH 
_pdbx_validate_close_contact.auth_seq_id_1    379 
_pdbx_validate_close_contact.PDB_ins_code_1   ? 
_pdbx_validate_close_contact.label_alt_id_1   ? 
_pdbx_validate_close_contact.auth_atom_id_2   O 
_pdbx_validate_close_contact.auth_asym_id_2   A 
_pdbx_validate_close_contact.auth_comp_id_2   HOH 
_pdbx_validate_close_contact.auth_seq_id_2    380 
_pdbx_validate_close_contact.PDB_ins_code_2   ? 
_pdbx_validate_close_contact.label_alt_id_2   ? 
_pdbx_validate_close_contact.dist             2.12 
# 
_pdbx_validate_symm_contact.id                1 
_pdbx_validate_symm_contact.PDB_model_num     1 
_pdbx_validate_symm_contact.auth_atom_id_1    O 
_pdbx_validate_symm_contact.auth_asym_id_1    A 
_pdbx_validate_symm_contact.auth_comp_id_1    HOH 
_pdbx_validate_symm_contact.auth_seq_id_1     356 
_pdbx_validate_symm_contact.PDB_ins_code_1    ? 
_pdbx_validate_symm_contact.label_alt_id_1    ? 
_pdbx_validate_symm_contact.site_symmetry_1   1_555 
_pdbx_validate_symm_contact.auth_atom_id_2    O 
_pdbx_validate_symm_contact.auth_asym_id_2    A 
_pdbx_validate_symm_contact.auth_comp_id_2    HOH 
_pdbx_validate_symm_contact.auth_seq_id_2     356 
_pdbx_validate_symm_contact.PDB_ins_code_2    ? 
_pdbx_validate_symm_contact.label_alt_id_2    ? 
_pdbx_validate_symm_contact.site_symmetry_2   4_555 
_pdbx_validate_symm_contact.dist              2.15 
# 
_pdbx_refine_tls.id               1 
_pdbx_refine_tls.details          ? 
_pdbx_refine_tls.method           refined 
_pdbx_refine_tls.origin_x         -0.1690 
_pdbx_refine_tls.origin_y         -0.1726 
_pdbx_refine_tls.origin_z         -0.1443 
_pdbx_refine_tls.T[1][1]          -0.1185 
_pdbx_refine_tls.T[2][2]          -0.1025 
_pdbx_refine_tls.T[3][3]          -0.1295 
_pdbx_refine_tls.T[1][2]          -0.0426 
_pdbx_refine_tls.T[1][3]          0.0235 
_pdbx_refine_tls.T[2][3]          -0.0479 
_pdbx_refine_tls.L[1][1]          5.2020 
_pdbx_refine_tls.L[2][2]          2.3743 
_pdbx_refine_tls.L[3][3]          2.8255 
_pdbx_refine_tls.L[1][2]          -0.5165 
_pdbx_refine_tls.L[1][3]          -0.2030 
_pdbx_refine_tls.L[2][3]          1.6332 
_pdbx_refine_tls.S[1][1]          -0.0432 
_pdbx_refine_tls.S[1][2]          0.0876 
_pdbx_refine_tls.S[1][3]          -0.0820 
_pdbx_refine_tls.S[2][1]          -0.1349 
_pdbx_refine_tls.S[2][2]          0.1520 
_pdbx_refine_tls.S[2][3]          -0.1680 
_pdbx_refine_tls.S[3][1]          -0.2230 
_pdbx_refine_tls.S[3][2]          0.2168 
_pdbx_refine_tls.S[3][3]          -0.1088 
_pdbx_refine_tls.pdbx_refine_id   'X-RAY DIFFRACTION' 
# 
_pdbx_refine_tls_group.id                  1 
_pdbx_refine_tls_group.refine_tls_id       1 
_pdbx_refine_tls_group.beg_auth_asym_id    A 
_pdbx_refine_tls_group.beg_auth_seq_id     219 
_pdbx_refine_tls_group.beg_label_asym_id   A 
_pdbx_refine_tls_group.beg_label_seq_id    15 
_pdbx_refine_tls_group.end_auth_asym_id    A 
_pdbx_refine_tls_group.end_auth_seq_id     348 
_pdbx_refine_tls_group.end_label_asym_id   A 
_pdbx_refine_tls_group.end_label_seq_id    144 
_pdbx_refine_tls_group.selection           ? 
_pdbx_refine_tls_group.pdbx_refine_id      'X-RAY DIFFRACTION' 
_pdbx_refine_tls_group.selection_details   ? 
# 
loop_
_pdbx_unobs_or_zero_occ_residues.id 
_pdbx_unobs_or_zero_occ_residues.PDB_model_num 
_pdbx_unobs_or_zero_occ_residues.polymer_flag 
_pdbx_unobs_or_zero_occ_residues.occupancy_flag 
_pdbx_unobs_or_zero_occ_residues.auth_asym_id 
_pdbx_unobs_or_zero_occ_residues.auth_comp_id 
_pdbx_unobs_or_zero_occ_residues.auth_seq_id 
_pdbx_unobs_or_zero_occ_residues.PDB_ins_code 
_pdbx_unobs_or_zero_occ_residues.label_asym_id 
_pdbx_unobs_or_zero_occ_residues.label_comp_id 
_pdbx_unobs_or_zero_occ_residues.label_seq_id 
1  1 Y 1 A MET 205 ? A MET 1   
2  1 Y 1 A HIS 206 ? A HIS 2   
3  1 Y 1 A HIS 207 ? A HIS 3   
4  1 Y 1 A HIS 208 ? A HIS 4   
5  1 Y 1 A HIS 209 ? A HIS 5   
6  1 Y 1 A HIS 210 ? A HIS 6   
7  1 Y 1 A HIS 211 ? A HIS 7   
8  1 Y 1 A MET 212 ? A MET 8   
9  1 Y 1 A LYS 213 ? A LYS 9   
10 1 Y 1 A HIS 214 ? A HIS 10  
11 1 Y 1 A ASN 215 ? A ASN 11  
12 1 Y 1 A GLN 216 ? A GLN 12  
13 1 Y 1 A LEU 217 ? A LEU 13  
14 1 Y 1 A PRO 218 ? A PRO 14  
15 1 Y 1 A LYS 349 ? A LYS 145 
16 1 Y 1 A GLN 350 ? A GLN 146 
17 1 Y 1 A PRO 351 ? A PRO 147 
# 
loop_
_chem_comp_atom.comp_id 
_chem_comp_atom.atom_id 
_chem_comp_atom.type_symbol 
_chem_comp_atom.pdbx_aromatic_flag 
_chem_comp_atom.pdbx_stereo_config 
_chem_comp_atom.pdbx_ordinal 
ALA N    N N N 1   
ALA CA   C N S 2   
ALA C    C N N 3   
ALA O    O N N 4   
ALA CB   C N N 5   
ALA OXT  O N N 6   
ALA H    H N N 7   
ALA H2   H N N 8   
ALA HA   H N N 9   
ALA HB1  H N N 10  
ALA HB2  H N N 11  
ALA HB3  H N N 12  
ALA HXT  H N N 13  
ARG N    N N N 14  
ARG CA   C N S 15  
ARG C    C N N 16  
ARG O    O N N 17  
ARG CB   C N N 18  
ARG CG   C N N 19  
ARG CD   C N N 20  
ARG NE   N N N 21  
ARG CZ   C N N 22  
ARG NH1  N N N 23  
ARG NH2  N N N 24  
ARG OXT  O N N 25  
ARG H    H N N 26  
ARG H2   H N N 27  
ARG HA   H N N 28  
ARG HB2  H N N 29  
ARG HB3  H N N 30  
ARG HG2  H N N 31  
ARG HG3  H N N 32  
ARG HD2  H N N 33  
ARG HD3  H N N 34  
ARG HE   H N N 35  
ARG HH11 H N N 36  
ARG HH12 H N N 37  
ARG HH21 H N N 38  
ARG HH22 H N N 39  
ARG HXT  H N N 40  
ASN N    N N N 41  
ASN CA   C N S 42  
ASN C    C N N 43  
ASN O    O N N 44  
ASN CB   C N N 45  
ASN CG   C N N 46  
ASN OD1  O N N 47  
ASN ND2  N N N 48  
ASN OXT  O N N 49  
ASN H    H N N 50  
ASN H2   H N N 51  
ASN HA   H N N 52  
ASN HB2  H N N 53  
ASN HB3  H N N 54  
ASN HD21 H N N 55  
ASN HD22 H N N 56  
ASN HXT  H N N 57  
ASP N    N N N 58  
ASP CA   C N S 59  
ASP C    C N N 60  
ASP O    O N N 61  
ASP CB   C N N 62  
ASP CG   C N N 63  
ASP OD1  O N N 64  
ASP OD2  O N N 65  
ASP OXT  O N N 66  
ASP H    H N N 67  
ASP H2   H N N 68  
ASP HA   H N N 69  
ASP HB2  H N N 70  
ASP HB3  H N N 71  
ASP HD2  H N N 72  
ASP HXT  H N N 73  
CYS N    N N N 74  
CYS CA   C N R 75  
CYS C    C N N 76  
CYS O    O N N 77  
CYS CB   C N N 78  
CYS SG   S N N 79  
CYS OXT  O N N 80  
CYS H    H N N 81  
CYS H2   H N N 82  
CYS HA   H N N 83  
CYS HB2  H N N 84  
CYS HB3  H N N 85  
CYS HG   H N N 86  
CYS HXT  H N N 87  
GLN N    N N N 88  
GLN CA   C N S 89  
GLN C    C N N 90  
GLN O    O N N 91  
GLN CB   C N N 92  
GLN CG   C N N 93  
GLN CD   C N N 94  
GLN OE1  O N N 95  
GLN NE2  N N N 96  
GLN OXT  O N N 97  
GLN H    H N N 98  
GLN H2   H N N 99  
GLN HA   H N N 100 
GLN HB2  H N N 101 
GLN HB3  H N N 102 
GLN HG2  H N N 103 
GLN HG3  H N N 104 
GLN HE21 H N N 105 
GLN HE22 H N N 106 
GLN HXT  H N N 107 
GLU N    N N N 108 
GLU CA   C N S 109 
GLU C    C N N 110 
GLU O    O N N 111 
GLU CB   C N N 112 
GLU CG   C N N 113 
GLU CD   C N N 114 
GLU OE1  O N N 115 
GLU OE2  O N N 116 
GLU OXT  O N N 117 
GLU H    H N N 118 
GLU H2   H N N 119 
GLU HA   H N N 120 
GLU HB2  H N N 121 
GLU HB3  H N N 122 
GLU HG2  H N N 123 
GLU HG3  H N N 124 
GLU HE2  H N N 125 
GLU HXT  H N N 126 
GLY N    N N N 127 
GLY CA   C N N 128 
GLY C    C N N 129 
GLY O    O N N 130 
GLY OXT  O N N 131 
GLY H    H N N 132 
GLY H2   H N N 133 
GLY HA2  H N N 134 
GLY HA3  H N N 135 
GLY HXT  H N N 136 
HIS N    N N N 137 
HIS CA   C N S 138 
HIS C    C N N 139 
HIS O    O N N 140 
HIS CB   C N N 141 
HIS CG   C Y N 142 
HIS ND1  N Y N 143 
HIS CD2  C Y N 144 
HIS CE1  C Y N 145 
HIS NE2  N Y N 146 
HIS OXT  O N N 147 
HIS H    H N N 148 
HIS H2   H N N 149 
HIS HA   H N N 150 
HIS HB2  H N N 151 
HIS HB3  H N N 152 
HIS HD1  H N N 153 
HIS HD2  H N N 154 
HIS HE1  H N N 155 
HIS HE2  H N N 156 
HIS HXT  H N N 157 
HOH O    O N N 158 
HOH H1   H N N 159 
HOH H2   H N N 160 
ILE N    N N N 161 
ILE CA   C N S 162 
ILE C    C N N 163 
ILE O    O N N 164 
ILE CB   C N S 165 
ILE CG1  C N N 166 
ILE CG2  C N N 167 
ILE CD1  C N N 168 
ILE OXT  O N N 169 
ILE H    H N N 170 
ILE H2   H N N 171 
ILE HA   H N N 172 
ILE HB   H N N 173 
ILE HG12 H N N 174 
ILE HG13 H N N 175 
ILE HG21 H N N 176 
ILE HG22 H N N 177 
ILE HG23 H N N 178 
ILE HD11 H N N 179 
ILE HD12 H N N 180 
ILE HD13 H N N 181 
ILE HXT  H N N 182 
LEU N    N N N 183 
LEU CA   C N S 184 
LEU C    C N N 185 
LEU O    O N N 186 
LEU CB   C N N 187 
LEU CG   C N N 188 
LEU CD1  C N N 189 
LEU CD2  C N N 190 
LEU OXT  O N N 191 
LEU H    H N N 192 
LEU H2   H N N 193 
LEU HA   H N N 194 
LEU HB2  H N N 195 
LEU HB3  H N N 196 
LEU HG   H N N 197 
LEU HD11 H N N 198 
LEU HD12 H N N 199 
LEU HD13 H N N 200 
LEU HD21 H N N 201 
LEU HD22 H N N 202 
LEU HD23 H N N 203 
LEU HXT  H N N 204 
LYS N    N N N 205 
LYS CA   C N S 206 
LYS C    C N N 207 
LYS O    O N N 208 
LYS CB   C N N 209 
LYS CG   C N N 210 
LYS CD   C N N 211 
LYS CE   C N N 212 
LYS NZ   N N N 213 
LYS OXT  O N N 214 
LYS H    H N N 215 
LYS H2   H N N 216 
LYS HA   H N N 217 
LYS HB2  H N N 218 
LYS HB3  H N N 219 
LYS HG2  H N N 220 
LYS HG3  H N N 221 
LYS HD2  H N N 222 
LYS HD3  H N N 223 
LYS HE2  H N N 224 
LYS HE3  H N N 225 
LYS HZ1  H N N 226 
LYS HZ2  H N N 227 
LYS HZ3  H N N 228 
LYS HXT  H N N 229 
MET N    N N N 230 
MET CA   C N S 231 
MET C    C N N 232 
MET O    O N N 233 
MET CB   C N N 234 
MET CG   C N N 235 
MET SD   S N N 236 
MET CE   C N N 237 
MET OXT  O N N 238 
MET H    H N N 239 
MET H2   H N N 240 
MET HA   H N N 241 
MET HB2  H N N 242 
MET HB3  H N N 243 
MET HG2  H N N 244 
MET HG3  H N N 245 
MET HE1  H N N 246 
MET HE2  H N N 247 
MET HE3  H N N 248 
MET HXT  H N N 249 
PHE N    N N N 250 
PHE CA   C N S 251 
PHE C    C N N 252 
PHE O    O N N 253 
PHE CB   C N N 254 
PHE CG   C Y N 255 
PHE CD1  C Y N 256 
PHE CD2  C Y N 257 
PHE CE1  C Y N 258 
PHE CE2  C Y N 259 
PHE CZ   C Y N 260 
PHE OXT  O N N 261 
PHE H    H N N 262 
PHE H2   H N N 263 
PHE HA   H N N 264 
PHE HB2  H N N 265 
PHE HB3  H N N 266 
PHE HD1  H N N 267 
PHE HD2  H N N 268 
PHE HE1  H N N 269 
PHE HE2  H N N 270 
PHE HZ   H N N 271 
PHE HXT  H N N 272 
PRO N    N N N 273 
PRO CA   C N S 274 
PRO C    C N N 275 
PRO O    O N N 276 
PRO CB   C N N 277 
PRO CG   C N N 278 
PRO CD   C N N 279 
PRO OXT  O N N 280 
PRO H    H N N 281 
PRO HA   H N N 282 
PRO HB2  H N N 283 
PRO HB3  H N N 284 
PRO HG2  H N N 285 
PRO HG3  H N N 286 
PRO HD2  H N N 287 
PRO HD3  H N N 288 
PRO HXT  H N N 289 
SER N    N N N 290 
SER CA   C N S 291 
SER C    C N N 292 
SER O    O N N 293 
SER CB   C N N 294 
SER OG   O N N 295 
SER OXT  O N N 296 
SER H    H N N 297 
SER H2   H N N 298 
SER HA   H N N 299 
SER HB2  H N N 300 
SER HB3  H N N 301 
SER HG   H N N 302 
SER HXT  H N N 303 
SO4 S    S N N 304 
SO4 O1   O N N 305 
SO4 O2   O N N 306 
SO4 O3   O N N 307 
SO4 O4   O N N 308 
THR N    N N N 309 
THR CA   C N S 310 
THR C    C N N 311 
THR O    O N N 312 
THR CB   C N R 313 
THR OG1  O N N 314 
THR CG2  C N N 315 
THR OXT  O N N 316 
THR H    H N N 317 
THR H2   H N N 318 
THR HA   H N N 319 
THR HB   H N N 320 
THR HG1  H N N 321 
THR HG21 H N N 322 
THR HG22 H N N 323 
THR HG23 H N N 324 
THR HXT  H N N 325 
TRP N    N N N 326 
TRP CA   C N S 327 
TRP C    C N N 328 
TRP O    O N N 329 
TRP CB   C N N 330 
TRP CG   C Y N 331 
TRP CD1  C Y N 332 
TRP CD2  C Y N 333 
TRP NE1  N Y N 334 
TRP CE2  C Y N 335 
TRP CE3  C Y N 336 
TRP CZ2  C Y N 337 
TRP CZ3  C Y N 338 
TRP CH2  C Y N 339 
TRP OXT  O N N 340 
TRP H    H N N 341 
TRP H2   H N N 342 
TRP HA   H N N 343 
TRP HB2  H N N 344 
TRP HB3  H N N 345 
TRP HD1  H N N 346 
TRP HE1  H N N 347 
TRP HE3  H N N 348 
TRP HZ2  H N N 349 
TRP HZ3  H N N 350 
TRP HH2  H N N 351 
TRP HXT  H N N 352 
TYR N    N N N 353 
TYR CA   C N S 354 
TYR C    C N N 355 
TYR O    O N N 356 
TYR CB   C N N 357 
TYR CG   C Y N 358 
TYR CD1  C Y N 359 
TYR CD2  C Y N 360 
TYR CE1  C Y N 361 
TYR CE2  C Y N 362 
TYR CZ   C Y N 363 
TYR OH   O N N 364 
TYR OXT  O N N 365 
TYR H    H N N 366 
TYR H2   H N N 367 
TYR HA   H N N 368 
TYR HB2  H N N 369 
TYR HB3  H N N 370 
TYR HD1  H N N 371 
TYR HD2  H N N 372 
TYR HE1  H N N 373 
TYR HE2  H N N 374 
TYR HH   H N N 375 
TYR HXT  H N N 376 
VAL N    N N N 377 
VAL CA   C N S 378 
VAL C    C N N 379 
VAL O    O N N 380 
VAL CB   C N N 381 
VAL CG1  C N N 382 
VAL CG2  C N N 383 
VAL OXT  O N N 384 
VAL H    H N N 385 
VAL H2   H N N 386 
VAL HA   H N N 387 
VAL HB   H N N 388 
VAL HG11 H N N 389 
VAL HG12 H N N 390 
VAL HG13 H N N 391 
VAL HG21 H N N 392 
VAL HG22 H N N 393 
VAL HG23 H N N 394 
VAL HXT  H N N 395 
# 
loop_
_chem_comp_bond.comp_id 
_chem_comp_bond.atom_id_1 
_chem_comp_bond.atom_id_2 
_chem_comp_bond.value_order 
_chem_comp_bond.pdbx_aromatic_flag 
_chem_comp_bond.pdbx_stereo_config 
_chem_comp_bond.pdbx_ordinal 
ALA N   CA   sing N N 1   
ALA N   H    sing N N 2   
ALA N   H2   sing N N 3   
ALA CA  C    sing N N 4   
ALA CA  CB   sing N N 5   
ALA CA  HA   sing N N 6   
ALA C   O    doub N N 7   
ALA C   OXT  sing N N 8   
ALA CB  HB1  sing N N 9   
ALA CB  HB2  sing N N 10  
ALA CB  HB3  sing N N 11  
ALA OXT HXT  sing N N 12  
ARG N   CA   sing N N 13  
ARG N   H    sing N N 14  
ARG N   H2   sing N N 15  
ARG CA  C    sing N N 16  
ARG CA  CB   sing N N 17  
ARG CA  HA   sing N N 18  
ARG C   O    doub N N 19  
ARG C   OXT  sing N N 20  
ARG CB  CG   sing N N 21  
ARG CB  HB2  sing N N 22  
ARG CB  HB3  sing N N 23  
ARG CG  CD   sing N N 24  
ARG CG  HG2  sing N N 25  
ARG CG  HG3  sing N N 26  
ARG CD  NE   sing N N 27  
ARG CD  HD2  sing N N 28  
ARG CD  HD3  sing N N 29  
ARG NE  CZ   sing N N 30  
ARG NE  HE   sing N N 31  
ARG CZ  NH1  sing N N 32  
ARG CZ  NH2  doub N N 33  
ARG NH1 HH11 sing N N 34  
ARG NH1 HH12 sing N N 35  
ARG NH2 HH21 sing N N 36  
ARG NH2 HH22 sing N N 37  
ARG OXT HXT  sing N N 38  
ASN N   CA   sing N N 39  
ASN N   H    sing N N 40  
ASN N   H2   sing N N 41  
ASN CA  C    sing N N 42  
ASN CA  CB   sing N N 43  
ASN CA  HA   sing N N 44  
ASN C   O    doub N N 45  
ASN C   OXT  sing N N 46  
ASN CB  CG   sing N N 47  
ASN CB  HB2  sing N N 48  
ASN CB  HB3  sing N N 49  
ASN CG  OD1  doub N N 50  
ASN CG  ND2  sing N N 51  
ASN ND2 HD21 sing N N 52  
ASN ND2 HD22 sing N N 53  
ASN OXT HXT  sing N N 54  
ASP N   CA   sing N N 55  
ASP N   H    sing N N 56  
ASP N   H2   sing N N 57  
ASP CA  C    sing N N 58  
ASP CA  CB   sing N N 59  
ASP CA  HA   sing N N 60  
ASP C   O    doub N N 61  
ASP C   OXT  sing N N 62  
ASP CB  CG   sing N N 63  
ASP CB  HB2  sing N N 64  
ASP CB  HB3  sing N N 65  
ASP CG  OD1  doub N N 66  
ASP CG  OD2  sing N N 67  
ASP OD2 HD2  sing N N 68  
ASP OXT HXT  sing N N 69  
CYS N   CA   sing N N 70  
CYS N   H    sing N N 71  
CYS N   H2   sing N N 72  
CYS CA  C    sing N N 73  
CYS CA  CB   sing N N 74  
CYS CA  HA   sing N N 75  
CYS C   O    doub N N 76  
CYS C   OXT  sing N N 77  
CYS CB  SG   sing N N 78  
CYS CB  HB2  sing N N 79  
CYS CB  HB3  sing N N 80  
CYS SG  HG   sing N N 81  
CYS OXT HXT  sing N N 82  
GLN N   CA   sing N N 83  
GLN N   H    sing N N 84  
GLN N   H2   sing N N 85  
GLN CA  C    sing N N 86  
GLN CA  CB   sing N N 87  
GLN CA  HA   sing N N 88  
GLN C   O    doub N N 89  
GLN C   OXT  sing N N 90  
GLN CB  CG   sing N N 91  
GLN CB  HB2  sing N N 92  
GLN CB  HB3  sing N N 93  
GLN CG  CD   sing N N 94  
GLN CG  HG2  sing N N 95  
GLN CG  HG3  sing N N 96  
GLN CD  OE1  doub N N 97  
GLN CD  NE2  sing N N 98  
GLN NE2 HE21 sing N N 99  
GLN NE2 HE22 sing N N 100 
GLN OXT HXT  sing N N 101 
GLU N   CA   sing N N 102 
GLU N   H    sing N N 103 
GLU N   H2   sing N N 104 
GLU CA  C    sing N N 105 
GLU CA  CB   sing N N 106 
GLU CA  HA   sing N N 107 
GLU C   O    doub N N 108 
GLU C   OXT  sing N N 109 
GLU CB  CG   sing N N 110 
GLU CB  HB2  sing N N 111 
GLU CB  HB3  sing N N 112 
GLU CG  CD   sing N N 113 
GLU CG  HG2  sing N N 114 
GLU CG  HG3  sing N N 115 
GLU CD  OE1  doub N N 116 
GLU CD  OE2  sing N N 117 
GLU OE2 HE2  sing N N 118 
GLU OXT HXT  sing N N 119 
GLY N   CA   sing N N 120 
GLY N   H    sing N N 121 
GLY N   H2   sing N N 122 
GLY CA  C    sing N N 123 
GLY CA  HA2  sing N N 124 
GLY CA  HA3  sing N N 125 
GLY C   O    doub N N 126 
GLY C   OXT  sing N N 127 
GLY OXT HXT  sing N N 128 
HIS N   CA   sing N N 129 
HIS N   H    sing N N 130 
HIS N   H2   sing N N 131 
HIS CA  C    sing N N 132 
HIS CA  CB   sing N N 133 
HIS CA  HA   sing N N 134 
HIS C   O    doub N N 135 
HIS C   OXT  sing N N 136 
HIS CB  CG   sing N N 137 
HIS CB  HB2  sing N N 138 
HIS CB  HB3  sing N N 139 
HIS CG  ND1  sing Y N 140 
HIS CG  CD2  doub Y N 141 
HIS ND1 CE1  doub Y N 142 
HIS ND1 HD1  sing N N 143 
HIS CD2 NE2  sing Y N 144 
HIS CD2 HD2  sing N N 145 
HIS CE1 NE2  sing Y N 146 
HIS CE1 HE1  sing N N 147 
HIS NE2 HE2  sing N N 148 
HIS OXT HXT  sing N N 149 
HOH O   H1   sing N N 150 
HOH O   H2   sing N N 151 
ILE N   CA   sing N N 152 
ILE N   H    sing N N 153 
ILE N   H2   sing N N 154 
ILE CA  C    sing N N 155 
ILE CA  CB   sing N N 156 
ILE CA  HA   sing N N 157 
ILE C   O    doub N N 158 
ILE C   OXT  sing N N 159 
ILE CB  CG1  sing N N 160 
ILE CB  CG2  sing N N 161 
ILE CB  HB   sing N N 162 
ILE CG1 CD1  sing N N 163 
ILE CG1 HG12 sing N N 164 
ILE CG1 HG13 sing N N 165 
ILE CG2 HG21 sing N N 166 
ILE CG2 HG22 sing N N 167 
ILE CG2 HG23 sing N N 168 
ILE CD1 HD11 sing N N 169 
ILE CD1 HD12 sing N N 170 
ILE CD1 HD13 sing N N 171 
ILE OXT HXT  sing N N 172 
LEU N   CA   sing N N 173 
LEU N   H    sing N N 174 
LEU N   H2   sing N N 175 
LEU CA  C    sing N N 176 
LEU CA  CB   sing N N 177 
LEU CA  HA   sing N N 178 
LEU C   O    doub N N 179 
LEU C   OXT  sing N N 180 
LEU CB  CG   sing N N 181 
LEU CB  HB2  sing N N 182 
LEU CB  HB3  sing N N 183 
LEU CG  CD1  sing N N 184 
LEU CG  CD2  sing N N 185 
LEU CG  HG   sing N N 186 
LEU CD1 HD11 sing N N 187 
LEU CD1 HD12 sing N N 188 
LEU CD1 HD13 sing N N 189 
LEU CD2 HD21 sing N N 190 
LEU CD2 HD22 sing N N 191 
LEU CD2 HD23 sing N N 192 
LEU OXT HXT  sing N N 193 
LYS N   CA   sing N N 194 
LYS N   H    sing N N 195 
LYS N   H2   sing N N 196 
LYS CA  C    sing N N 197 
LYS CA  CB   sing N N 198 
LYS CA  HA   sing N N 199 
LYS C   O    doub N N 200 
LYS C   OXT  sing N N 201 
LYS CB  CG   sing N N 202 
LYS CB  HB2  sing N N 203 
LYS CB  HB3  sing N N 204 
LYS CG  CD   sing N N 205 
LYS CG  HG2  sing N N 206 
LYS CG  HG3  sing N N 207 
LYS CD  CE   sing N N 208 
LYS CD  HD2  sing N N 209 
LYS CD  HD3  sing N N 210 
LYS CE  NZ   sing N N 211 
LYS CE  HE2  sing N N 212 
LYS CE  HE3  sing N N 213 
LYS NZ  HZ1  sing N N 214 
LYS NZ  HZ2  sing N N 215 
LYS NZ  HZ3  sing N N 216 
LYS OXT HXT  sing N N 217 
MET N   CA   sing N N 218 
MET N   H    sing N N 219 
MET N   H2   sing N N 220 
MET CA  C    sing N N 221 
MET CA  CB   sing N N 222 
MET CA  HA   sing N N 223 
MET C   O    doub N N 224 
MET C   OXT  sing N N 225 
MET CB  CG   sing N N 226 
MET CB  HB2  sing N N 227 
MET CB  HB3  sing N N 228 
MET CG  SD   sing N N 229 
MET CG  HG2  sing N N 230 
MET CG  HG3  sing N N 231 
MET SD  CE   sing N N 232 
MET CE  HE1  sing N N 233 
MET CE  HE2  sing N N 234 
MET CE  HE3  sing N N 235 
MET OXT HXT  sing N N 236 
PHE N   CA   sing N N 237 
PHE N   H    sing N N 238 
PHE N   H2   sing N N 239 
PHE CA  C    sing N N 240 
PHE CA  CB   sing N N 241 
PHE CA  HA   sing N N 242 
PHE C   O    doub N N 243 
PHE C   OXT  sing N N 244 
PHE CB  CG   sing N N 245 
PHE CB  HB2  sing N N 246 
PHE CB  HB3  sing N N 247 
PHE CG  CD1  doub Y N 248 
PHE CG  CD2  sing Y N 249 
PHE CD1 CE1  sing Y N 250 
PHE CD1 HD1  sing N N 251 
PHE CD2 CE2  doub Y N 252 
PHE CD2 HD2  sing N N 253 
PHE CE1 CZ   doub Y N 254 
PHE CE1 HE1  sing N N 255 
PHE CE2 CZ   sing Y N 256 
PHE CE2 HE2  sing N N 257 
PHE CZ  HZ   sing N N 258 
PHE OXT HXT  sing N N 259 
PRO N   CA   sing N N 260 
PRO N   CD   sing N N 261 
PRO N   H    sing N N 262 
PRO CA  C    sing N N 263 
PRO CA  CB   sing N N 264 
PRO CA  HA   sing N N 265 
PRO C   O    doub N N 266 
PRO C   OXT  sing N N 267 
PRO CB  CG   sing N N 268 
PRO CB  HB2  sing N N 269 
PRO CB  HB3  sing N N 270 
PRO CG  CD   sing N N 271 
PRO CG  HG2  sing N N 272 
PRO CG  HG3  sing N N 273 
PRO CD  HD2  sing N N 274 
PRO CD  HD3  sing N N 275 
PRO OXT HXT  sing N N 276 
SER N   CA   sing N N 277 
SER N   H    sing N N 278 
SER N   H2   sing N N 279 
SER CA  C    sing N N 280 
SER CA  CB   sing N N 281 
SER CA  HA   sing N N 282 
SER C   O    doub N N 283 
SER C   OXT  sing N N 284 
SER CB  OG   sing N N 285 
SER CB  HB2  sing N N 286 
SER CB  HB3  sing N N 287 
SER OG  HG   sing N N 288 
SER OXT HXT  sing N N 289 
SO4 S   O1   doub N N 290 
SO4 S   O2   doub N N 291 
SO4 S   O3   sing N N 292 
SO4 S   O4   sing N N 293 
THR N   CA   sing N N 294 
THR N   H    sing N N 295 
THR N   H2   sing N N 296 
THR CA  C    sing N N 297 
THR CA  CB   sing N N 298 
THR CA  HA   sing N N 299 
THR C   O    doub N N 300 
THR C   OXT  sing N N 301 
THR CB  OG1  sing N N 302 
THR CB  CG2  sing N N 303 
THR CB  HB   sing N N 304 
THR OG1 HG1  sing N N 305 
THR CG2 HG21 sing N N 306 
THR CG2 HG22 sing N N 307 
THR CG2 HG23 sing N N 308 
THR OXT HXT  sing N N 309 
TRP N   CA   sing N N 310 
TRP N   H    sing N N 311 
TRP N   H2   sing N N 312 
TRP CA  C    sing N N 313 
TRP CA  CB   sing N N 314 
TRP CA  HA   sing N N 315 
TRP C   O    doub N N 316 
TRP C   OXT  sing N N 317 
TRP CB  CG   sing N N 318 
TRP CB  HB2  sing N N 319 
TRP CB  HB3  sing N N 320 
TRP CG  CD1  doub Y N 321 
TRP CG  CD2  sing Y N 322 
TRP CD1 NE1  sing Y N 323 
TRP CD1 HD1  sing N N 324 
TRP CD2 CE2  doub Y N 325 
TRP CD2 CE3  sing Y N 326 
TRP NE1 CE2  sing Y N 327 
TRP NE1 HE1  sing N N 328 
TRP CE2 CZ2  sing Y N 329 
TRP CE3 CZ3  doub Y N 330 
TRP CE3 HE3  sing N N 331 
TRP CZ2 CH2  doub Y N 332 
TRP CZ2 HZ2  sing N N 333 
TRP CZ3 CH2  sing Y N 334 
TRP CZ3 HZ3  sing N N 335 
TRP CH2 HH2  sing N N 336 
TRP OXT HXT  sing N N 337 
TYR N   CA   sing N N 338 
TYR N   H    sing N N 339 
TYR N   H2   sing N N 340 
TYR CA  C    sing N N 341 
TYR CA  CB   sing N N 342 
TYR CA  HA   sing N N 343 
TYR C   O    doub N N 344 
TYR C   OXT  sing N N 345 
TYR CB  CG   sing N N 346 
TYR CB  HB2  sing N N 347 
TYR CB  HB3  sing N N 348 
TYR CG  CD1  doub Y N 349 
TYR CG  CD2  sing Y N 350 
TYR CD1 CE1  sing Y N 351 
TYR CD1 HD1  sing N N 352 
TYR CD2 CE2  doub Y N 353 
TYR CD2 HD2  sing N N 354 
TYR CE1 CZ   doub Y N 355 
TYR CE1 HE1  sing N N 356 
TYR CE2 CZ   sing Y N 357 
TYR CE2 HE2  sing N N 358 
TYR CZ  OH   sing N N 359 
TYR OH  HH   sing N N 360 
TYR OXT HXT  sing N N 361 
VAL N   CA   sing N N 362 
VAL N   H    sing N N 363 
VAL N   H2   sing N N 364 
VAL CA  C    sing N N 365 
VAL CA  CB   sing N N 366 
VAL CA  HA   sing N N 367 
VAL C   O    doub N N 368 
VAL C   OXT  sing N N 369 
VAL CB  CG1  sing N N 370 
VAL CB  CG2  sing N N 371 
VAL CB  HB   sing N N 372 
VAL CG1 HG11 sing N N 373 
VAL CG1 HG12 sing N N 374 
VAL CG1 HG13 sing N N 375 
VAL CG2 HG21 sing N N 376 
VAL CG2 HG22 sing N N 377 
VAL CG2 HG23 sing N N 378 
VAL OXT HXT  sing N N 379 
# 
_atom_sites.entry_id                    3BJ5 
_atom_sites.fract_transf_matrix[1][1]   -0.00268771 
_atom_sites.fract_transf_matrix[1][2]   -0.01994539 
_atom_sites.fract_transf_matrix[1][3]   0.00028522 
_atom_sites.fract_transf_matrix[2][1]   -0.01835259 
_atom_sites.fract_transf_matrix[2][2]   -0.00763745 
_atom_sites.fract_transf_matrix[2][3]   0.00315405 
_atom_sites.fract_transf_matrix[3][1]   -0.00253406 
_atom_sites.fract_transf_matrix[3][2]   0.00013531 
_atom_sites.fract_transf_matrix[3][3]   -0.01441737 
_atom_sites.fract_transf_vector[1]      0.355129 
_atom_sites.fract_transf_vector[2]      0.069961 
_atom_sites.fract_transf_vector[3]      0.080767 
# 
loop_
_atom_type.symbol 
C 
N 
O 
S 
# 
loop_
_atom_site.group_PDB 
_atom_site.id 
_atom_site.type_symbol 
_atom_site.label_atom_id 
_atom_site.label_alt_id 
_atom_site.label_comp_id 
_atom_site.label_asym_id 
_atom_site.label_entity_id 
_atom_site.label_seq_id 
_atom_site.pdbx_PDB_ins_code 
_atom_site.Cartn_x 
_atom_site.Cartn_y 
_atom_site.Cartn_z 
_atom_site.occupancy 
_atom_site.B_iso_or_equiv 
_atom_site.pdbx_formal_charge 
_atom_site.auth_seq_id 
_atom_site.auth_comp_id 
_atom_site.auth_asym_id 
_atom_site.auth_atom_id 
_atom_site.pdbx_PDB_model_num 
ATOM   1    N N   . LEU A 1 15  ? 3.037   13.382  1.400   1.00 44.89 ? 219 LEU A N   1 
ATOM   2    C CA  . LEU A 1 15  ? 1.598   13.165  1.768   1.00 44.02 ? 219 LEU A CA  1 
ATOM   3    C C   . LEU A 1 15  ? 1.232   11.687  1.725   1.00 43.13 ? 219 LEU A C   1 
ATOM   4    O O   . LEU A 1 15  ? 1.863   10.869  1.045   1.00 43.37 ? 219 LEU A O   1 
ATOM   5    C CB  . LEU A 1 15  ? 0.652   13.956  0.847   1.00 44.38 ? 219 LEU A CB  1 
ATOM   6    C CG  . LEU A 1 15  ? -0.751  14.340  1.361   1.00 45.19 ? 219 LEU A CG  1 
ATOM   7    C CD1 . LEU A 1 15  ? -0.728  15.706  2.102   1.00 46.85 ? 219 LEU A CD1 1 
ATOM   8    C CD2 . LEU A 1 15  ? -1.790  14.367  0.225   1.00 44.36 ? 219 LEU A CD2 1 
ATOM   9    N N   . VAL A 1 16  ? 0.195   11.360  2.473   1.00 41.69 ? 220 VAL A N   1 
ATOM   10   C CA  . VAL A 1 16  ? -0.389  10.041  2.480   1.00 40.36 ? 220 VAL A CA  1 
ATOM   11   C C   . VAL A 1 16  ? -1.862  10.229  2.126   1.00 39.32 ? 220 VAL A C   1 
ATOM   12   O O   . VAL A 1 16  ? -2.543  11.049  2.746   1.00 39.82 ? 220 VAL A O   1 
ATOM   13   C CB  . VAL A 1 16  ? -0.207  9.414   3.882   1.00 40.23 ? 220 VAL A CB  1 
ATOM   14   C CG1 . VAL A 1 16  ? -1.044  8.172   4.040   1.00 41.01 ? 220 VAL A CG1 1 
ATOM   15   C CG2 . VAL A 1 16  ? 1.297   9.116   4.137   1.00 39.34 ? 220 VAL A CG2 1 
ATOM   16   N N   . ILE A 1 17  ? -2.349  9.516   1.117   1.00 37.48 ? 221 ILE A N   1 
ATOM   17   C CA  . ILE A 1 17  ? -3.776  9.590   0.776   1.00 36.18 ? 221 ILE A CA  1 
ATOM   18   C C   . ILE A 1 17  ? -4.530  8.318   1.117   1.00 34.10 ? 221 ILE A C   1 
ATOM   19   O O   . ILE A 1 17  ? -3.951  7.244   1.123   1.00 33.53 ? 221 ILE A O   1 
ATOM   20   C CB  . ILE A 1 17  ? -4.039  9.986   -0.694  1.00 35.90 ? 221 ILE A CB  1 
ATOM   21   C CG1 . ILE A 1 17  ? -3.498  8.931   -1.662  1.00 37.41 ? 221 ILE A CG1 1 
ATOM   22   C CG2 . ILE A 1 17  ? -3.450  11.380  -0.967  1.00 38.76 ? 221 ILE A CG2 1 
ATOM   23   C CD1 . ILE A 1 17  ? -2.047  9.130   -2.072  1.00 42.32 ? 221 ILE A CD1 1 
ATOM   24   N N   . GLU A 1 18  ? -5.820  8.459   1.396   1.00 32.41 ? 222 GLU A N   1 
ATOM   25   C CA  . GLU A 1 18  ? -6.665  7.310   1.658   1.00 31.56 ? 222 GLU A CA  1 
ATOM   26   C C   . GLU A 1 18  ? -7.098  6.691   0.342   1.00 30.94 ? 222 GLU A C   1 
ATOM   27   O O   . GLU A 1 18  ? -7.611  7.383   -0.556  1.00 30.79 ? 222 GLU A O   1 
ATOM   28   C CB  . GLU A 1 18  ? -7.882  7.655   2.511   1.00 30.89 ? 222 GLU A CB  1 
ATOM   29   C CG  . GLU A 1 18  ? -8.716  6.391   2.736   1.00 32.07 ? 222 GLU A CG  1 
ATOM   30   C CD  . GLU A 1 18  ? -9.763  6.476   3.837   1.00 33.19 ? 222 GLU A CD  1 
ATOM   31   O OE1 . GLU A 1 18  ? -10.089 7.581   4.319   1.00 36.71 ? 222 GLU A OE1 1 
ATOM   32   O OE2 . GLU A 1 18  ? -10.274 5.410   4.215   1.00 33.10 ? 222 GLU A OE2 1 
ATOM   33   N N   . PHE A 1 19  ? -6.843  5.397   0.218   1.00 30.35 ? 223 PHE A N   1 
ATOM   34   C CA  . PHE A 1 19  ? -7.240  4.626   -0.959  1.00 30.56 ? 223 PHE A CA  1 
ATOM   35   C C   . PHE A 1 19  ? -8.629  4.009   -0.675  1.00 30.29 ? 223 PHE A C   1 
ATOM   36   O O   . PHE A 1 19  ? -8.766  3.196   0.234   1.00 30.00 ? 223 PHE A O   1 
ATOM   37   C CB  . PHE A 1 19  ? -6.142  3.581   -1.241  1.00 30.91 ? 223 PHE A CB  1 
ATOM   38   C CG  . PHE A 1 19  ? -6.419  2.621   -2.388  1.00 31.57 ? 223 PHE A CG  1 
ATOM   39   C CD1 . PHE A 1 19  ? -5.436  1.740   -2.784  1.00 34.68 ? 223 PHE A CD1 1 
ATOM   40   C CD2 . PHE A 1 19  ? -7.628  2.570   -3.043  1.00 30.44 ? 223 PHE A CD2 1 
ATOM   41   C CE1 . PHE A 1 19  ? -5.670  0.818   -3.826  1.00 36.14 ? 223 PHE A CE1 1 
ATOM   42   C CE2 . PHE A 1 19  ? -7.843  1.653   -4.081  1.00 30.13 ? 223 PHE A CE2 1 
ATOM   43   C CZ  . PHE A 1 19  ? -6.886  0.801   -4.464  1.00 31.11 ? 223 PHE A CZ  1 
ATOM   44   N N   . THR A 1 20  ? -9.642  4.468   -1.423  1.00 30.07 ? 224 THR A N   1 
ATOM   45   C CA  . THR A 1 20  ? -10.998 3.893   -1.457  1.00 30.32 ? 224 THR A CA  1 
ATOM   46   C C   . THR A 1 20  ? -11.382 3.692   -2.936  1.00 30.76 ? 224 THR A C   1 
ATOM   47   O O   . THR A 1 20  ? -10.628 4.085   -3.828  1.00 31.38 ? 224 THR A O   1 
ATOM   48   C CB  . THR A 1 20  ? -12.080 4.844   -0.825  1.00 30.41 ? 224 THR A CB  1 
ATOM   49   O OG1 . THR A 1 20  ? -12.257 5.976   -1.679  1.00 30.30 ? 224 THR A OG1 1 
ATOM   50   C CG2 . THR A 1 20  ? -11.696 5.339   0.576   1.00 29.55 ? 224 THR A CG2 1 
ATOM   51   N N   . GLU A 1 21  ? -12.552 3.108   -3.206  1.00 30.28 ? 225 GLU A N   1 
ATOM   52   C CA  . GLU A 1 21  ? -13.025 2.982   -4.581  1.00 30.25 ? 225 GLU A CA  1 
ATOM   53   C C   . GLU A 1 21  ? -13.226 4.344   -5.208  1.00 31.08 ? 225 GLU A C   1 
ATOM   54   O O   . GLU A 1 21  ? -13.007 4.516   -6.412  1.00 31.23 ? 225 GLU A O   1 
ATOM   55   C CB  . GLU A 1 21  ? -14.317 2.155   -4.665  1.00 30.51 ? 225 GLU A CB  1 
ATOM   56   C CG  . GLU A 1 21  ? -14.154 0.653   -4.322  1.00 29.23 ? 225 GLU A CG  1 
ATOM   57   C CD  . GLU A 1 21  ? -13.622 -0.189  -5.487  1.00 30.76 ? 225 GLU A CD  1 
ATOM   58   O OE1 . GLU A 1 21  ? -13.466 0.332   -6.612  1.00 30.15 ? 225 GLU A OE1 1 
ATOM   59   O OE2 . GLU A 1 21  ? -13.350 -1.386  -5.275  1.00 30.45 ? 225 GLU A OE2 1 
ATOM   60   N N   . GLN A 1 22  ? -13.635 5.317   -4.396  1.00 31.44 ? 226 GLN A N   1 
ATOM   61   C CA  . GLN A 1 22  ? -13.840 6.668   -4.881  1.00 32.87 ? 226 GLN A CA  1 
ATOM   62   C C   . GLN A 1 22  ? -12.515 7.300   -5.277  1.00 32.72 ? 226 GLN A C   1 
ATOM   63   O O   . GLN A 1 22  ? -12.486 8.061   -6.221  1.00 33.31 ? 226 GLN A O   1 
ATOM   64   C CB  . GLN A 1 22  ? -14.584 7.548   -3.848  1.00 32.73 ? 226 GLN A CB  1 
ATOM   65   C CG  . GLN A 1 22  ? -15.952 6.957   -3.401  1.00 35.10 ? 226 GLN A CG  1 
ATOM   66   C CD  . GLN A 1 22  ? -16.833 7.904   -2.523  1.00 33.61 ? 226 GLN A CD  1 
ATOM   67   O OE1 . GLN A 1 22  ? -16.544 9.095   -2.335  1.00 32.31 ? 226 GLN A OE1 1 
ATOM   68   N NE2 . GLN A 1 22  ? -17.913 7.340   -1.988  1.00 33.81 ? 226 GLN A NE2 1 
ATOM   69   N N   . THR A 1 23  ? -11.427 6.987   -4.569  1.00 33.37 ? 227 THR A N   1 
ATOM   70   C CA  . THR A 1 23  ? -10.114 7.612   -4.868  1.00 34.07 ? 227 THR A CA  1 
ATOM   71   C C   . THR A 1 23  ? -9.150  6.771   -5.713  1.00 35.10 ? 227 THR A C   1 
ATOM   72   O O   . THR A 1 23  ? -8.080  7.243   -6.083  1.00 34.94 ? 227 THR A O   1 
ATOM   73   C CB  . THR A 1 23  ? -9.350  8.080   -3.585  1.00 33.89 ? 227 THR A CB  1 
ATOM   74   O OG1 . THR A 1 23  ? -9.077  6.962   -2.730  1.00 31.71 ? 227 THR A OG1 1 
ATOM   75   C CG2 . THR A 1 23  ? -10.142 9.146   -2.835  1.00 33.18 ? 227 THR A CG2 1 
ATOM   76   N N   . ALA A 1 24  ? -9.513  5.522   -5.984  1.00 36.44 ? 228 ALA A N   1 
ATOM   77   C CA  . ALA A 1 24  ? -8.653  4.604   -6.762  1.00 37.87 ? 228 ALA A CA  1 
ATOM   78   C C   . ALA A 1 24  ? -8.184  5.169   -8.125  1.00 38.87 ? 228 ALA A C   1 
ATOM   79   O O   . ALA A 1 24  ? -7.001  5.045   -8.450  1.00 38.50 ? 228 ALA A O   1 
ATOM   80   C CB  . ALA A 1 24  ? -9.343  3.244   -6.951  1.00 37.39 ? 228 ALA A CB  1 
ATOM   81   N N   . PRO A 1 25  ? -9.105  5.775   -8.920  1.00 40.09 ? 229 PRO A N   1 
ATOM   82   C CA  . PRO A 1 25  ? -8.690  6.381   -10.196 1.00 41.57 ? 229 PRO A CA  1 
ATOM   83   C C   . PRO A 1 25  ? -7.619  7.442   -9.987  1.00 42.71 ? 229 PRO A C   1 
ATOM   84   O O   . PRO A 1 25  ? -6.579  7.405   -10.633 1.00 43.11 ? 229 PRO A O   1 
ATOM   85   C CB  . PRO A 1 25  ? -9.981  7.042   -10.727 1.00 41.61 ? 229 PRO A CB  1 
ATOM   86   C CG  . PRO A 1 25  ? -11.096 6.359   -10.034 1.00 40.75 ? 229 PRO A CG  1 
ATOM   87   C CD  . PRO A 1 25  ? -10.560 5.933   -8.694  1.00 40.50 ? 229 PRO A CD  1 
ATOM   88   N N   . LYS A 1 26  ? -7.868  8.364   -9.063  1.00 43.86 ? 230 LYS A N   1 
ATOM   89   C CA  . LYS A 1 26  ? -6.892  9.388   -8.702  1.00 44.82 ? 230 LYS A CA  1 
ATOM   90   C C   . LYS A 1 26  ? -5.551  8.833   -8.226  1.00 45.06 ? 230 LYS A C   1 
ATOM   91   O O   . LYS A 1 26  ? -4.551  9.544   -8.237  1.00 45.35 ? 230 LYS A O   1 
ATOM   92   C CB  . LYS A 1 26  ? -7.463  10.319  -7.620  1.00 45.11 ? 230 LYS A CB  1 
ATOM   93   C CG  . LYS A 1 26  ? -7.927  11.659  -8.128  1.00 46.58 ? 230 LYS A CG  1 
ATOM   94   C CD  . LYS A 1 26  ? -7.509  12.750  -7.142  1.00 49.59 ? 230 LYS A CD  1 
ATOM   95   C CE  . LYS A 1 26  ? -6.768  13.890  -7.850  1.00 49.60 ? 230 LYS A CE  1 
ATOM   96   N NZ  . LYS A 1 26  ? -6.479  15.014  -6.914  1.00 49.67 ? 230 LYS A NZ  1 
ATOM   97   N N   . ILE A 1 27  ? -5.537  7.579   -7.784  1.00 45.43 ? 231 ILE A N   1 
ATOM   98   C CA  . ILE A 1 27  ? -4.330  6.975   -7.223  1.00 45.86 ? 231 ILE A CA  1 
ATOM   99   C C   . ILE A 1 27  ? -3.487  6.249   -8.265  1.00 46.11 ? 231 ILE A C   1 
ATOM   100  O O   . ILE A 1 27  ? -2.260  6.306   -8.213  1.00 46.20 ? 231 ILE A O   1 
ATOM   101  C CB  . ILE A 1 27  ? -4.667  6.034   -6.043  1.00 45.94 ? 231 ILE A CB  1 
ATOM   102  C CG1 . ILE A 1 27  ? -4.901  6.879   -4.785  1.00 46.48 ? 231 ILE A CG1 1 
ATOM   103  C CG2 . ILE A 1 27  ? -3.572  4.948   -5.839  1.00 45.12 ? 231 ILE A CG2 1 
ATOM   104  C CD1 . ILE A 1 27  ? -5.335  6.117   -3.602  1.00 43.97 ? 231 ILE A CD1 1 
ATOM   105  N N   . PHE A 1 28  ? -4.147  5.558   -9.192  1.00 46.50 ? 232 PHE A N   1 
ATOM   106  C CA  . PHE A 1 28  ? -3.465  4.834   -10.257 1.00 46.91 ? 232 PHE A CA  1 
ATOM   107  C C   . PHE A 1 28  ? -3.369  5.646   -11.537 1.00 47.33 ? 232 PHE A C   1 
ATOM   108  O O   . PHE A 1 28  ? -2.520  5.373   -12.380 1.00 47.62 ? 232 PHE A O   1 
ATOM   109  C CB  . PHE A 1 28  ? -4.148  3.492   -10.515 1.00 46.95 ? 232 PHE A CB  1 
ATOM   110  C CG  . PHE A 1 28  ? -4.036  2.541   -9.354  1.00 48.51 ? 232 PHE A CG  1 
ATOM   111  C CD1 . PHE A 1 28  ? -5.165  2.122   -8.665  1.00 48.57 ? 232 PHE A CD1 1 
ATOM   112  C CD2 . PHE A 1 28  ? -2.784  2.093   -8.922  1.00 48.53 ? 232 PHE A CD2 1 
ATOM   113  C CE1 . PHE A 1 28  ? -5.046  1.268   -7.584  1.00 48.72 ? 232 PHE A CE1 1 
ATOM   114  C CE2 . PHE A 1 28  ? -2.667  1.243   -7.844  1.00 48.20 ? 232 PHE A CE2 1 
ATOM   115  C CZ  . PHE A 1 28  ? -3.794  0.834   -7.173  1.00 48.09 ? 232 PHE A CZ  1 
ATOM   116  N N   . GLY A 1 29  ? -4.229  6.650   -11.671 1.00 47.57 ? 233 GLY A N   1 
ATOM   117  C CA  . GLY A 1 29  ? -4.262  7.487   -12.861 1.00 48.42 ? 233 GLY A CA  1 
ATOM   118  C C   . GLY A 1 29  ? -3.234  8.604   -12.865 1.00 48.70 ? 233 GLY A C   1 
ATOM   119  O O   . GLY A 1 29  ? -3.257  9.456   -13.753 1.00 48.85 ? 233 GLY A O   1 
ATOM   120  N N   . GLY A 1 30  ? -2.336  8.601   -11.878 1.00 48.76 ? 234 GLY A N   1 
ATOM   121  C CA  . GLY A 1 30  ? -1.261  9.594   -11.801 1.00 48.50 ? 234 GLY A CA  1 
ATOM   122  C C   . GLY A 1 30  ? -0.031  9.261   -12.634 1.00 48.26 ? 234 GLY A C   1 
ATOM   123  O O   . GLY A 1 30  ? -0.078  8.388   -13.502 1.00 48.22 ? 234 GLY A O   1 
ATOM   124  N N   . GLU A 1 31  ? 1.070   9.961   -12.346 1.00 48.00 ? 235 GLU A N   1 
ATOM   125  C CA  . GLU A 1 31  ? 2.345   9.804   -13.044 1.00 47.44 ? 235 GLU A CA  1 
ATOM   126  C C   . GLU A 1 31  ? 3.263   8.793   -12.344 1.00 47.12 ? 235 GLU A C   1 
ATOM   127  O O   . GLU A 1 31  ? 3.865   7.943   -13.002 1.00 47.58 ? 235 GLU A O   1 
ATOM   128  C CB  . GLU A 1 31  ? 3.044   11.159  -13.165 1.00 47.53 ? 235 GLU A CB  1 
ATOM   129  C CG  . GLU A 1 31  ? 3.835   11.352  -14.458 1.00 47.46 ? 235 GLU A CG  1 
ATOM   130  C CD  . GLU A 1 31  ? 4.652   12.643  -14.464 1.00 47.80 ? 235 GLU A CD  1 
ATOM   131  O OE1 . GLU A 1 31  ? 4.283   13.595  -15.191 1.00 47.59 ? 235 GLU A OE1 1 
ATOM   132  O OE2 . GLU A 1 31  ? 5.666   12.708  -13.737 1.00 48.80 ? 235 GLU A OE2 1 
ATOM   133  N N   . ILE A 1 32  ? 3.380   8.892   -11.021 1.00 46.31 ? 236 ILE A N   1 
ATOM   134  C CA  . ILE A 1 32  ? 4.107   7.898   -10.236 1.00 45.72 ? 236 ILE A CA  1 
ATOM   135  C C   . ILE A 1 32  ? 3.409   6.536   -10.377 1.00 44.86 ? 236 ILE A C   1 
ATOM   136  O O   . ILE A 1 32  ? 2.175   6.438   -10.256 1.00 44.30 ? 236 ILE A O   1 
ATOM   137  C CB  . ILE A 1 32  ? 4.166   8.273   -8.723  1.00 45.90 ? 236 ILE A CB  1 
ATOM   138  C CG1 . ILE A 1 32  ? 4.985   9.553   -8.491  1.00 46.94 ? 236 ILE A CG1 1 
ATOM   139  C CG2 . ILE A 1 32  ? 4.750   7.123   -7.899  1.00 46.22 ? 236 ILE A CG2 1 
ATOM   140  C CD1 . ILE A 1 32  ? 5.182   9.919   -6.992  1.00 46.12 ? 236 ILE A CD1 1 
ATOM   141  N N   . LYS A 1 33  ? 4.205   5.498   -10.617 1.00 43.62 ? 237 LYS A N   1 
ATOM   142  C CA  . LYS A 1 33  ? 3.677   4.151   -10.789 1.00 42.76 ? 237 LYS A CA  1 
ATOM   143  C C   . LYS A 1 33  ? 4.209   3.149   -9.746  1.00 42.15 ? 237 LYS A C   1 
ATOM   144  O O   . LYS A 1 33  ? 4.070   1.941   -9.917  1.00 42.26 ? 237 LYS A O   1 
ATOM   145  C CB  . LYS A 1 33  ? 3.936   3.668   -12.221 1.00 43.62 ? 237 LYS A CB  1 
ATOM   146  C CG  . LYS A 1 33  ? 3.137   4.412   -13.286 1.00 43.72 ? 237 LYS A CG  1 
ATOM   147  C CD  . LYS A 1 33  ? 3.916   4.492   -14.565 1.00 46.12 ? 237 LYS A CD  1 
ATOM   148  C CE  . LYS A 1 33  ? 3.209   5.334   -15.613 1.00 46.27 ? 237 LYS A CE  1 
ATOM   149  N NZ  . LYS A 1 33  ? 4.090   5.464   -16.808 1.00 47.20 ? 237 LYS A NZ  1 
ATOM   150  N N   . THR A 1 34  ? 4.801   3.661   -8.664  1.00 40.78 ? 238 THR A N   1 
ATOM   151  C CA  . THR A 1 34  ? 5.145   2.854   -7.497  1.00 39.67 ? 238 THR A CA  1 
ATOM   152  C C   . THR A 1 34  ? 4.344   3.373   -6.311  1.00 39.04 ? 238 THR A C   1 
ATOM   153  O O   . THR A 1 34  ? 4.325   4.579   -6.031  1.00 38.38 ? 238 THR A O   1 
ATOM   154  C CB  . THR A 1 34  ? 6.646   2.914   -7.153  1.00 39.50 ? 238 THR A CB  1 
ATOM   155  O OG1 . THR A 1 34  ? 7.398   2.664   -8.323  1.00 39.81 ? 238 THR A OG1 1 
ATOM   156  C CG2 . THR A 1 34  ? 7.009   1.844   -6.126  1.00 40.09 ? 238 THR A CG2 1 
ATOM   157  N N   . HIS A 1 35  ? 3.678   2.452   -5.634  1.00 37.89 ? 239 HIS A N   1 
ATOM   158  C CA  . HIS A 1 35  ? 2.777   2.773   -4.552  1.00 37.44 ? 239 HIS A CA  1 
ATOM   159  C C   . HIS A 1 35  ? 3.076   1.856   -3.400  1.00 36.80 ? 239 HIS A C   1 
ATOM   160  O O   . HIS A 1 35  ? 3.277   0.660   -3.610  1.00 37.17 ? 239 HIS A O   1 
ATOM   161  C CB  . HIS A 1 35  ? 1.342   2.498   -4.994  1.00 37.74 ? 239 HIS A CB  1 
ATOM   162  C CG  . HIS A 1 35  ? 0.968   3.190   -6.265  1.00 38.69 ? 239 HIS A CG  1 
ATOM   163  N ND1 . HIS A 1 35  ? 1.161   2.618   -7.506  1.00 40.29 ? 239 HIS A ND1 1 
ATOM   164  C CD2 . HIS A 1 35  ? 0.445   4.419   -6.488  1.00 37.64 ? 239 HIS A CD2 1 
ATOM   165  C CE1 . HIS A 1 35  ? 0.757   3.462   -8.440  1.00 40.16 ? 239 HIS A CE1 1 
ATOM   166  N NE2 . HIS A 1 35  ? 0.320   4.561   -7.850  1.00 39.56 ? 239 HIS A NE2 1 
ATOM   167  N N   . ILE A 1 36  ? 3.109   2.390   -2.182  1.00 35.18 ? 240 ILE A N   1 
ATOM   168  C CA  . ILE A 1 36  ? 3.051   1.500   -1.027  1.00 33.92 ? 240 ILE A CA  1 
ATOM   169  C C   . ILE A 1 36  ? 1.671   1.640   -0.336  1.00 32.67 ? 240 ILE A C   1 
ATOM   170  O O   . ILE A 1 36  ? 1.164   2.739   -0.122  1.00 32.11 ? 240 ILE A O   1 
ATOM   171  C CB  . ILE A 1 36  ? 4.275   1.660   -0.069  1.00 34.06 ? 240 ILE A CB  1 
ATOM   172  C CG1 . ILE A 1 36  ? 4.232   0.628   1.077   1.00 34.20 ? 240 ILE A CG1 1 
ATOM   173  C CG2 . ILE A 1 36  ? 4.365   3.066   0.499   1.00 33.40 ? 240 ILE A CG2 1 
ATOM   174  C CD1 . ILE A 1 36  ? 5.501   0.604   1.920   1.00 33.85 ? 240 ILE A CD1 1 
ATOM   175  N N   . LEU A 1 37  ? 1.074   0.510   -0.017  1.00 31.58 ? 241 LEU A N   1 
ATOM   176  C CA  . LEU A 1 37  ? -0.289  0.474   0.465   1.00 30.88 ? 241 LEU A CA  1 
ATOM   177  C C   . LEU A 1 37  ? -0.285  -0.092  1.858   1.00 30.58 ? 241 LEU A C   1 
ATOM   178  O O   . LEU A 1 37  ? 0.130   -1.237  2.080   1.00 28.90 ? 241 LEU A O   1 
ATOM   179  C CB  . LEU A 1 37  ? -1.156  -0.408  -0.449  1.00 30.88 ? 241 LEU A CB  1 
ATOM   180  C CG  . LEU A 1 37  ? -1.240  0.014   -1.923  1.00 31.95 ? 241 LEU A CG  1 
ATOM   181  C CD1 . LEU A 1 37  ? -2.139  -0.946  -2.719  1.00 32.65 ? 241 LEU A CD1 1 
ATOM   182  C CD2 . LEU A 1 37  ? -1.731  1.476   -2.075  1.00 31.50 ? 241 LEU A CD2 1 
ATOM   183  N N   . LEU A 1 38  ? -0.763  0.702   2.803   1.00 29.70 ? 242 LEU A N   1 
ATOM   184  C CA  . LEU A 1 38  ? -0.892  0.191   4.143   1.00 29.37 ? 242 LEU A CA  1 
ATOM   185  C C   . LEU A 1 38  ? -2.341  -0.170  4.379   1.00 29.45 ? 242 LEU A C   1 
ATOM   186  O O   . LEU A 1 38  ? -3.203  0.718   4.384   1.00 28.75 ? 242 LEU A O   1 
ATOM   187  C CB  . LEU A 1 38  ? -0.423  1.217   5.179   1.00 28.65 ? 242 LEU A CB  1 
ATOM   188  C CG  . LEU A 1 38  ? -0.808  0.886   6.621   1.00 28.83 ? 242 LEU A CG  1 
ATOM   189  C CD1 . LEU A 1 38  ? -0.004  -0.316  7.162   1.00 25.19 ? 242 LEU A CD1 1 
ATOM   190  C CD2 . LEU A 1 38  ? -0.669  2.114   7.510   1.00 28.08 ? 242 LEU A CD2 1 
ATOM   191  N N   . PHE A 1 39  ? -2.591  -1.462  4.605   1.00 29.13 ? 243 PHE A N   1 
ATOM   192  C CA  . PHE A 1 39  ? -3.937  -1.913  4.910   1.00 30.24 ? 243 PHE A CA  1 
ATOM   193  C C   . PHE A 1 39  ? -4.061  -1.881  6.415   1.00 31.59 ? 243 PHE A C   1 
ATOM   194  O O   . PHE A 1 39  ? -3.450  -2.705  7.095   1.00 31.32 ? 243 PHE A O   1 
ATOM   195  C CB  . PHE A 1 39  ? -4.191  -3.303  4.343   1.00 29.80 ? 243 PHE A CB  1 
ATOM   196  C CG  . PHE A 1 39  ? -4.116  -3.365  2.835   1.00 30.04 ? 243 PHE A CG  1 
ATOM   197  C CD1 . PHE A 1 39  ? -5.274  -3.400  2.068   1.00 29.38 ? 243 PHE A CD1 1 
ATOM   198  C CD2 . PHE A 1 39  ? -2.872  -3.408  2.176   1.00 32.82 ? 243 PHE A CD2 1 
ATOM   199  C CE1 . PHE A 1 39  ? -5.211  -3.464  0.650   1.00 31.08 ? 243 PHE A CE1 1 
ATOM   200  C CE2 . PHE A 1 39  ? -2.799  -3.472  0.750   1.00 32.70 ? 243 PHE A CE2 1 
ATOM   201  C CZ  . PHE A 1 39  ? -3.959  -3.506  -0.004  1.00 30.90 ? 243 PHE A CZ  1 
ATOM   202  N N   . LEU A 1 40  ? -4.823  -0.893  6.923   1.00 31.88 ? 244 LEU A N   1 
ATOM   203  C CA  . LEU A 1 40  ? -4.855  -0.574  8.356   1.00 32.52 ? 244 LEU A CA  1 
ATOM   204  C C   . LEU A 1 40  ? -6.277  -0.598  8.875   1.00 32.46 ? 244 LEU A C   1 
ATOM   205  O O   . LEU A 1 40  ? -7.052  0.313   8.547   1.00 32.61 ? 244 LEU A O   1 
ATOM   206  C CB  . LEU A 1 40  ? -4.303  0.844   8.578   1.00 32.43 ? 244 LEU A CB  1 
ATOM   207  C CG  . LEU A 1 40  ? -4.047  1.340   10.012  1.00 33.34 ? 244 LEU A CG  1 
ATOM   208  C CD1 . LEU A 1 40  ? -3.020  0.457   10.695  1.00 30.39 ? 244 LEU A CD1 1 
ATOM   209  C CD2 . LEU A 1 40  ? -3.579  2.813   10.033  1.00 31.79 ? 244 LEU A CD2 1 
ATOM   210  N N   . PRO A 1 41  ? -6.629  -1.598  9.711   1.00 32.22 ? 245 PRO A N   1 
ATOM   211  C CA  . PRO A 1 41  ? -7.990  -1.592  10.219  1.00 31.92 ? 245 PRO A CA  1 
ATOM   212  C C   . PRO A 1 41  ? -8.175  -0.350  11.083  1.00 31.88 ? 245 PRO A C   1 
ATOM   213  O O   . PRO A 1 41  ? -7.328  -0.059  11.927  1.00 31.79 ? 245 PRO A O   1 
ATOM   214  C CB  . PRO A 1 41  ? -8.047  -2.853  11.099  1.00 31.52 ? 245 PRO A CB  1 
ATOM   215  C CG  . PRO A 1 41  ? -6.889  -3.676  10.688  1.00 32.20 ? 245 PRO A CG  1 
ATOM   216  C CD  . PRO A 1 41  ? -5.846  -2.710  10.272  1.00 32.29 ? 245 PRO A CD  1 
ATOM   217  N N   . LYS A 1 42  ? -9.250  0.395   10.852  1.00 31.92 ? 246 LYS A N   1 
ATOM   218  C CA  . LYS A 1 42  ? -9.508  1.597   11.633  1.00 31.87 ? 246 LYS A CA  1 
ATOM   219  C C   . LYS A 1 42  ? -9.685  1.220   13.112  1.00 31.63 ? 246 LYS A C   1 
ATOM   220  O O   . LYS A 1 42  ? -9.526  2.058   13.992  1.00 31.57 ? 246 LYS A O   1 
ATOM   221  C CB  . LYS A 1 42  ? -10.752 2.322   11.100  1.00 31.82 ? 246 LYS A CB  1 
ATOM   222  C CG  . LYS A 1 42  ? -11.053 3.690   11.778  1.00 33.35 ? 246 LYS A CG  1 
ATOM   223  C CD  . LYS A 1 42  ? -10.668 4.889   10.863  1.00 34.53 ? 246 LYS A CD  1 
ATOM   224  C CE  . LYS A 1 42  ? -11.900 5.603   10.283  1.00 34.08 ? 246 LYS A CE  1 
ATOM   225  N NZ  . LYS A 1 42  ? -12.995 4.781   9.603   1.00 33.46 ? 246 LYS A NZ  1 
ATOM   226  N N   . SER A 1 43  ? -10.047 -0.034  13.372  1.00 31.73 ? 247 SER A N   1 
ATOM   227  C CA  . SER A 1 43  ? -10.213 -0.512  14.752  1.00 32.48 ? 247 SER A CA  1 
ATOM   228  C C   . SER A 1 43  ? -8.905  -1.028  15.384  1.00 32.80 ? 247 SER A C   1 
ATOM   229  O O   . SER A 1 43  ? -8.889  -1.361  16.555  1.00 33.50 ? 247 SER A O   1 
ATOM   230  C CB  . SER A 1 43  ? -11.286 -1.595  14.827  1.00 31.75 ? 247 SER A CB  1 
ATOM   231  O OG  . SER A 1 43  ? -10.854 -2.741  14.122  1.00 30.48 ? 247 SER A OG  1 
ATOM   232  N N   . VAL A 1 44  ? -7.821  -1.109  14.614  1.00 33.79 ? 248 VAL A N   1 
ATOM   233  C CA  . VAL A 1 44  ? -6.521  -1.542  15.173  1.00 34.32 ? 248 VAL A CA  1 
ATOM   234  C C   . VAL A 1 44  ? -6.159  -0.704  16.422  1.00 34.33 ? 248 VAL A C   1 
ATOM   235  O O   . VAL A 1 44  ? -6.519  0.470   16.501  1.00 33.53 ? 248 VAL A O   1 
ATOM   236  C CB  . VAL A 1 44  ? -5.390  -1.466  14.087  1.00 34.20 ? 248 VAL A CB  1 
ATOM   237  C CG1 . VAL A 1 44  ? -4.890  -0.029  13.894  1.00 34.19 ? 248 VAL A CG1 1 
ATOM   238  C CG2 . VAL A 1 44  ? -4.246  -2.404  14.417  1.00 35.02 ? 248 VAL A CG2 1 
ATOM   239  N N   . SER A 1 45  ? -5.464  -1.285  17.400  1.00 35.07 ? 249 SER A N   1 
ATOM   240  C CA  . SER A 1 45  ? -5.019  -0.468  18.531  1.00 36.24 ? 249 SER A CA  1 
ATOM   241  C C   . SER A 1 45  ? -4.037  0.601   18.062  1.00 36.04 ? 249 SER A C   1 
ATOM   242  O O   . SER A 1 45  ? -3.222  0.357   17.180  1.00 36.75 ? 249 SER A O   1 
ATOM   243  C CB  . SER A 1 45  ? -4.476  -1.298  19.714  1.00 36.66 ? 249 SER A CB  1 
ATOM   244  O OG  . SER A 1 45  ? -3.958  -2.548  19.290  1.00 39.95 ? 249 SER A OG  1 
ATOM   245  N N   . ASP A 1 46  ? -4.185  1.801   18.621  1.00 36.67 ? 250 ASP A N   1 
ATOM   246  C CA  . ASP A 1 46  ? -3.383  2.980   18.295  1.00 37.01 ? 250 ASP A CA  1 
ATOM   247  C C   . ASP A 1 46  ? -3.346  3.274   16.795  1.00 37.20 ? 250 ASP A C   1 
ATOM   248  O O   . ASP A 1 46  ? -2.295  3.195   16.143  1.00 37.10 ? 250 ASP A O   1 
ATOM   249  C CB  . ASP A 1 46  ? -1.971  2.837   18.858  1.00 37.85 ? 250 ASP A CB  1 
ATOM   250  C CG  . ASP A 1 46  ? -1.167  4.102   18.720  1.00 39.56 ? 250 ASP A CG  1 
ATOM   251  O OD1 . ASP A 1 46  ? -1.760  5.206   18.766  1.00 41.43 ? 250 ASP A OD1 1 
ATOM   252  O OD2 . ASP A 1 46  ? 0.058   3.982   18.554  1.00 43.79 ? 250 ASP A OD2 1 
ATOM   253  N N   . TYR A 1 47  ? -4.509  3.600   16.248  1.00 36.72 ? 251 TYR A N   1 
ATOM   254  C CA  . TYR A 1 47  ? -4.626  3.741   14.826  1.00 36.98 ? 251 TYR A CA  1 
ATOM   255  C C   . TYR A 1 47  ? -3.841  4.947   14.344  1.00 36.88 ? 251 TYR A C   1 
ATOM   256  O O   . TYR A 1 47  ? -3.107  4.877   13.365  1.00 36.39 ? 251 TYR A O   1 
ATOM   257  C CB  . TYR A 1 47  ? -6.093  3.864   14.464  1.00 37.13 ? 251 TYR A CB  1 
ATOM   258  C CG  . TYR A 1 47  ? -6.370  4.320   13.056  1.00 36.89 ? 251 TYR A CG  1 
ATOM   259  C CD1 . TYR A 1 47  ? -6.458  3.400   12.015  1.00 35.69 ? 251 TYR A CD1 1 
ATOM   260  C CD2 . TYR A 1 47  ? -6.584  5.672   12.775  1.00 36.56 ? 251 TYR A CD2 1 
ATOM   261  C CE1 . TYR A 1 47  ? -6.756  3.805   10.719  1.00 36.72 ? 251 TYR A CE1 1 
ATOM   262  C CE2 . TYR A 1 47  ? -6.869  6.093   11.484  1.00 35.94 ? 251 TYR A CE2 1 
ATOM   263  C CZ  . TYR A 1 47  ? -6.956  5.147   10.466  1.00 37.06 ? 251 TYR A CZ  1 
ATOM   264  O OH  . TYR A 1 47  ? -7.245  5.548   9.195   1.00 38.45 ? 251 TYR A OH  1 
ATOM   265  N N   . ASP A 1 48  ? -4.002  6.046   15.056  1.00 37.16 ? 252 ASP A N   1 
ATOM   266  C CA  . ASP A 1 48  ? -3.297  7.287   14.771  1.00 37.72 ? 252 ASP A CA  1 
ATOM   267  C C   . ASP A 1 48  ? -1.790  7.120   14.852  1.00 36.70 ? 252 ASP A C   1 
ATOM   268  O O   . ASP A 1 48  ? -1.064  7.733   14.077  1.00 36.40 ? 252 ASP A O   1 
ATOM   269  C CB  . ASP A 1 48  ? -3.786  8.384   15.715  1.00 38.62 ? 252 ASP A CB  1 
ATOM   270  C CG  . ASP A 1 48  ? -5.221  8.745   15.447  1.00 42.78 ? 252 ASP A CG  1 
ATOM   271  O OD1 . ASP A 1 48  ? -5.441  9.646   14.602  1.00 46.87 ? 252 ASP A OD1 1 
ATOM   272  O OD2 . ASP A 1 48  ? -6.124  8.069   16.016  1.00 45.86 ? 252 ASP A OD2 1 
ATOM   273  N N   . GLY A 1 49  ? -1.347  6.285   15.791  1.00 35.93 ? 253 GLY A N   1 
ATOM   274  C CA  . GLY A 1 49  ? 0.047   5.917   15.927  1.00 35.18 ? 253 GLY A CA  1 
ATOM   275  C C   . GLY A 1 49  ? 0.581   5.194   14.699  1.00 34.90 ? 253 GLY A C   1 
ATOM   276  O O   . GLY A 1 49  ? 1.639   5.535   14.181  1.00 34.77 ? 253 GLY A O   1 
ATOM   277  N N   . LYS A 1 50  ? -0.133  4.176   14.241  1.00 34.42 ? 254 LYS A N   1 
ATOM   278  C CA  . LYS A 1 50  ? 0.312   3.441   13.067  1.00 34.45 ? 254 LYS A CA  1 
ATOM   279  C C   . LYS A 1 50  ? 0.292   4.343   11.824  1.00 33.95 ? 254 LYS A C   1 
ATOM   280  O O   . LYS A 1 50  ? 1.242   4.364   11.053  1.00 33.05 ? 254 LYS A O   1 
ATOM   281  C CB  . LYS A 1 50  ? -0.496  2.144   12.887  1.00 34.25 ? 254 LYS A CB  1 
ATOM   282  C CG  . LYS A 1 50  ? -0.155  1.091   13.946  1.00 35.69 ? 254 LYS A CG  1 
ATOM   283  C CD  . LYS A 1 50  ? -1.195  -0.054  14.001  1.00 35.07 ? 254 LYS A CD  1 
ATOM   284  C CE  . LYS A 1 50  ? -0.694  -1.234  14.884  1.00 34.28 ? 254 LYS A CE  1 
ATOM   285  N NZ  . LYS A 1 50  ? -1.029  -1.068  16.301  1.00 34.66 ? 254 LYS A NZ  1 
ATOM   286  N N   . LEU A 1 51  ? -0.780  5.106   11.648  1.00 34.02 ? 255 LEU A N   1 
ATOM   287  C CA  . LEU A 1 51  ? -0.846  6.059   10.536  1.00 34.20 ? 255 LEU A CA  1 
ATOM   288  C C   . LEU A 1 51  ? 0.305   7.076   10.555  1.00 33.98 ? 255 LEU A C   1 
ATOM   289  O O   . LEU A 1 51  ? 0.967   7.298   9.528   1.00 33.40 ? 255 LEU A O   1 
ATOM   290  C CB  . LEU A 1 51  ? -2.177  6.777   10.533  1.00 34.63 ? 255 LEU A CB  1 
ATOM   291  C CG  . LEU A 1 51  ? -2.535  7.555   9.276   1.00 36.01 ? 255 LEU A CG  1 
ATOM   292  C CD1 . LEU A 1 51  ? -2.360  6.678   8.028   1.00 38.31 ? 255 LEU A CD1 1 
ATOM   293  C CD2 . LEU A 1 51  ? -3.972  8.008   9.426   1.00 37.57 ? 255 LEU A CD2 1 
ATOM   294  N N   . SER A 1 52  ? 0.557   7.664   11.721  1.00 33.74 ? 256 SER A N   1 
ATOM   295  C CA  . SER A 1 52  ? 1.701   8.572   11.893  1.00 34.27 ? 256 SER A CA  1 
ATOM   296  C C   . SER A 1 52  ? 3.014   7.957   11.464  1.00 33.61 ? 256 SER A C   1 
ATOM   297  O O   . SER A 1 52  ? 3.779   8.600   10.757  1.00 34.01 ? 256 SER A O   1 
ATOM   298  C CB  . SER A 1 52  ? 1.823   9.080   13.322  1.00 34.38 ? 256 SER A CB  1 
ATOM   299  O OG  . SER A 1 52  ? 1.252   10.367  13.411  1.00 37.29 ? 256 SER A OG  1 
ATOM   300  N N   . ASN A 1 53  ? 3.276   6.720   11.875  1.00 33.33 ? 257 ASN A N   1 
ATOM   301  C CA  . ASN A 1 53  ? 4.505   6.044   11.454  1.00 33.37 ? 257 ASN A CA  1 
ATOM   302  C C   . ASN A 1 53  ? 4.614   5.997   9.936   1.00 32.84 ? 257 ASN A C   1 
ATOM   303  O O   . ASN A 1 53  ? 5.674   6.261   9.386   1.00 32.47 ? 257 ASN A O   1 
ATOM   304  C CB  . ASN A 1 53  ? 4.583   4.620   11.997  1.00 33.48 ? 257 ASN A CB  1 
ATOM   305  C CG  . ASN A 1 53  ? 4.755   4.579   13.504  1.00 35.86 ? 257 ASN A CG  1 
ATOM   306  O OD1 . ASN A 1 53  ? 4.420   3.584   14.150  1.00 40.34 ? 257 ASN A OD1 1 
ATOM   307  N ND2 . ASN A 1 53  ? 5.264   5.655   14.068  1.00 34.55 ? 257 ASN A ND2 1 
ATOM   308  N N   . PHE A 1 54  ? 3.497   5.679   9.284   1.00 32.35 ? 258 PHE A N   1 
ATOM   309  C CA  . PHE A 1 54  ? 3.403   5.528   7.818   1.00 32.00 ? 258 PHE A CA  1 
ATOM   310  C C   . PHE A 1 54  ? 3.649   6.877   7.160   1.00 31.96 ? 258 PHE A C   1 
ATOM   311  O O   . PHE A 1 54  ? 4.330   6.944   6.146   1.00 32.57 ? 258 PHE A O   1 
ATOM   312  C CB  . PHE A 1 54  ? 2.026   4.953   7.452   1.00 31.10 ? 258 PHE A CB  1 
ATOM   313  C CG  . PHE A 1 54  ? 1.868   4.537   6.007   1.00 31.45 ? 258 PHE A CG  1 
ATOM   314  C CD1 . PHE A 1 54  ? 2.654   3.526   5.459   1.00 30.04 ? 258 PHE A CD1 1 
ATOM   315  C CD2 . PHE A 1 54  ? 0.860   5.111   5.212   1.00 30.63 ? 258 PHE A CD2 1 
ATOM   316  C CE1 . PHE A 1 54  ? 2.488   3.131   4.122   1.00 31.19 ? 258 PHE A CE1 1 
ATOM   317  C CE2 . PHE A 1 54  ? 0.677   4.709   3.885   1.00 31.08 ? 258 PHE A CE2 1 
ATOM   318  C CZ  . PHE A 1 54  ? 1.499   3.719   3.340   1.00 31.34 ? 258 PHE A CZ  1 
ATOM   319  N N   . LYS A 1 55  ? 3.098   7.936   7.755   1.00 32.14 ? 259 LYS A N   1 
ATOM   320  C CA  . LYS A 1 55  ? 3.304   9.313   7.316   1.00 32.79 ? 259 LYS A CA  1 
ATOM   321  C C   . LYS A 1 55  ? 4.767   9.753   7.469   1.00 32.66 ? 259 LYS A C   1 
ATOM   322  O O   . LYS A 1 55  ? 5.360   10.353  6.558   1.00 32.50 ? 259 LYS A O   1 
ATOM   323  C CB  . LYS A 1 55  ? 2.419   10.275  8.126   1.00 33.58 ? 259 LYS A CB  1 
ATOM   324  C CG  . LYS A 1 55  ? 0.908   10.089  7.957   1.00 36.19 ? 259 LYS A CG  1 
ATOM   325  C CD  . LYS A 1 55  ? 0.196   11.408  8.273   1.00 40.70 ? 259 LYS A CD  1 
ATOM   326  C CE  . LYS A 1 55  ? -1.267  11.236  8.725   1.00 41.07 ? 259 LYS A CE  1 
ATOM   327  N NZ  . LYS A 1 55  ? -1.514  11.401  10.214  1.00 38.07 ? 259 LYS A NZ  1 
ATOM   328  N N   . THR A 1 56  ? 5.342   9.481   8.637   1.00 31.60 ? 260 THR A N   1 
ATOM   329  C CA  . THR A 1 56  ? 6.768   9.724   8.838   1.00 30.77 ? 260 THR A CA  1 
ATOM   330  C C   . THR A 1 56  ? 7.634   9.046   7.752   1.00 30.61 ? 260 THR A C   1 
ATOM   331  O O   . THR A 1 56  ? 8.492   9.689   7.138   1.00 29.91 ? 260 THR A O   1 
ATOM   332  C CB  . THR A 1 56  ? 7.214   9.293   10.250  1.00 30.43 ? 260 THR A CB  1 
ATOM   333  O OG1 . THR A 1 56  ? 6.410   9.978   11.220  1.00 29.27 ? 260 THR A OG1 1 
ATOM   334  C CG2 . THR A 1 56  ? 8.679   9.631   10.474  1.00 30.80 ? 260 THR A CG2 1 
ATOM   335  N N   . ALA A 1 57  ? 7.409   7.756   7.517   1.00 30.66 ? 261 ALA A N   1 
ATOM   336  C CA  . ALA A 1 57  ? 8.141   7.049   6.469   1.00 31.32 ? 261 ALA A CA  1 
ATOM   337  C C   . ALA A 1 57  ? 7.959   7.673   5.069   1.00 31.54 ? 261 ALA A C   1 
ATOM   338  O O   . ALA A 1 57  ? 8.894   7.649   4.263   1.00 31.13 ? 261 ALA A O   1 
ATOM   339  C CB  . ALA A 1 57  ? 7.770   5.572   6.445   1.00 30.72 ? 261 ALA A CB  1 
ATOM   340  N N   . ALA A 1 58  ? 6.769   8.235   4.806   1.00 31.43 ? 262 ALA A N   1 
ATOM   341  C CA  . ALA A 1 58  ? 6.413   8.780   3.485   1.00 31.15 ? 262 ALA A CA  1 
ATOM   342  C C   . ALA A 1 58  ? 7.299   9.932   3.097   1.00 31.14 ? 262 ALA A C   1 
ATOM   343  O O   . ALA A 1 58  ? 7.617   10.104  1.917   1.00 31.51 ? 262 ALA A O   1 
ATOM   344  C CB  . ALA A 1 58  ? 4.964   9.244   3.469   1.00 31.29 ? 262 ALA A CB  1 
ATOM   345  N N   . GLU A 1 59  ? 7.672   10.731  4.099   1.00 31.18 ? 263 GLU A N   1 
ATOM   346  C CA  . GLU A 1 59  ? 8.496   11.928  3.924   1.00 30.98 ? 263 GLU A CA  1 
ATOM   347  C C   . GLU A 1 59  ? 9.812   11.627  3.237   1.00 31.18 ? 263 GLU A C   1 
ATOM   348  O O   . GLU A 1 59  ? 10.310  12.466  2.508   1.00 31.78 ? 263 GLU A O   1 
ATOM   349  C CB  . GLU A 1 59  ? 8.756   12.633  5.264   1.00 30.72 ? 263 GLU A CB  1 
ATOM   350  C CG  . GLU A 1 59  ? 7.510   13.179  5.947   1.00 30.20 ? 263 GLU A CG  1 
ATOM   351  C CD  . GLU A 1 59  ? 7.735   13.553  7.426   0.50 30.53 ? 263 GLU A CD  1 
ATOM   352  O OE1 . GLU A 1 59  ? 8.887   13.497  7.919   0.50 28.38 ? 263 GLU A OE1 1 
ATOM   353  O OE2 . GLU A 1 59  ? 6.745   13.909  8.099   0.50 30.17 ? 263 GLU A OE2 1 
ATOM   354  N N   . SER A 1 60  ? 10.358  10.430  3.451   1.00 31.58 ? 264 SER A N   1 
ATOM   355  C CA  . SER A 1 60  ? 11.648  10.044  2.854   1.00 32.56 ? 264 SER A CA  1 
ATOM   356  C C   . SER A 1 60  ? 11.567  9.624   1.380   1.00 32.50 ? 264 SER A C   1 
ATOM   357  O O   . SER A 1 60  ? 12.589  9.396   0.744   1.00 31.49 ? 264 SER A O   1 
ATOM   358  C CB  . SER A 1 60  ? 12.290  8.904   3.655   1.00 33.05 ? 264 SER A CB  1 
ATOM   359  O OG  . SER A 1 60  ? 12.566  9.313   4.978   1.00 33.59 ? 264 SER A OG  1 
ATOM   360  N N   . PHE A 1 61  ? 10.358  9.514   0.836   1.00 32.63 ? 265 PHE A N   1 
ATOM   361  C CA  . PHE A 1 61  ? 10.221  8.950   -0.506  1.00 32.67 ? 265 PHE A CA  1 
ATOM   362  C C   . PHE A 1 61  ? 9.383   9.794   -1.425  1.00 33.10 ? 265 PHE A C   1 
ATOM   363  O O   . PHE A 1 61  ? 8.868   9.293   -2.420  1.00 32.41 ? 265 PHE A O   1 
ATOM   364  C CB  . PHE A 1 61  ? 9.675   7.523   -0.425  1.00 31.75 ? 265 PHE A CB  1 
ATOM   365  C CG  . PHE A 1 61  ? 10.560  6.602   0.353   1.00 31.83 ? 265 PHE A CG  1 
ATOM   366  C CD1 . PHE A 1 61  ? 11.714  6.066   -0.229  1.00 30.25 ? 265 PHE A CD1 1 
ATOM   367  C CD2 . PHE A 1 61  ? 10.281  6.311   1.682   1.00 30.56 ? 265 PHE A CD2 1 
ATOM   368  C CE1 . PHE A 1 61  ? 12.545  5.237   0.481   1.00 28.55 ? 265 PHE A CE1 1 
ATOM   369  C CE2 . PHE A 1 61  ? 11.123  5.483   2.410   1.00 30.50 ? 265 PHE A CE2 1 
ATOM   370  C CZ  . PHE A 1 61  ? 12.250  4.939   1.807   1.00 29.78 ? 265 PHE A CZ  1 
ATOM   371  N N   . LYS A 1 62  ? 9.250   11.073  -1.084  1.00 33.97 ? 266 LYS A N   1 
ATOM   372  C CA  . LYS A 1 62  ? 8.494   12.016  -1.901  1.00 35.52 ? 266 LYS A CA  1 
ATOM   373  C C   . LYS A 1 62  ? 8.951   11.960  -3.360  1.00 35.61 ? 266 LYS A C   1 
ATOM   374  O O   . LYS A 1 62  ? 10.142  12.092  -3.657  1.00 35.20 ? 266 LYS A O   1 
ATOM   375  C CB  . LYS A 1 62  ? 8.656   13.444  -1.379  1.00 36.13 ? 266 LYS A CB  1 
ATOM   376  C CG  . LYS A 1 62  ? 7.574   13.886  -0.413  1.00 38.70 ? 266 LYS A CG  1 
ATOM   377  C CD  . LYS A 1 62  ? 7.563   15.403  -0.293  1.00 41.50 ? 266 LYS A CD  1 
ATOM   378  C CE  . LYS A 1 62  ? 6.707   15.880  0.882   1.00 44.10 ? 266 LYS A CE  1 
ATOM   379  N NZ  . LYS A 1 62  ? 7.549   16.430  1.989   1.00 46.54 ? 266 LYS A NZ  1 
ATOM   380  N N   . GLY A 1 63  ? 7.987   11.744  -4.253  1.00 35.76 ? 267 GLY A N   1 
ATOM   381  C CA  . GLY A 1 63  ? 8.252   11.717  -5.681  1.00 35.92 ? 267 GLY A CA  1 
ATOM   382  C C   . GLY A 1 63  ? 8.762   10.395  -6.213  1.00 35.96 ? 267 GLY A C   1 
ATOM   383  O O   . GLY A 1 63  ? 8.986   10.261  -7.423  1.00 35.67 ? 267 GLY A O   1 
ATOM   384  N N   . LYS A 1 64  ? 8.943   9.420   -5.318  1.00 35.73 ? 268 LYS A N   1 
ATOM   385  C CA  . LYS A 1 64  ? 9.462   8.106   -5.700  1.00 36.03 ? 268 LYS A CA  1 
ATOM   386  C C   . LYS A 1 64  ? 8.416   7.045   -5.445  1.00 35.87 ? 268 LYS A C   1 
ATOM   387  O O   . LYS A 1 64  ? 8.169   6.188   -6.290  1.00 36.41 ? 268 LYS A O   1 
ATOM   388  C CB  . LYS A 1 64  ? 10.751  7.763   -4.943  1.00 35.90 ? 268 LYS A CB  1 
ATOM   389  C CG  . LYS A 1 64  ? 11.970  8.583   -5.373  1.00 38.75 ? 268 LYS A CG  1 
ATOM   390  C CD  . LYS A 1 64  ? 13.040  8.643   -4.265  1.00 40.55 ? 268 LYS A CD  1 
ATOM   391  C CE  . LYS A 1 64  ? 13.833  9.943   -4.315  1.00 42.26 ? 268 LYS A CE  1 
ATOM   392  N NZ  . LYS A 1 64  ? 14.616  10.112  -5.587  1.00 44.73 ? 268 LYS A NZ  1 
ATOM   393  N N   . ILE A 1 65  ? 7.804   7.099   -4.268  1.00 35.12 ? 269 ILE A N   1 
ATOM   394  C CA  . ILE A 1 65  ? 6.798   6.130   -3.898  1.00 34.16 ? 269 ILE A CA  1 
ATOM   395  C C   . ILE A 1 65  ? 5.615   6.895   -3.335  1.00 35.02 ? 269 ILE A C   1 
ATOM   396  O O   . ILE A 1 65  ? 5.784   7.735   -2.445  1.00 34.31 ? 269 ILE A O   1 
ATOM   397  C CB  . ILE A 1 65  ? 7.328   5.126   -2.835  1.00 34.24 ? 269 ILE A CB  1 
ATOM   398  C CG1 . ILE A 1 65  ? 8.620   4.455   -3.320  1.00 31.21 ? 269 ILE A CG1 1 
ATOM   399  C CG2 . ILE A 1 65  ? 6.235   4.074   -2.477  1.00 32.12 ? 269 ILE A CG2 1 
ATOM   400  C CD1 . ILE A 1 65  ? 9.419   3.792   -2.240  1.00 29.57 ? 269 ILE A CD1 1 
ATOM   401  N N   . LEU A 1 66  ? 4.425   6.615   -3.863  1.00 35.19 ? 270 LEU A N   1 
ATOM   402  C CA  . LEU A 1 66  ? 3.211   7.209   -3.331  1.00 36.47 ? 270 LEU A CA  1 
ATOM   403  C C   . LEU A 1 66  ? 2.701   6.345   -2.183  1.00 35.08 ? 270 LEU A C   1 
ATOM   404  O O   . LEU A 1 66  ? 2.539   5.124   -2.337  1.00 34.41 ? 270 LEU A O   1 
ATOM   405  C CB  . LEU A 1 66  ? 2.146   7.346   -4.426  1.00 36.98 ? 270 LEU A CB  1 
ATOM   406  C CG  . LEU A 1 66  ? 0.997   8.315   -4.125  1.00 39.32 ? 270 LEU A CG  1 
ATOM   407  C CD1 . LEU A 1 66  ? 1.441   9.742   -4.373  1.00 41.23 ? 270 LEU A CD1 1 
ATOM   408  C CD2 . LEU A 1 66  ? -0.242  8.014   -4.977  1.00 39.15 ? 270 LEU A CD2 1 
ATOM   409  N N   . PHE A 1 67  ? 2.472   6.984   -1.035  1.00 33.76 ? 271 PHE A N   1 
ATOM   410  C CA  . PHE A 1 67  ? 1.989   6.289   0.159   1.00 32.56 ? 271 PHE A CA  1 
ATOM   411  C C   . PHE A 1 67  ? 0.468   6.445   0.237   1.00 32.78 ? 271 PHE A C   1 
ATOM   412  O O   . PHE A 1 67  ? -0.061  7.563   0.159   1.00 32.48 ? 271 PHE A O   1 
ATOM   413  C CB  . PHE A 1 67  ? 2.660   6.830   1.443   1.00 32.57 ? 271 PHE A CB  1 
ATOM   414  C CG  . PHE A 1 67  ? 4.085   6.314   1.695   1.00 31.08 ? 271 PHE A CG  1 
ATOM   415  C CD1 . PHE A 1 67  ? 4.405   5.688   2.899   1.00 30.70 ? 271 PHE A CD1 1 
ATOM   416  C CD2 . PHE A 1 67  ? 5.095   6.480   0.754   1.00 30.65 ? 271 PHE A CD2 1 
ATOM   417  C CE1 . PHE A 1 67  ? 5.699   5.208   3.172   1.00 30.75 ? 271 PHE A CE1 1 
ATOM   418  C CE2 . PHE A 1 67  ? 6.415   6.010   1.015   1.00 30.90 ? 271 PHE A CE2 1 
ATOM   419  C CZ  . PHE A 1 67  ? 6.707   5.367   2.227   1.00 30.98 ? 271 PHE A CZ  1 
ATOM   420  N N   . ALA A 1 68  ? -0.226  5.321   0.362   1.00 32.18 ? 272 ALA A N   1 
ATOM   421  C CA  . ALA A 1 68  ? -1.681  5.299   0.478   1.00 32.67 ? 272 ALA A CA  1 
ATOM   422  C C   . ALA A 1 68  ? -2.091  4.265   1.529   1.00 32.22 ? 272 ALA A C   1 
ATOM   423  O O   . ALA A 1 68  ? -1.401  3.276   1.711   1.00 32.93 ? 272 ALA A O   1 
ATOM   424  C CB  . ALA A 1 68  ? -2.330  4.981   -0.875  1.00 32.41 ? 272 ALA A CB  1 
ATOM   425  N N   . PHE A 1 69  ? -3.188  4.521   2.239   1.00 31.65 ? 273 PHE A N   1 
ATOM   426  C CA  . PHE A 1 69  ? -3.684  3.588   3.237   1.00 31.33 ? 273 PHE A CA  1 
ATOM   427  C C   . PHE A 1 69  ? -5.138  3.222   2.921   1.00 31.17 ? 273 PHE A C   1 
ATOM   428  O O   . PHE A 1 69  ? -5.883  3.998   2.291   1.00 30.75 ? 273 PHE A O   1 
ATOM   429  C CB  . PHE A 1 69  ? -3.509  4.148   4.662   1.00 31.33 ? 273 PHE A CB  1 
ATOM   430  C CG  . PHE A 1 69  ? -4.471  5.258   5.013   1.00 32.83 ? 273 PHE A CG  1 
ATOM   431  C CD1 . PHE A 1 69  ? -4.150  6.575   4.759   1.00 33.82 ? 273 PHE A CD1 1 
ATOM   432  C CD2 . PHE A 1 69  ? -5.697  4.975   5.600   1.00 34.11 ? 273 PHE A CD2 1 
ATOM   433  C CE1 . PHE A 1 69  ? -5.037  7.609   5.089   1.00 34.32 ? 273 PHE A CE1 1 
ATOM   434  C CE2 . PHE A 1 69  ? -6.580  6.000   5.941   1.00 35.68 ? 273 PHE A CE2 1 
ATOM   435  C CZ  . PHE A 1 69  ? -6.250  7.313   5.686   1.00 32.41 ? 273 PHE A CZ  1 
ATOM   436  N N   . ILE A 1 70  ? -5.498  2.002   3.290   1.00 30.80 ? 274 ILE A N   1 
ATOM   437  C CA  . ILE A 1 70  ? -6.835  1.453   3.090   1.00 30.09 ? 274 ILE A CA  1 
ATOM   438  C C   . ILE A 1 70  ? -7.348  1.130   4.485   1.00 30.37 ? 274 ILE A C   1 
ATOM   439  O O   . ILE A 1 70  ? -6.674  0.463   5.235   1.00 30.93 ? 274 ILE A O   1 
ATOM   440  C CB  . ILE A 1 70  ? -6.826  0.132   2.217   1.00 29.96 ? 274 ILE A CB  1 
ATOM   441  C CG1 . ILE A 1 70  ? -6.228  0.367   0.808   1.00 29.85 ? 274 ILE A CG1 1 
ATOM   442  C CG2 . ILE A 1 70  ? -8.243  -0.485  2.072   1.00 28.94 ? 274 ILE A CG2 1 
ATOM   443  C CD1 . ILE A 1 70  ? -4.722  0.418   0.805   1.00 31.28 ? 274 ILE A CD1 1 
ATOM   444  N N   . ASP A 1 71  ? -8.517  1.636   4.832   1.00 30.98 ? 275 ASP A N   1 
ATOM   445  C CA  . ASP A 1 71  ? -9.242  1.155   5.992   1.00 31.97 ? 275 ASP A CA  1 
ATOM   446  C C   . ASP A 1 71  ? -9.823  -0.223  5.702   1.00 32.68 ? 275 ASP A C   1 
ATOM   447  O O   . ASP A 1 71  ? -10.831 -0.379  4.997   1.00 31.91 ? 275 ASP A O   1 
ATOM   448  C CB  . ASP A 1 71  ? -10.345 2.133   6.418   1.00 32.44 ? 275 ASP A CB  1 
ATOM   449  C CG  . ASP A 1 71  ? -11.146 1.610   7.588   1.00 33.93 ? 275 ASP A CG  1 
ATOM   450  O OD1 . ASP A 1 71  ? -10.697 0.609   8.183   1.00 34.25 ? 275 ASP A OD1 1 
ATOM   451  O OD2 . ASP A 1 71  ? -12.204 2.201   7.923   1.00 36.15 ? 275 ASP A OD2 1 
ATOM   452  N N   . SER A 1 72  ? -9.159  -1.242  6.245   1.00 33.80 ? 276 SER A N   1 
ATOM   453  C CA  . SER A 1 72  ? -9.499  -2.610  5.898   1.00 33.23 ? 276 SER A CA  1 
ATOM   454  C C   . SER A 1 72  ? -10.771 -3.074  6.575   1.00 33.26 ? 276 SER A C   1 
ATOM   455  O O   . SER A 1 72  ? -11.382 -4.042  6.117   1.00 33.74 ? 276 SER A O   1 
ATOM   456  C CB  . SER A 1 72  ? -8.321  -3.552  6.166   1.00 33.72 ? 276 SER A CB  1 
ATOM   457  O OG  . SER A 1 72  ? -7.959  -3.580  7.527   1.00 33.24 ? 276 SER A OG  1 
ATOM   458  N N   . ASP A 1 73  ? -11.193 -2.374  7.635   1.00 32.36 ? 277 ASP A N   1 
ATOM   459  C CA  . ASP A 1 73  ? -12.510 -2.602  8.249   1.00 32.07 ? 277 ASP A CA  1 
ATOM   460  C C   . ASP A 1 73  ? -13.703 -2.161  7.426   1.00 32.24 ? 277 ASP A C   1 
ATOM   461  O O   . ASP A 1 73  ? -14.825 -2.604  7.683   1.00 31.95 ? 277 ASP A O   1 
ATOM   462  C CB  . ASP A 1 73  ? -12.612 -1.885  9.599   1.00 32.18 ? 277 ASP A CB  1 
ATOM   463  C CG  . ASP A 1 73  ? -11.844 -2.596  10.694  1.00 32.01 ? 277 ASP A CG  1 
ATOM   464  O OD1 . ASP A 1 73  ? -11.439 -3.766  10.482  1.00 29.84 ? 277 ASP A OD1 1 
ATOM   465  O OD2 . ASP A 1 73  ? -11.645 -1.973  11.755  1.00 31.69 ? 277 ASP A OD2 1 
ATOM   466  N N   . HIS A 1 74  ? -13.486 -1.253  6.476   1.00 32.20 ? 278 HIS A N   1 
ATOM   467  C CA  . HIS A 1 74  ? -14.598 -0.622  5.770   1.00 32.71 ? 278 HIS A CA  1 
ATOM   468  C C   . HIS A 1 74  ? -15.118 -1.547  4.693   1.00 32.71 ? 278 HIS A C   1 
ATOM   469  O O   . HIS A 1 74  ? -14.364 -1.970  3.807   1.00 31.91 ? 278 HIS A O   1 
ATOM   470  C CB  . HIS A 1 74  ? -14.176 0.753   5.206   1.00 32.96 ? 278 HIS A CB  1 
ATOM   471  C CG  . HIS A 1 74  ? -15.259 1.477   4.461   1.00 35.04 ? 278 HIS A CG  1 
ATOM   472  N ND1 . HIS A 1 74  ? -16.501 1.741   5.005   1.00 37.29 ? 278 HIS A ND1 1 
ATOM   473  C CD2 . HIS A 1 74  ? -15.268 2.029   3.223   1.00 36.78 ? 278 HIS A CD2 1 
ATOM   474  C CE1 . HIS A 1 74  ? -17.227 2.416   4.132   1.00 38.50 ? 278 HIS A CE1 1 
ATOM   475  N NE2 . HIS A 1 74  ? -16.504 2.593   3.039   1.00 38.80 ? 278 HIS A NE2 1 
ATOM   476  N N   . THR A 1 75  ? -16.420 -1.832  4.762   1.00 32.86 ? 279 THR A N   1 
ATOM   477  C CA  . THR A 1 75  ? -17.108 -2.792  3.878   1.00 33.11 ? 279 THR A CA  1 
ATOM   478  C C   . THR A 1 75  ? -16.953 -2.538  2.362   1.00 33.19 ? 279 THR A C   1 
ATOM   479  O O   . THR A 1 75  ? -16.831 -3.484  1.573   1.00 34.02 ? 279 THR A O   1 
ATOM   480  C CB  . THR A 1 75  ? -18.604 -2.783  4.247   1.00 34.11 ? 279 THR A CB  1 
ATOM   481  O OG1 . THR A 1 75  ? -18.729 -3.141  5.628   1.00 36.23 ? 279 THR A OG1 1 
ATOM   482  C CG2 . THR A 1 75  ? -19.441 -3.720  3.374   1.00 32.07 ? 279 THR A CG2 1 
ATOM   483  N N   . ASP A 1 76  ? -16.970 -1.271  1.951   1.00 32.49 ? 280 ASP A N   1 
ATOM   484  C CA  . ASP A 1 76  ? -16.803 -0.893  0.535   1.00 31.51 ? 280 ASP A CA  1 
ATOM   485  C C   . ASP A 1 76  ? -15.393 -1.097  -0.009  1.00 31.14 ? 280 ASP A C   1 
ATOM   486  O O   . ASP A 1 76  ? -15.171 -0.998  -1.222  1.00 31.40 ? 280 ASP A O   1 
ATOM   487  C CB  . ASP A 1 76  ? -17.217 0.564   0.320   1.00 31.57 ? 280 ASP A CB  1 
ATOM   488  C CG  . ASP A 1 76  ? -18.714 0.739   0.258   1.00 31.72 ? 280 ASP A CG  1 
ATOM   489  O OD1 . ASP A 1 76  ? -19.458 -0.185  0.619   1.00 34.05 ? 280 ASP A OD1 1 
ATOM   490  O OD2 . ASP A 1 76  ? -19.161 1.813   -0.156  1.00 37.21 ? 280 ASP A OD2 1 
ATOM   491  N N   . ASN A 1 77  ? -14.449 -1.354  0.886   1.00 30.42 ? 281 ASN A N   1 
ATOM   492  C CA  . ASN A 1 77  ? -13.057 -1.672  0.515   1.00 29.81 ? 281 ASN A CA  1 
ATOM   493  C C   . ASN A 1 77  ? -12.789 -3.173  0.242   1.00 29.55 ? 281 ASN A C   1 
ATOM   494  O O   . ASN A 1 77  ? -11.638 -3.557  0.032   1.00 29.18 ? 281 ASN A O   1 
ATOM   495  C CB  . ASN A 1 77  ? -12.067 -1.126  1.590   1.00 28.15 ? 281 ASN A CB  1 
ATOM   496  C CG  . ASN A 1 77  ? -11.981 0.404   1.613   1.00 30.05 ? 281 ASN A CG  1 
ATOM   497  O OD1 . ASN A 1 77  ? -11.539 1.008   2.607   1.00 31.21 ? 281 ASN A OD1 1 
ATOM   498  N ND2 . ASN A 1 77  ? -12.410 1.044   0.527   1.00 27.31 ? 281 ASN A ND2 1 
ATOM   499  N N   . GLN A 1 78  ? -13.838 -4.006  0.278   1.00 30.35 ? 282 GLN A N   1 
ATOM   500  C CA  . GLN A 1 78  ? -13.754 -5.471  0.048   1.00 30.26 ? 282 GLN A CA  1 
ATOM   501  C C   . GLN A 1 78  ? -13.151 -5.898  -1.293  1.00 30.97 ? 282 GLN A C   1 
ATOM   502  O O   . GLN A 1 78  ? -12.320 -6.821  -1.346  1.00 31.79 ? 282 GLN A O   1 
ATOM   503  C CB  . GLN A 1 78  ? -15.143 -6.118  0.135   1.00 30.35 ? 282 GLN A CB  1 
ATOM   504  C CG  . GLN A 1 78  ? -15.730 -6.245  1.538   0.50 30.66 ? 282 GLN A CG  1 
ATOM   505  C CD  . GLN A 1 78  ? -17.137 -6.851  1.520   0.50 29.68 ? 282 GLN A CD  1 
ATOM   506  O OE1 . GLN A 1 78  ? -17.299 -8.060  1.399   0.50 27.75 ? 282 GLN A OE1 1 
ATOM   507  N NE2 . GLN A 1 78  ? -18.151 -6.006  1.648   0.50 28.21 ? 282 GLN A NE2 1 
ATOM   508  N N   . ARG A 1 79  ? -13.590 -5.283  -2.388  1.00 30.48 ? 283 ARG A N   1 
ATOM   509  C CA  . ARG A 1 79  ? -12.945 -5.554  -3.673  1.00 30.14 ? 283 ARG A CA  1 
ATOM   510  C C   . ARG A 1 79  ? -11.452 -5.152  -3.642  1.00 30.04 ? 283 ARG A C   1 
ATOM   511  O O   . ARG A 1 79  ? -10.606 -5.887  -4.160  1.00 29.70 ? 283 ARG A O   1 
ATOM   512  C CB  . ARG A 1 79  ? -13.654 -4.843  -4.836  1.00 29.60 ? 283 ARG A CB  1 
ATOM   513  C CG  . ARG A 1 79  ? -12.811 -4.889  -6.131  1.00 30.18 ? 283 ARG A CG  1 
ATOM   514  C CD  . ARG A 1 79  ? -13.611 -4.555  -7.369  1.00 30.94 ? 283 ARG A CD  1 
ATOM   515  N NE  . ARG A 1 79  ? -13.656 -3.106  -7.565  1.00 30.34 ? 283 ARG A NE  1 
ATOM   516  C CZ  . ARG A 1 79  ? -14.122 -2.541  -8.668  1.00 31.77 ? 283 ARG A CZ  1 
ATOM   517  N NH1 . ARG A 1 79  ? -14.598 -3.306  -9.640  1.00 31.21 ? 283 ARG A NH1 1 
ATOM   518  N NH2 . ARG A 1 79  ? -14.131 -1.226  -8.797  1.00 31.60 ? 283 ARG A NH2 1 
ATOM   519  N N   . ILE A 1 80  ? -11.132 -3.988  -3.063  1.00 29.55 ? 284 ILE A N   1 
ATOM   520  C CA  . ILE A 1 80  ? -9.712  -3.580  -2.940  1.00 29.58 ? 284 ILE A CA  1 
ATOM   521  C C   . ILE A 1 80  ? -8.909  -4.681  -2.183  1.00 30.41 ? 284 ILE A C   1 
ATOM   522  O O   . ILE A 1 80  ? -7.880  -5.169  -2.669  1.00 29.78 ? 284 ILE A O   1 
ATOM   523  C CB  . ILE A 1 80  ? -9.550  -2.202  -2.249  1.00 29.02 ? 284 ILE A CB  1 
ATOM   524  C CG1 . ILE A 1 80  ? -10.197 -1.082  -3.085  1.00 29.42 ? 284 ILE A CG1 1 
ATOM   525  C CG2 . ILE A 1 80  ? -8.034  -1.898  -2.000  1.00 28.54 ? 284 ILE A CG2 1 
ATOM   526  C CD1 . ILE A 1 80  ? -10.522 0.207   -2.311  1.00 28.31 ? 284 ILE A CD1 1 
ATOM   527  N N   . LEU A 1 81  ? -9.405  -5.077  -1.009  1.00 30.94 ? 285 LEU A N   1 
ATOM   528  C CA  . LEU A 1 81  ? -8.782  -6.151  -0.218  1.00 33.05 ? 285 LEU A CA  1 
ATOM   529  C C   . LEU A 1 81  ? -8.525  -7.407  -1.053  1.00 32.97 ? 285 LEU A C   1 
ATOM   530  O O   . LEU A 1 81  ? -7.402  -7.863  -1.170  1.00 32.58 ? 285 LEU A O   1 
ATOM   531  C CB  . LEU A 1 81  ? -9.658  -6.497  0.996   1.00 32.83 ? 285 LEU A CB  1 
ATOM   532  C CG  . LEU A 1 81  ? -9.141  -6.039  2.358   1.00 33.84 ? 285 LEU A CG  1 
ATOM   533  C CD1 . LEU A 1 81  ? -8.651  -4.655  2.331   1.00 32.68 ? 285 LEU A CD1 1 
ATOM   534  C CD2 . LEU A 1 81  ? -10.236 -6.209  3.422   1.00 35.01 ? 285 LEU A CD2 1 
ATOM   535  N N   . GLU A 1 82  ? -9.588  -7.904  -1.671  1.00 33.80 ? 286 GLU A N   1 
ATOM   536  C CA  . GLU A 1 82  ? -9.581  -9.169  -2.411  1.00 34.76 ? 286 GLU A CA  1 
ATOM   537  C C   . GLU A 1 82  ? -8.573  -9.094  -3.561  1.00 33.42 ? 286 GLU A C   1 
ATOM   538  O O   . GLU A 1 82  ? -7.824  -10.024 -3.806  1.00 33.46 ? 286 GLU A O   1 
ATOM   539  C CB  . GLU A 1 82  ? -10.984 -9.396  -2.952  1.00 35.15 ? 286 GLU A CB  1 
ATOM   540  C CG  . GLU A 1 82  ? -11.521 -10.809 -2.883  1.00 41.20 ? 286 GLU A CG  1 
ATOM   541  C CD  . GLU A 1 82  ? -13.029 -10.781 -2.707  1.00 48.16 ? 286 GLU A CD  1 
ATOM   542  O OE1 . GLU A 1 82  ? -13.719 -10.143 -3.547  1.00 50.09 ? 286 GLU A OE1 1 
ATOM   543  O OE2 . GLU A 1 82  ? -13.525 -11.353 -1.704  1.00 51.23 ? 286 GLU A OE2 1 
ATOM   544  N N   . PHE A 1 83  ? -8.548  -7.952  -4.234  1.00 32.71 ? 287 PHE A N   1 
ATOM   545  C CA  . PHE A 1 83  ? -7.659  -7.725  -5.345  1.00 32.26 ? 287 PHE A CA  1 
ATOM   546  C C   . PHE A 1 83  ? -6.178  -7.817  -4.960  1.00 32.37 ? 287 PHE A C   1 
ATOM   547  O O   . PHE A 1 83  ? -5.377  -8.299  -5.752  1.00 31.56 ? 287 PHE A O   1 
ATOM   548  C CB  . PHE A 1 83  ? -7.925  -6.365  -5.982  1.00 31.29 ? 287 PHE A CB  1 
ATOM   549  C CG  . PHE A 1 83  ? -7.167  -6.147  -7.276  1.00 32.14 ? 287 PHE A CG  1 
ATOM   550  C CD1 . PHE A 1 83  ? -7.642  -6.669  -8.463  1.00 31.99 ? 287 PHE A CD1 1 
ATOM   551  C CD2 . PHE A 1 83  ? -5.983  -5.417  -7.292  1.00 32.48 ? 287 PHE A CD2 1 
ATOM   552  C CE1 . PHE A 1 83  ? -6.947  -6.470  -9.659  1.00 35.30 ? 287 PHE A CE1 1 
ATOM   553  C CE2 . PHE A 1 83  ? -5.276  -5.210  -8.466  1.00 33.73 ? 287 PHE A CE2 1 
ATOM   554  C CZ  . PHE A 1 83  ? -5.757  -5.735  -9.666  1.00 33.31 ? 287 PHE A CZ  1 
ATOM   555  N N   . PHE A 1 84  ? -5.825  -7.311  -3.776  1.00 32.06 ? 288 PHE A N   1 
ATOM   556  C CA  . PHE A 1 84  ? -4.444  -7.358  -3.302  1.00 32.70 ? 288 PHE A CA  1 
ATOM   557  C C   . PHE A 1 84  ? -4.174  -8.584  -2.436  1.00 32.94 ? 288 PHE A C   1 
ATOM   558  O O   . PHE A 1 84  ? -3.115  -8.686  -1.810  1.00 32.67 ? 288 PHE A O   1 
ATOM   559  C CB  . PHE A 1 84  ? -4.067  -6.053  -2.596  1.00 32.39 ? 288 PHE A CB  1 
ATOM   560  C CG  . PHE A 1 84  ? -3.987  -4.899  -3.528  1.00 32.67 ? 288 PHE A CG  1 
ATOM   561  C CD1 . PHE A 1 84  ? -2.911  -4.771  -4.395  1.00 33.09 ? 288 PHE A CD1 1 
ATOM   562  C CD2 . PHE A 1 84  ? -5.026  -3.979  -3.604  1.00 34.75 ? 288 PHE A CD2 1 
ATOM   563  C CE1 . PHE A 1 84  ? -2.827  -3.727  -5.309  1.00 33.56 ? 288 PHE A CE1 1 
ATOM   564  C CE2 . PHE A 1 84  ? -4.966  -2.912  -4.518  1.00 35.60 ? 288 PHE A CE2 1 
ATOM   565  C CZ  . PHE A 1 84  ? -3.859  -2.788  -5.372  1.00 35.61 ? 288 PHE A CZ  1 
ATOM   566  N N   . GLY A 1 85  ? -5.152  -9.491  -2.410  1.00 32.81 ? 289 GLY A N   1 
ATOM   567  C CA  . GLY A 1 85  ? -4.986  -10.799 -1.803  1.00 34.43 ? 289 GLY A CA  1 
ATOM   568  C C   . GLY A 1 85  ? -4.998  -10.818 -0.289  1.00 35.26 ? 289 GLY A C   1 
ATOM   569  O O   . GLY A 1 85  ? -4.245  -11.585 0.318   1.00 35.96 ? 289 GLY A O   1 
ATOM   570  N N   . LEU A 1 86  ? -5.845  -9.993  0.332   1.00 35.17 ? 290 LEU A N   1 
ATOM   571  C CA  . LEU A 1 86  ? -5.866  -9.911  1.787   1.00 35.86 ? 290 LEU A CA  1 
ATOM   572  C C   . LEU A 1 86  ? -7.270  -10.046 2.345   1.00 36.54 ? 290 LEU A C   1 
ATOM   573  O O   . LEU A 1 86  ? -8.234  -9.570  1.737   1.00 36.96 ? 290 LEU A O   1 
ATOM   574  C CB  . LEU A 1 86  ? -5.259  -8.590  2.249   1.00 35.97 ? 290 LEU A CB  1 
ATOM   575  C CG  . LEU A 1 86  ? -3.761  -8.352  2.042   1.00 36.03 ? 290 LEU A CG  1 
ATOM   576  C CD1 . LEU A 1 86  ? -3.491  -6.878  2.148   1.00 37.04 ? 290 LEU A CD1 1 
ATOM   577  C CD2 . LEU A 1 86  ? -2.904  -9.148  3.042   1.00 35.78 ? 290 LEU A CD2 1 
ATOM   578  N N   . LYS A 1 87  ? -7.373  -10.688 3.507   1.00 37.16 ? 291 LYS A N   1 
ATOM   579  C CA  . LYS A 1 87  ? -8.605  -10.710 4.310   1.00 37.91 ? 291 LYS A CA  1 
ATOM   580  C C   . LYS A 1 87  ? -8.496  -9.736  5.485   1.00 37.83 ? 291 LYS A C   1 
ATOM   581  O O   . LYS A 1 87  ? -7.398  -9.439  5.954   1.00 37.37 ? 291 LYS A O   1 
ATOM   582  C CB  . LYS A 1 87  ? -8.852  -12.108 4.866   1.00 38.48 ? 291 LYS A CB  1 
ATOM   583  C CG  . LYS A 1 87  ? -9.012  -13.196 3.808   1.00 40.27 ? 291 LYS A CG  1 
ATOM   584  C CD  . LYS A 1 87  ? -9.293  -14.545 4.465   1.00 42.19 ? 291 LYS A CD  1 
ATOM   585  C CE  . LYS A 1 87  ? -9.414  -15.646 3.425   1.00 43.06 ? 291 LYS A CE  1 
ATOM   586  N NZ  . LYS A 1 87  ? -9.169  -16.991 4.038   1.00 44.95 ? 291 LYS A NZ  1 
ATOM   587  N N   . LYS A 1 88  ? -9.636  -9.256  5.962   1.00 37.88 ? 292 LYS A N   1 
ATOM   588  C CA  . LYS A 1 88  ? -9.669  -8.301  7.071   1.00 38.53 ? 292 LYS A CA  1 
ATOM   589  C C   . LYS A 1 88  ? -8.789  -8.730  8.248   1.00 38.43 ? 292 LYS A C   1 
ATOM   590  O O   . LYS A 1 88  ? -8.013  -7.934  8.762   1.00 37.94 ? 292 LYS A O   1 
ATOM   591  C CB  . LYS A 1 88  ? -11.104 -8.095  7.557   1.00 38.43 ? 292 LYS A CB  1 
ATOM   592  C CG  . LYS A 1 88  ? -11.943 -7.181  6.678   1.00 39.67 ? 292 LYS A CG  1 
ATOM   593  C CD  . LYS A 1 88  ? -13.398 -7.131  7.144   1.00 40.23 ? 292 LYS A CD  1 
ATOM   594  C CE  . LYS A 1 88  ? -14.100 -8.484  6.927   1.00 44.10 ? 292 LYS A CE  1 
ATOM   595  N NZ  . LYS A 1 88  ? -15.461 -8.542  7.555   1.00 47.34 ? 292 LYS A NZ  1 
ATOM   596  N N   . GLU A 1 89  ? -8.918  -9.989  8.665   1.00 38.39 ? 293 GLU A N   1 
ATOM   597  C CA  . GLU A 1 89  ? -8.185  -10.530 9.813   1.00 38.78 ? 293 GLU A CA  1 
ATOM   598  C C   . GLU A 1 89  ? -6.661  -10.591 9.621   1.00 38.43 ? 293 GLU A C   1 
ATOM   599  O O   . GLU A 1 89  ? -5.921  -10.773 10.600  1.00 37.87 ? 293 GLU A O   1 
ATOM   600  C CB  . GLU A 1 89  ? -8.709  -11.934 10.151  1.00 39.28 ? 293 GLU A CB  1 
ATOM   601  C CG  . GLU A 1 89  ? -8.167  -13.021 9.221   1.00 41.54 ? 293 GLU A CG  1 
ATOM   602  C CD  . GLU A 1 89  ? -9.158  -14.142 8.947   1.00 45.85 ? 293 GLU A CD  1 
ATOM   603  O OE1 . GLU A 1 89  ? -9.985  -14.483 9.816   1.00 45.45 ? 293 GLU A OE1 1 
ATOM   604  O OE2 . GLU A 1 89  ? -9.086  -14.705 7.837   1.00 49.43 ? 293 GLU A OE2 1 
ATOM   605  N N   . GLU A 1 90  ? -6.211  -10.471 8.366   1.00 37.85 ? 294 GLU A N   1 
ATOM   606  C CA  . GLU A 1 90  ? -4.783  -10.442 8.030   1.00 37.93 ? 294 GLU A CA  1 
ATOM   607  C C   . GLU A 1 90  ? -4.167  -9.058  8.113   1.00 36.88 ? 294 GLU A C   1 
ATOM   608  O O   . GLU A 1 90  ? -2.959  -8.918  8.005   1.00 36.70 ? 294 GLU A O   1 
ATOM   609  C CB  . GLU A 1 90  ? -4.531  -10.961 6.615   1.00 38.18 ? 294 GLU A CB  1 
ATOM   610  C CG  . GLU A 1 90  ? -5.017  -12.372 6.354   1.00 42.02 ? 294 GLU A CG  1 
ATOM   611  C CD  . GLU A 1 90  ? -4.798  -12.764 4.913   1.00 45.57 ? 294 GLU A CD  1 
ATOM   612  O OE1 . GLU A 1 90  ? -5.724  -13.332 4.304   1.00 47.91 ? 294 GLU A OE1 1 
ATOM   613  O OE2 . GLU A 1 90  ? -3.695  -12.495 4.391   1.00 48.19 ? 294 GLU A OE2 1 
ATOM   614  N N   . CYS A 1 91  ? -4.992  -8.030  8.245   1.00 36.14 ? 295 CYS A N   1 
ATOM   615  C CA  . CYS A 1 91  ? -4.474  -6.669  8.337   1.00 35.23 ? 295 CYS A CA  1 
ATOM   616  C C   . CYS A 1 91  ? -4.248  -6.339  9.803   1.00 34.70 ? 295 CYS A C   1 
ATOM   617  O O   . CYS A 1 91  ? -4.861  -6.946  10.659  1.00 34.53 ? 295 CYS A O   1 
ATOM   618  C CB  . CYS A 1 91  ? -5.436  -5.691  7.679   1.00 34.61 ? 295 CYS A CB  1 
ATOM   619  S SG  . CYS A 1 91  ? -5.785  -6.167  5.969   1.00 33.69 ? 295 CYS A SG  1 
ATOM   620  N N   . PRO A 1 92  ? -3.372  -5.369  10.103  1.00 34.97 ? 296 PRO A N   1 
ATOM   621  C CA  . PRO A 1 92  ? -2.693  -4.461  9.180   1.00 34.82 ? 296 PRO A CA  1 
ATOM   622  C C   . PRO A 1 92  ? -1.586  -5.165  8.390   1.00 35.04 ? 296 PRO A C   1 
ATOM   623  O O   . PRO A 1 92  ? -0.911  -6.046  8.928   1.00 34.86 ? 296 PRO A O   1 
ATOM   624  C CB  . PRO A 1 92  ? -2.085  -3.392  10.105  1.00 34.75 ? 296 PRO A CB  1 
ATOM   625  C CG  . PRO A 1 92  ? -1.993  -4.023  11.428  1.00 35.23 ? 296 PRO A CG  1 
ATOM   626  C CD  . PRO A 1 92  ? -2.958  -5.160  11.504  1.00 34.63 ? 296 PRO A CD  1 
ATOM   627  N N   . ALA A 1 93  ? -1.407  -4.767  7.135   1.00 34.27 ? 297 ALA A N   1 
ATOM   628  C CA  . ALA A 1 93  ? -0.359  -5.328  6.284   1.00 34.89 ? 297 ALA A CA  1 
ATOM   629  C C   . ALA A 1 93  ? 0.092   -4.269  5.278   1.00 35.09 ? 297 ALA A C   1 
ATOM   630  O O   . ALA A 1 93  ? -0.689  -3.390  4.897   1.00 34.72 ? 297 ALA A O   1 
ATOM   631  C CB  . ALA A 1 93  ? -0.872  -6.597  5.560   1.00 34.29 ? 297 ALA A CB  1 
ATOM   632  N N   . VAL A 1 94  ? 1.349   -4.344  4.861   1.00 35.32 ? 298 VAL A N   1 
ATOM   633  C CA  . VAL A 1 94  ? 1.845   -3.452  3.819   1.00 36.18 ? 298 VAL A CA  1 
ATOM   634  C C   . VAL A 1 94  ? 2.187   -4.233  2.551   1.00 35.95 ? 298 VAL A C   1 
ATOM   635  O O   . VAL A 1 94  ? 2.722   -5.337  2.616   1.00 36.38 ? 298 VAL A O   1 
ATOM   636  C CB  . VAL A 1 94  ? 3.064   -2.578  4.277   1.00 36.42 ? 298 VAL A CB  1 
ATOM   637  C CG1 . VAL A 1 94  ? 3.966   -3.347  5.147   1.00 37.45 ? 298 VAL A CG1 1 
ATOM   638  C CG2 . VAL A 1 94  ? 3.850   -2.114  3.089   1.00 37.04 ? 298 VAL A CG2 1 
ATOM   639  N N   . ARG A 1 95  ? 1.839   -3.659  1.407   1.00 35.06 ? 299 ARG A N   1 
ATOM   640  C CA  . ARG A 1 95  ? 2.199   -4.211  0.107   1.00 35.04 ? 299 ARG A CA  1 
ATOM   641  C C   . ARG A 1 95  ? 2.642   -3.028  -0.747  1.00 34.99 ? 299 ARG A C   1 
ATOM   642  O O   . ARG A 1 95  ? 1.984   -1.980  -0.767  1.00 35.16 ? 299 ARG A O   1 
ATOM   643  C CB  . ARG A 1 95  ? 1.020   -4.937  -0.554  1.00 34.32 ? 299 ARG A CB  1 
ATOM   644  C CG  . ARG A 1 95  ? 0.452   -6.106  0.230   1.00 34.53 ? 299 ARG A CG  1 
ATOM   645  C CD  . ARG A 1 95  ? 1.441   -7.257  0.311   1.00 31.10 ? 299 ARG A CD  1 
ATOM   646  N NE  . ARG A 1 95  ? 0.877   -8.425  0.991   1.00 32.34 ? 299 ARG A NE  1 
ATOM   647  C CZ  . ARG A 1 95  ? 1.126   -8.735  2.256   1.00 32.55 ? 299 ARG A CZ  1 
ATOM   648  N NH1 . ARG A 1 95  ? 1.912   -7.941  2.975   1.00 32.06 ? 299 ARG A NH1 1 
ATOM   649  N NH2 . ARG A 1 95  ? 0.594   -9.826  2.798   1.00 34.13 ? 299 ARG A NH2 1 
ATOM   650  N N   . LEU A 1 96  ? 3.783   -3.185  -1.395  1.00 35.17 ? 300 LEU A N   1 
ATOM   651  C CA  . LEU A 1 96  ? 4.287   -2.193  -2.348  1.00 35.29 ? 300 LEU A CA  1 
ATOM   652  C C   . LEU A 1 96  ? 3.982   -2.710  -3.767  1.00 35.71 ? 300 LEU A C   1 
ATOM   653  O O   . LEU A 1 96  ? 4.246   -3.876  -4.092  1.00 34.78 ? 300 LEU A O   1 
ATOM   654  C CB  . LEU A 1 96  ? 5.777   -1.934  -2.087  1.00 34.69 ? 300 LEU A CB  1 
ATOM   655  C CG  . LEU A 1 96  ? 6.678   -0.901  -2.788  1.00 36.21 ? 300 LEU A CG  1 
ATOM   656  C CD1 . LEU A 1 96  ? 5.972   0.373   -3.113  1.00 39.59 ? 300 LEU A CD1 1 
ATOM   657  C CD2 . LEU A 1 96  ? 7.878   -0.557  -1.913  1.00 34.55 ? 300 LEU A CD2 1 
ATOM   658  N N   . ILE A 1 97  ? 3.395   -1.836  -4.579  1.00 36.29 ? 301 ILE A N   1 
ATOM   659  C CA  . ILE A 1 97  ? 2.882   -2.177  -5.896  1.00 37.55 ? 301 ILE A CA  1 
ATOM   660  C C   . ILE A 1 97  ? 3.604   -1.310  -6.937  1.00 38.23 ? 301 ILE A C   1 
ATOM   661  O O   . ILE A 1 97  ? 3.792   -0.115  -6.717  1.00 37.59 ? 301 ILE A O   1 
ATOM   662  C CB  . ILE A 1 97  ? 1.336   -1.934  -5.996  1.00 37.50 ? 301 ILE A CB  1 
ATOM   663  C CG1 . ILE A 1 97  ? 0.607   -2.481  -4.761  1.00 39.00 ? 301 ILE A CG1 1 
ATOM   664  C CG2 . ILE A 1 97  ? 0.754   -2.546  -7.264  1.00 38.08 ? 301 ILE A CG2 1 
ATOM   665  C CD1 . ILE A 1 97  ? 0.672   -3.988  -4.627  1.00 38.60 ? 301 ILE A CD1 1 
ATOM   666  N N   . THR A 1 98  ? 4.032   -1.940  -8.030  1.00 38.56 ? 302 THR A N   1 
ATOM   667  C CA  . THR A 1 98  ? 4.542   -1.226  -9.208  1.00 39.92 ? 302 THR A CA  1 
ATOM   668  C C   . THR A 1 98  ? 3.612   -1.456  -10.399 1.00 40.89 ? 302 THR A C   1 
ATOM   669  O O   . THR A 1 98  ? 3.109   -2.570  -10.613 1.00 40.47 ? 302 THR A O   1 
ATOM   670  C CB  . THR A 1 98  ? 5.978   -1.641  -9.618  1.00 39.27 ? 302 THR A CB  1 
ATOM   671  O OG1 . THR A 1 98  ? 5.992   -3.017  -10.018 1.00 39.02 ? 302 THR A OG1 1 
ATOM   672  C CG2 . THR A 1 98  ? 6.954   -1.434  -8.478  1.00 39.35 ? 302 THR A CG2 1 
ATOM   673  N N   . LEU A 1 99  ? 3.390   -0.392  -11.158 1.00 42.48 ? 303 LEU A N   1 
ATOM   674  C CA  . LEU A 1 99  ? 2.549   -0.453  -12.338 1.00 44.30 ? 303 LEU A CA  1 
ATOM   675  C C   . LEU A 1 99  ? 3.272   -0.118  -13.628 1.00 45.26 ? 303 LEU A C   1 
ATOM   676  O O   . LEU A 1 99  ? 2.629   0.011   -14.663 1.00 45.92 ? 303 LEU A O   1 
ATOM   677  C CB  . LEU A 1 99  ? 1.336   0.462   -12.185 1.00 44.59 ? 303 LEU A CB  1 
ATOM   678  C CG  . LEU A 1 99  ? 0.140   -0.080  -11.413 1.00 45.56 ? 303 LEU A CG  1 
ATOM   679  C CD1 . LEU A 1 99  ? 0.341   0.148   -9.924  1.00 47.18 ? 303 LEU A CD1 1 
ATOM   680  C CD2 . LEU A 1 99  ? -1.126  0.612   -11.886 1.00 46.31 ? 303 LEU A CD2 1 
ATOM   681  N N   . GLU A 1 100 ? 4.590   0.041   -13.580 1.00 46.77 ? 304 GLU A N   1 
ATOM   682  C CA  . GLU A 1 100 ? 5.381   0.146   -14.811 1.00 48.22 ? 304 GLU A CA  1 
ATOM   683  C C   . GLU A 1 100 ? 6.123   -1.158  -15.172 1.00 48.92 ? 304 GLU A C   1 
ATOM   684  O O   . GLU A 1 100 ? 7.285   -1.369  -14.775 1.00 49.60 ? 304 GLU A O   1 
ATOM   685  C CB  . GLU A 1 100 ? 6.316   1.382   -14.849 1.00 48.27 ? 304 GLU A CB  1 
ATOM   686  C CG  . GLU A 1 100 ? 6.685   2.007   -13.504 1.00 48.79 ? 304 GLU A CG  1 
ATOM   687  C CD  . GLU A 1 100 ? 7.376   3.361   -13.664 0.50 48.28 ? 304 GLU A CD  1 
ATOM   688  O OE1 . GLU A 1 100 ? 7.127   4.046   -14.679 0.50 48.07 ? 304 GLU A OE1 1 
ATOM   689  O OE2 . GLU A 1 100 ? 8.170   3.741   -12.777 0.50 47.79 ? 304 GLU A OE2 1 
ATOM   690  N N   . GLU A 1 101 ? 5.446   -2.024  -15.933 1.00 49.19 ? 305 GLU A N   1 
ATOM   691  C CA  . GLU A 1 101 ? 4.086   -1.735  -16.394 1.00 49.09 ? 305 GLU A CA  1 
ATOM   692  C C   . GLU A 1 101 ? 3.042   -2.863  -16.238 1.00 49.05 ? 305 GLU A C   1 
ATOM   693  O O   . GLU A 1 101 ? 1.843   -2.574  -16.170 1.00 49.61 ? 305 GLU A O   1 
ATOM   694  C CB  . GLU A 1 101 ? 4.093   -1.144  -17.798 1.00 49.46 ? 305 GLU A CB  1 
ATOM   695  C CG  . GLU A 1 101 ? 3.197   0.081   -17.963 1.00 49.45 ? 305 GLU A CG  1 
ATOM   696  C CD  . GLU A 1 101 ? 3.156   0.584   -19.402 0.50 49.20 ? 305 GLU A CD  1 
ATOM   697  O OE1 . GLU A 1 101 ? 2.940   1.799   -19.598 0.50 49.34 ? 305 GLU A OE1 1 
ATOM   698  O OE2 . GLU A 1 101 ? 3.341   -0.228  -20.337 0.50 49.25 ? 305 GLU A OE2 1 
ATOM   699  N N   . GLU A 1 102 ? 3.471   -4.127  -16.166 1.00 48.35 ? 306 GLU A N   1 
ATOM   700  C CA  . GLU A 1 102 ? 2.591   -5.165  -15.597 1.00 47.32 ? 306 GLU A CA  1 
ATOM   701  C C   . GLU A 1 102 ? 2.539   -4.994  -14.056 1.00 46.40 ? 306 GLU A C   1 
ATOM   702  O O   . GLU A 1 102 ? 3.512   -4.539  -13.444 1.00 46.39 ? 306 GLU A O   1 
ATOM   703  C CB  . GLU A 1 102 ? 3.031   -6.578  -15.998 1.00 47.50 ? 306 GLU A CB  1 
ATOM   704  C CG  . GLU A 1 102 ? 4.387   -7.024  -15.450 1.00 48.63 ? 306 GLU A CG  1 
ATOM   705  C CD  . GLU A 1 102 ? 5.580   -6.638  -16.329 1.00 50.01 ? 306 GLU A CD  1 
ATOM   706  O OE1 . GLU A 1 102 ? 6.720   -6.954  -15.940 1.00 48.61 ? 306 GLU A OE1 1 
ATOM   707  O OE2 . GLU A 1 102 ? 5.389   -6.025  -17.403 1.00 51.25 ? 306 GLU A OE2 1 
ATOM   708  N N   . MET A 1 103 ? 1.416   -5.345  -13.443 1.00 44.59 ? 307 MET A N   1 
ATOM   709  C CA  . MET A 1 103 ? 1.245   -5.151  -12.002 1.00 44.42 ? 307 MET A CA  1 
ATOM   710  C C   . MET A 1 103 ? 2.012   -6.158  -11.146 1.00 41.87 ? 307 MET A C   1 
ATOM   711  O O   . MET A 1 103 ? 1.785   -7.366  -11.255 1.00 41.38 ? 307 MET A O   1 
ATOM   712  C CB  . MET A 1 103 ? -0.235  -5.164  -11.633 1.00 44.09 ? 307 MET A CB  1 
ATOM   713  C CG  . MET A 1 103 ? -0.545  -4.408  -10.399 1.00 45.83 ? 307 MET A CG  1 
ATOM   714  S SD  . MET A 1 103 ? -2.299  -3.990  -10.338 1.00 48.89 ? 307 MET A SD  1 
ATOM   715  C CE  . MET A 1 103 ? -2.277  -2.876  -8.937  1.00 45.89 ? 307 MET A CE  1 
ATOM   716  N N   . THR A 1 104 ? 2.898   -5.640  -10.288 1.00 39.68 ? 308 THR A N   1 
ATOM   717  C CA  . THR A 1 104 ? 3.737   -6.454  -9.407  1.00 37.17 ? 308 THR A CA  1 
ATOM   718  C C   . THR A 1 104 ? 3.650   -6.014  -7.957  1.00 36.79 ? 308 THR A C   1 
ATOM   719  O O   . THR A 1 104 ? 3.685   -4.823  -7.651  1.00 35.92 ? 308 THR A O   1 
ATOM   720  C CB  . THR A 1 104 ? 5.242   -6.409  -9.808  1.00 37.15 ? 308 THR A CB  1 
ATOM   721  O OG1 . THR A 1 104 ? 5.375   -6.566  -11.226 1.00 36.20 ? 308 THR A OG1 1 
ATOM   722  C CG2 . THR A 1 104 ? 6.030   -7.493  -9.074  1.00 33.43 ? 308 THR A CG2 1 
ATOM   723  N N   . LYS A 1 105 ? 3.619   -7.012  -7.076  1.00 36.37 ? 309 LYS A N   1 
ATOM   724  C CA  . LYS A 1 105 ? 3.389   -6.834  -5.648  1.00 36.05 ? 309 LYS A CA  1 
ATOM   725  C C   . LYS A 1 105 ? 4.607   -7.325  -4.885  1.00 35.20 ? 309 LYS A C   1 
ATOM   726  O O   . LYS A 1 105 ? 5.176   -8.383  -5.229  1.00 34.40 ? 309 LYS A O   1 
ATOM   727  C CB  . LYS A 1 105 ? 2.155   -7.656  -5.272  1.00 36.14 ? 309 LYS A CB  1 
ATOM   728  C CG  . LYS A 1 105 ? 1.719   -7.595  -3.828  1.00 38.17 ? 309 LYS A CG  1 
ATOM   729  C CD  . LYS A 1 105 ? 0.379   -8.323  -3.665  1.00 40.46 ? 309 LYS A CD  1 
ATOM   730  C CE  . LYS A 1 105 ? 0.586   -9.840  -3.588  1.00 40.95 ? 309 LYS A CE  1 
ATOM   731  N NZ  . LYS A 1 105 ? -0.696  -10.524 -3.226  1.00 41.36 ? 309 LYS A NZ  1 
ATOM   732  N N   . TYR A 1 106 ? 5.017   -6.542  -3.875  1.00 34.48 ? 310 TYR A N   1 
ATOM   733  C CA  . TYR A 1 106 ? 6.185   -6.827  -3.031  1.00 33.88 ? 310 TYR A CA  1 
ATOM   734  C C   . TYR A 1 106 ? 5.760   -6.814  -1.566  1.00 35.08 ? 310 TYR A C   1 
ATOM   735  O O   . TYR A 1 106 ? 4.882   -6.027  -1.175  1.00 34.27 ? 310 TYR A O   1 
ATOM   736  C CB  . TYR A 1 106 ? 7.286   -5.783  -3.260  1.00 33.77 ? 310 TYR A CB  1 
ATOM   737  C CG  . TYR A 1 106 ? 7.795   -5.718  -4.682  1.00 31.89 ? 310 TYR A CG  1 
ATOM   738  C CD1 . TYR A 1 106 ? 7.093   -5.028  -5.662  1.00 30.65 ? 310 TYR A CD1 1 
ATOM   739  C CD2 . TYR A 1 106 ? 9.008   -6.311  -5.035  1.00 30.27 ? 310 TYR A CD2 1 
ATOM   740  C CE1 . TYR A 1 106 ? 7.565   -4.962  -6.980  1.00 30.73 ? 310 TYR A CE1 1 
ATOM   741  C CE2 . TYR A 1 106 ? 9.493   -6.236  -6.340  1.00 29.08 ? 310 TYR A CE2 1 
ATOM   742  C CZ  . TYR A 1 106 ? 8.767   -5.572  -7.301  1.00 30.10 ? 310 TYR A CZ  1 
ATOM   743  O OH  . TYR A 1 106 ? 9.231   -5.523  -8.602  1.00 32.75 ? 310 TYR A OH  1 
ATOM   744  N N   . LYS A 1 107 ? 6.366   -7.703  -0.776  1.00 36.19 ? 311 LYS A N   1 
ATOM   745  C CA  . LYS A 1 107 ? 5.995   -7.947  0.631   1.00 38.32 ? 311 LYS A CA  1 
ATOM   746  C C   . LYS A 1 107 ? 7.190   -7.626  1.507   1.00 38.54 ? 311 LYS A C   1 
ATOM   747  O O   . LYS A 1 107 ? 8.295   -8.008  1.163   1.00 38.54 ? 311 LYS A O   1 
ATOM   748  C CB  . LYS A 1 107 ? 5.711   -9.431  0.870   1.00 38.63 ? 311 LYS A CB  1 
ATOM   749  C CG  . LYS A 1 107 ? 4.417   -9.952  0.296   1.00 42.79 ? 311 LYS A CG  1 
ATOM   750  C CD  . LYS A 1 107 ? 3.743   -10.918 1.277   1.00 47.07 ? 311 LYS A CD  1 
ATOM   751  C CE  . LYS A 1 107 ? 4.496   -12.226 1.446   1.00 47.81 ? 311 LYS A CE  1 
ATOM   752  N NZ  . LYS A 1 107 ? 3.667   -13.252 2.164   1.00 49.84 ? 311 LYS A NZ  1 
ATOM   753  N N   . PRO A 1 108 ? 6.972   -6.952  2.649   1.00 39.31 ? 312 PRO A N   1 
ATOM   754  C CA  . PRO A 1 108 ? 8.076   -6.750  3.602   1.00 40.15 ? 312 PRO A CA  1 
ATOM   755  C C   . PRO A 1 108 ? 8.475   -8.035  4.317   1.00 41.07 ? 312 PRO A C   1 
ATOM   756  O O   . PRO A 1 108 ? 7.699   -8.992  4.353   1.00 40.46 ? 312 PRO A O   1 
ATOM   757  C CB  . PRO A 1 108 ? 7.509   -5.720  4.598   1.00 39.95 ? 312 PRO A CB  1 
ATOM   758  C CG  . PRO A 1 108 ? 6.029   -5.877  4.500   1.00 39.78 ? 312 PRO A CG  1 
ATOM   759  C CD  . PRO A 1 108 ? 5.716   -6.323  3.103   1.00 39.29 ? 312 PRO A CD  1 
ATOM   760  N N   . GLU A 1 109 ? 9.694   -8.048  4.857   1.00 42.93 ? 313 GLU A N   1 
ATOM   761  C CA  . GLU A 1 109 ? 10.202  -9.187  5.621   1.00 44.90 ? 313 GLU A CA  1 
ATOM   762  C C   . GLU A 1 109 ? 9.456   -9.341  6.960   1.00 46.10 ? 313 GLU A C   1 
ATOM   763  O O   . GLU A 1 109 ? 9.072   -10.453 7.356   1.00 46.52 ? 313 GLU A O   1 
ATOM   764  C CB  . GLU A 1 109 ? 11.721  -9.057  5.837   0.50 44.74 ? 313 GLU A CB  1 
ATOM   765  C CG  . GLU A 1 109 ? 12.547  -9.210  4.545   0.50 45.15 ? 313 GLU A CG  1 
ATOM   766  C CD  . GLU A 1 109 ? 14.052  -8.991  4.729   0.50 44.99 ? 313 GLU A CD  1 
ATOM   767  O OE1 . GLU A 1 109 ? 14.533  -8.906  5.885   0.50 45.33 ? 313 GLU A OE1 1 
ATOM   768  O OE2 . GLU A 1 109 ? 14.760  -8.906  3.703   0.50 44.19 ? 313 GLU A OE2 1 
ATOM   769  N N   . SER A 1 110 ? 9.222   -8.225  7.644   1.00 47.42 ? 314 SER A N   1 
ATOM   770  C CA  . SER A 1 110 ? 8.528   -8.260  8.938   1.00 48.38 ? 314 SER A CA  1 
ATOM   771  C C   . SER A 1 110 ? 7.151   -7.590  8.899   1.00 48.80 ? 314 SER A C   1 
ATOM   772  O O   . SER A 1 110 ? 6.916   -6.690  8.090   1.00 49.43 ? 314 SER A O   1 
ATOM   773  C CB  . SER A 1 110 ? 9.391   -7.578  9.979   1.00 48.13 ? 314 SER A CB  1 
ATOM   774  O OG  . SER A 1 110 ? 9.659   -6.266  9.545   1.00 48.67 ? 314 SER A OG  1 
ATOM   775  N N   . GLU A 1 111 ? 6.247   -8.029  9.774   1.00 49.28 ? 315 GLU A N   1 
ATOM   776  C CA  . GLU A 1 111 ? 4.923   -7.392  9.914   1.00 49.85 ? 315 GLU A CA  1 
ATOM   777  C C   . GLU A 1 111 ? 4.993   -6.065  10.685  1.00 49.48 ? 315 GLU A C   1 
ATOM   778  O O   . GLU A 1 111 ? 3.985   -5.354  10.812  1.00 49.60 ? 315 GLU A O   1 
ATOM   779  C CB  . GLU A 1 111 ? 3.932   -8.325  10.618  1.00 50.07 ? 315 GLU A CB  1 
ATOM   780  C CG  . GLU A 1 111 ? 3.077   -9.154  9.682   1.00 51.22 ? 315 GLU A CG  1 
ATOM   781  C CD  . GLU A 1 111 ? 3.857   -10.292 9.084   0.50 52.48 ? 315 GLU A CD  1 
ATOM   782  O OE1 . GLU A 1 111 ? 4.276   -11.190 9.849   0.50 53.55 ? 315 GLU A OE1 1 
ATOM   783  O OE2 . GLU A 1 111 ? 4.062   -10.284 7.855   0.50 52.84 ? 315 GLU A OE2 1 
ATOM   784  N N   . GLU A 1 112 ? 6.178   -5.748  11.201  1.00 48.77 ? 316 GLU A N   1 
ATOM   785  C CA  . GLU A 1 112 ? 6.344   -4.583  12.062  1.00 48.16 ? 316 GLU A CA  1 
ATOM   786  C C   . GLU A 1 112 ? 6.123   -3.305  11.264  1.00 47.66 ? 316 GLU A C   1 
ATOM   787  O O   . GLU A 1 112 ? 6.582   -3.182  10.113  1.00 47.97 ? 316 GLU A O   1 
ATOM   788  C CB  . GLU A 1 112 ? 7.695   -4.611  12.793  1.00 48.19 ? 316 GLU A CB  1 
ATOM   789  C CG  . GLU A 1 112 ? 7.871   -5.783  13.779  0.50 47.75 ? 316 GLU A CG  1 
ATOM   790  C CD  . GLU A 1 112 ? 6.902   -5.741  14.963  0.50 48.07 ? 316 GLU A CD  1 
ATOM   791  O OE1 . GLU A 1 112 ? 7.331   -5.343  16.065  0.50 47.50 ? 316 GLU A OE1 1 
ATOM   792  O OE2 . GLU A 1 112 ? 5.714   -6.107  14.797  0.50 47.18 ? 316 GLU A OE2 1 
ATOM   793  N N   . LEU A 1 113 ? 5.378   -2.387  11.873  1.00 46.47 ? 317 LEU A N   1 
ATOM   794  C CA  . LEU A 1 113 ? 4.790   -1.266  11.158  1.00 45.79 ? 317 LEU A CA  1 
ATOM   795  C C   . LEU A 1 113 ? 5.357   0.063   11.634  1.00 44.83 ? 317 LEU A C   1 
ATOM   796  O O   . LEU A 1 113 ? 4.721   1.110   11.485  1.00 45.59 ? 317 LEU A O   1 
ATOM   797  C CB  . LEU A 1 113 ? 3.274   -1.266  11.361  1.00 45.81 ? 317 LEU A CB  1 
ATOM   798  C CG  . LEU A 1 113 ? 2.428   -2.265  10.584  1.00 47.00 ? 317 LEU A CG  1 
ATOM   799  C CD1 . LEU A 1 113 ? 0.984   -1.966  10.919  1.00 48.10 ? 317 LEU A CD1 1 
ATOM   800  C CD2 . LEU A 1 113 ? 2.659   -2.153  9.095   1.00 44.98 ? 317 LEU A CD2 1 
ATOM   801  N N   . THR A 1 114 ? 6.538   0.017   12.231  1.00 42.71 ? 318 THR A N   1 
ATOM   802  C CA  . THR A 1 114 ? 7.241   1.218   12.626  1.00 40.41 ? 318 THR A CA  1 
ATOM   803  C C   . THR A 1 114 ? 7.734   1.988   11.409  1.00 39.44 ? 318 THR A C   1 
ATOM   804  O O   . THR A 1 114 ? 7.915   1.415   10.325  1.00 37.99 ? 318 THR A O   1 
ATOM   805  C CB  . THR A 1 114 ? 8.438   0.870   13.534  1.00 40.75 ? 318 THR A CB  1 
ATOM   806  O OG1 . THR A 1 114 ? 9.361   0.047   12.805  1.00 39.23 ? 318 THR A OG1 1 
ATOM   807  C CG2 . THR A 1 114 ? 7.947   0.121   14.767  1.00 39.64 ? 318 THR A CG2 1 
ATOM   808  N N   . ALA A 1 115 ? 7.952   3.287   11.592  1.00 38.78 ? 319 ALA A N   1 
ATOM   809  C CA  . ALA A 1 115 ? 8.450   4.137   10.519  1.00 38.92 ? 319 ALA A CA  1 
ATOM   810  C C   . ALA A 1 115 ? 9.775   3.591   9.973   1.00 39.40 ? 319 ALA A C   1 
ATOM   811  O O   . ALA A 1 115 ? 10.001  3.606   8.763   1.00 38.90 ? 319 ALA A O   1 
ATOM   812  C CB  . ALA A 1 115 ? 8.616   5.556   11.001  1.00 38.81 ? 319 ALA A CB  1 
ATOM   813  N N   . GLU A 1 116 ? 10.628  3.095   10.876  1.00 39.64 ? 320 GLU A N   1 
ATOM   814  C CA  . GLU A 1 116 ? 11.928  2.555   10.505  1.00 40.58 ? 320 GLU A CA  1 
ATOM   815  C C   . GLU A 1 116 ? 11.803  1.335   9.604   1.00 39.93 ? 320 GLU A C   1 
ATOM   816  O O   . GLU A 1 116 ? 12.463  1.265   8.578   1.00 40.04 ? 320 GLU A O   1 
ATOM   817  C CB  . GLU A 1 116 ? 12.788  2.232   11.743  1.00 40.62 ? 320 GLU A CB  1 
ATOM   818  C CG  . GLU A 1 116 ? 13.674  3.386   12.190  1.00 41.46 ? 320 GLU A CG  1 
ATOM   819  C CD  . GLU A 1 116 ? 14.826  2.961   13.117  1.00 42.96 ? 320 GLU A CD  1 
ATOM   820  O OE1 . GLU A 1 116 ? 15.966  2.743   12.623  1.00 45.88 ? 320 GLU A OE1 1 
ATOM   821  O OE2 . GLU A 1 116 ? 14.605  2.875   14.347  1.00 45.39 ? 320 GLU A OE2 1 
ATOM   822  N N   . ARG A 1 117 ? 10.951  0.387   9.987   1.00 39.46 ? 321 ARG A N   1 
ATOM   823  C CA  . ARG A 1 117 ? 10.770  -0.841  9.223   1.00 39.39 ? 321 ARG A CA  1 
ATOM   824  C C   . ARG A 1 117 ? 10.087  -0.604  7.882   1.00 38.11 ? 321 ARG A C   1 
ATOM   825  O O   . ARG A 1 117 ? 10.436  -1.250  6.891   1.00 38.60 ? 321 ARG A O   1 
ATOM   826  C CB  . ARG A 1 117 ? 10.040  -1.908  10.046  1.00 39.82 ? 321 ARG A CB  1 
ATOM   827  C CG  . ARG A 1 117 ? 10.949  -2.506  11.128  1.00 42.99 ? 321 ARG A CG  1 
ATOM   828  C CD  . ARG A 1 117 ? 10.758  -4.014  11.331  1.00 45.45 ? 321 ARG A CD  1 
ATOM   829  N NE  . ARG A 1 117 ? 11.775  -4.575  12.231  0.50 46.29 ? 321 ARG A NE  1 
ATOM   830  C CZ  . ARG A 1 117 ? 11.703  -5.769  12.822  0.50 46.61 ? 321 ARG A CZ  1 
ATOM   831  N NH1 . ARG A 1 117 ? 10.656  -6.562  12.636  0.50 47.12 ? 321 ARG A NH1 1 
ATOM   832  N NH2 . ARG A 1 117 ? 12.687  -6.173  13.616  0.50 46.96 ? 321 ARG A NH2 1 
ATOM   833  N N   . ILE A 1 118 ? 9.152   0.339   7.839   1.00 36.93 ? 322 ILE A N   1 
ATOM   834  C CA  . ILE A 1 118 ? 8.492   0.709   6.579   1.00 36.36 ? 322 ILE A CA  1 
ATOM   835  C C   . ILE A 1 118 ? 9.504   1.376   5.645   1.00 36.00 ? 322 ILE A C   1 
ATOM   836  O O   . ILE A 1 118 ? 9.528   1.104   4.440   1.00 35.77 ? 322 ILE A O   1 
ATOM   837  C CB  . ILE A 1 118 ? 7.255   1.618   6.790   1.00 36.39 ? 322 ILE A CB  1 
ATOM   838  C CG1 . ILE A 1 118 ? 6.163   0.844   7.532   1.00 36.51 ? 322 ILE A CG1 1 
ATOM   839  C CG2 . ILE A 1 118 ? 6.734   2.161   5.435   1.00 34.65 ? 322 ILE A CG2 1 
ATOM   840  C CD1 . ILE A 1 118 ? 5.243   1.714   8.362   1.00 38.16 ? 322 ILE A CD1 1 
ATOM   841  N N   . THR A 1 119 ? 10.355  2.218   6.227   1.00 35.19 ? 323 THR A N   1 
ATOM   842  C CA  . THR A 1 119 ? 11.380  2.932   5.491   1.00 34.82 ? 323 THR A CA  1 
ATOM   843  C C   . THR A 1 119 ? 12.412  1.968   4.923   1.00 35.11 ? 323 THR A C   1 
ATOM   844  O O   . THR A 1 119 ? 12.841  2.108   3.763   1.00 35.37 ? 323 THR A O   1 
ATOM   845  C CB  . THR A 1 119 ? 12.067  3.966   6.404   1.00 34.54 ? 323 THR A CB  1 
ATOM   846  O OG1 . THR A 1 119 ? 11.146  5.026   6.671   1.00 34.40 ? 323 THR A OG1 1 
ATOM   847  C CG2 . THR A 1 119 ? 13.305  4.524   5.751   1.00 33.70 ? 323 THR A CG2 1 
ATOM   848  N N   . GLU A 1 120 ? 12.828  1.002   5.743   1.00 34.62 ? 324 GLU A N   1 
ATOM   849  C CA  . GLU A 1 120 ? 13.795  0.016   5.294   1.00 34.44 ? 324 GLU A CA  1 
ATOM   850  C C   . GLU A 1 120 ? 13.184  -0.811  4.154   1.00 34.18 ? 324 GLU A C   1 
ATOM   851  O O   . GLU A 1 120 ? 13.835  -1.022  3.121   1.00 34.67 ? 324 GLU A O   1 
ATOM   852  C CB  . GLU A 1 120 ? 14.265  -0.862  6.455   1.00 34.38 ? 324 GLU A CB  1 
ATOM   853  C CG  . GLU A 1 120 ? 15.625  -1.574  6.211   0.50 35.59 ? 324 GLU A CG  1 
ATOM   854  C CD  . GLU A 1 120 ? 16.752  -0.648  5.708   0.50 35.80 ? 324 GLU A CD  1 
ATOM   855  O OE1 . GLU A 1 120 ? 17.012  0.414   6.320   0.50 36.42 ? 324 GLU A OE1 1 
ATOM   856  O OE2 . GLU A 1 120 ? 17.394  -0.996  4.699   0.50 35.24 ? 324 GLU A OE2 1 
ATOM   857  N N   . PHE A 1 121 ? 11.930  -1.241  4.321   1.00 33.24 ? 325 PHE A N   1 
ATOM   858  C CA  . PHE A 1 121 ? 11.205  -1.957  3.267   1.00 32.46 ? 325 PHE A CA  1 
ATOM   859  C C   . PHE A 1 121 ? 11.326  -1.188  1.971   1.00 32.25 ? 325 PHE A C   1 
ATOM   860  O O   . PHE A 1 121 ? 11.685  -1.762  0.948   1.00 32.94 ? 325 PHE A O   1 
ATOM   861  C CB  . PHE A 1 121 ? 9.727   -2.195  3.653   1.00 31.91 ? 325 PHE A CB  1 
ATOM   862  C CG  . PHE A 1 121 ? 8.877   -2.823  2.561   1.00 32.03 ? 325 PHE A CG  1 
ATOM   863  C CD1 . PHE A 1 121 ? 9.321   -3.938  1.844   1.00 30.50 ? 325 PHE A CD1 1 
ATOM   864  C CD2 . PHE A 1 121 ? 7.600   -2.335  2.293   1.00 32.28 ? 325 PHE A CD2 1 
ATOM   865  C CE1 . PHE A 1 121 ? 8.531   -4.511  0.844   1.00 30.01 ? 325 PHE A CE1 1 
ATOM   866  C CE2 . PHE A 1 121 ? 6.792   -2.926  1.294   1.00 30.62 ? 325 PHE A CE2 1 
ATOM   867  C CZ  . PHE A 1 121 ? 7.272   -3.999  0.565   1.00 30.42 ? 325 PHE A CZ  1 
ATOM   868  N N   . CYS A 1 122 ? 11.082  0.114   2.024   1.00 32.21 ? 326 CYS A N   1 
ATOM   869  C CA  . CYS A 1 122 ? 11.061  0.920   0.816   1.00 32.73 ? 326 CYS A CA  1 
ATOM   870  C C   . CYS A 1 122 ? 12.430  1.080   0.180   1.00 33.33 ? 326 CYS A C   1 
ATOM   871  O O   . CYS A 1 122 ? 12.531  1.081   -1.039  1.00 33.50 ? 326 CYS A O   1 
ATOM   872  C CB  . CYS A 1 122 ? 10.460  2.287   1.100   1.00 32.77 ? 326 CYS A CB  1 
ATOM   873  S SG  . CYS A 1 122 ? 8.689   2.272   1.321   1.00 33.55 ? 326 CYS A SG  1 
ATOM   874  N N   . HIS A 1 123 ? 13.469  1.256   1.012   1.00 33.72 ? 327 HIS A N   1 
ATOM   875  C CA  . HIS A 1 123 ? 14.858  1.293   0.553   1.00 34.30 ? 327 HIS A CA  1 
ATOM   876  C C   . HIS A 1 123 ? 15.311  -0.011  -0.089  1.00 34.67 ? 327 HIS A C   1 
ATOM   877  O O   . HIS A 1 123 ? 15.873  -0.011  -1.173  1.00 35.00 ? 327 HIS A O   1 
ATOM   878  C CB  . HIS A 1 123 ? 15.799  1.663   1.699   1.00 34.05 ? 327 HIS A CB  1 
ATOM   879  C CG  . HIS A 1 123 ? 15.874  3.130   1.947   1.00 34.60 ? 327 HIS A CG  1 
ATOM   880  N ND1 . HIS A 1 123 ? 15.720  3.685   3.198   1.00 35.04 ? 327 HIS A ND1 1 
ATOM   881  C CD2 . HIS A 1 123 ? 16.077  4.164   1.096   1.00 36.23 ? 327 HIS A CD2 1 
ATOM   882  C CE1 . HIS A 1 123 ? 15.828  4.998   3.110   1.00 34.82 ? 327 HIS A CE1 1 
ATOM   883  N NE2 . HIS A 1 123 ? 16.041  5.315   1.845   1.00 36.20 ? 327 HIS A NE2 1 
ATOM   884  N N   . ARG A 1 124 ? 15.061  -1.118  0.602   1.00 35.78 ? 328 ARG A N   1 
ATOM   885  C CA  . ARG A 1 124 ? 15.316  -2.449  0.072   1.00 36.60 ? 328 ARG A CA  1 
ATOM   886  C C   . ARG A 1 124 ? 14.652  -2.639  -1.303  1.00 36.00 ? 328 ARG A C   1 
ATOM   887  O O   . ARG A 1 124 ? 15.295  -3.096  -2.249  1.00 35.89 ? 328 ARG A O   1 
ATOM   888  C CB  . ARG A 1 124 ? 14.865  -3.507  1.082   1.00 36.02 ? 328 ARG A CB  1 
ATOM   889  C CG  . ARG A 1 124 ? 15.697  -3.488  2.373   1.00 37.64 ? 328 ARG A CG  1 
ATOM   890  C CD  . ARG A 1 124 ? 15.451  -4.732  3.233   1.00 39.23 ? 328 ARG A CD  1 
ATOM   891  N NE  . ARG A 1 124 ? 15.649  -5.986  2.485   1.00 45.11 ? 328 ARG A NE  1 
ATOM   892  C CZ  . ARG A 1 124 ? 16.839  -6.532  2.233   1.00 46.19 ? 328 ARG A CZ  1 
ATOM   893  N NH1 . ARG A 1 124 ? 17.952  -5.943  2.653   1.00 49.89 ? 328 ARG A NH1 1 
ATOM   894  N NH2 . ARG A 1 124 ? 16.927  -7.667  1.548   1.00 49.05 ? 328 ARG A NH2 1 
ATOM   895  N N   . PHE A 1 125 ? 13.386  -2.244  -1.423  1.00 36.05 ? 329 PHE A N   1 
ATOM   896  C CA  . PHE A 1 125 ? 12.706  -2.297  -2.722  1.00 35.18 ? 329 PHE A CA  1 
ATOM   897  C C   . PHE A 1 125 ? 13.401  -1.435  -3.781  1.00 34.97 ? 329 PHE A C   1 
ATOM   898  O O   . PHE A 1 125 ? 13.521  -1.849  -4.924  1.00 34.79 ? 329 PHE A O   1 
ATOM   899  C CB  . PHE A 1 125 ? 11.220  -1.902  -2.657  1.00 35.02 ? 329 PHE A CB  1 
ATOM   900  C CG  . PHE A 1 125 ? 10.670  -1.511  -4.016  1.00 35.08 ? 329 PHE A CG  1 
ATOM   901  C CD1 . PHE A 1 125 ? 10.296  -2.487  -4.933  1.00 34.53 ? 329 PHE A CD1 1 
ATOM   902  C CD2 . PHE A 1 125 ? 10.636  -0.176  -4.410  1.00 34.89 ? 329 PHE A CD2 1 
ATOM   903  C CE1 . PHE A 1 125 ? 9.852   -2.138  -6.202  1.00 36.38 ? 329 PHE A CE1 1 
ATOM   904  C CE2 . PHE A 1 125 ? 10.202  0.184   -5.676  1.00 35.81 ? 329 PHE A CE2 1 
ATOM   905  C CZ  . PHE A 1 125 ? 9.801   -0.796  -6.574  1.00 35.99 ? 329 PHE A CZ  1 
ATOM   906  N N   . LEU A 1 126 ? 13.840  -0.228  -3.417  1.00 35.08 ? 330 LEU A N   1 
ATOM   907  C CA  . LEU A 1 126 ? 14.491  0.642   -4.412  1.00 34.82 ? 330 LEU A CA  1 
ATOM   908  C C   . LEU A 1 126 ? 15.828  0.067   -4.826  1.00 34.96 ? 330 LEU A C   1 
ATOM   909  O O   . LEU A 1 126 ? 16.251  0.227   -5.969  1.00 34.72 ? 330 LEU A O   1 
ATOM   910  C CB  . LEU A 1 126 ? 14.629  2.084   -3.924  1.00 34.22 ? 330 LEU A CB  1 
ATOM   911  C CG  . LEU A 1 126 ? 13.301  2.851   -3.881  1.00 34.27 ? 330 LEU A CG  1 
ATOM   912  C CD1 . LEU A 1 126 ? 13.383  4.117   -3.012  1.00 32.99 ? 330 LEU A CD1 1 
ATOM   913  C CD2 . LEU A 1 126 ? 12.818  3.188   -5.289  1.00 33.26 ? 330 LEU A CD2 1 
ATOM   914  N N   . GLU A 1 127 ? 16.472  -0.621  -3.888  1.00 35.42 ? 331 GLU A N   1 
ATOM   915  C CA  . GLU A 1 127 ? 17.761  -1.260  -4.125  1.00 35.35 ? 331 GLU A CA  1 
ATOM   916  C C   . GLU A 1 127 ? 17.602  -2.560  -4.889  1.00 34.88 ? 331 GLU A C   1 
ATOM   917  O O   . GLU A 1 127 ? 18.598  -3.210  -5.226  1.00 35.49 ? 331 GLU A O   1 
ATOM   918  C CB  . GLU A 1 127 ? 18.485  -1.516  -2.801  1.00 36.19 ? 331 GLU A CB  1 
ATOM   919  C CG  . GLU A 1 127 ? 19.197  -0.287  -2.219  1.00 38.02 ? 331 GLU A CG  1 
ATOM   920  C CD  . GLU A 1 127 ? 19.343  -0.337  -0.692  1.00 41.19 ? 331 GLU A CD  1 
ATOM   921  O OE1 . GLU A 1 127 ? 18.860  -1.310  -0.061  1.00 40.59 ? 331 GLU A OE1 1 
ATOM   922  O OE2 . GLU A 1 127 ? 19.945  0.607   -0.115  1.00 42.99 ? 331 GLU A OE2 1 
ATOM   923  N N   . GLY A 1 128 ? 16.353  -2.932  -5.168  1.00 34.19 ? 332 GLY A N   1 
ATOM   924  C CA  . GLY A 1 128 ? 16.044  -4.161  -5.900  1.00 33.10 ? 332 GLY A CA  1 
ATOM   925  C C   . GLY A 1 128 ? 16.174  -5.438  -5.091  1.00 32.24 ? 332 GLY A C   1 
ATOM   926  O O   . GLY A 1 128 ? 16.334  -6.510  -5.654  1.00 32.22 ? 332 GLY A O   1 
ATOM   927  N N   . LYS A 1 129 ? 16.041  -5.335  -3.774  1.00 31.24 ? 333 LYS A N   1 
ATOM   928  C CA  . LYS A 1 129 ? 16.222  -6.486  -2.892  1.00 30.42 ? 333 LYS A CA  1 
ATOM   929  C C   . LYS A 1 129 ? 14.990  -7.349  -2.628  1.00 29.74 ? 333 LYS A C   1 
ATOM   930  O O   . LYS A 1 129 ? 15.114  -8.421  -2.030  1.00 29.40 ? 333 LYS A O   1 
ATOM   931  C CB  . LYS A 1 129 ? 16.805  -6.012  -1.556  1.00 30.28 ? 333 LYS A CB  1 
ATOM   932  C CG  . LYS A 1 129 ? 18.330  -5.868  -1.626  1.00 31.66 ? 333 LYS A CG  1 
ATOM   933  C CD  . LYS A 1 129 ? 18.846  -5.073  -0.460  1.00 34.47 ? 333 LYS A CD  1 
ATOM   934  C CE  . LYS A 1 129 ? 20.305  -4.751  -0.635  1.00 38.17 ? 333 LYS A CE  1 
ATOM   935  N NZ  . LYS A 1 129 ? 20.815  -4.205  0.652   1.00 40.29 ? 333 LYS A NZ  1 
ATOM   936  N N   . ILE A 1 130 ? 13.805  -6.895  -3.031  1.00 28.97 ? 334 ILE A N   1 
ATOM   937  C CA  . ILE A 1 130 ? 12.593  -7.594  -2.598  1.00 29.09 ? 334 ILE A CA  1 
ATOM   938  C C   . ILE A 1 130 ? 12.121  -8.583  -3.676  1.00 29.14 ? 334 ILE A C   1 
ATOM   939  O O   . ILE A 1 130 ? 12.279  -8.327  -4.862  1.00 28.81 ? 334 ILE A O   1 
ATOM   940  C CB  . ILE A 1 130 ? 11.492  -6.593  -2.124  1.00 28.29 ? 334 ILE A CB  1 
ATOM   941  C CG1 . ILE A 1 130 ? 12.098  -5.568  -1.141  1.00 30.40 ? 334 ILE A CG1 1 
ATOM   942  C CG2 . ILE A 1 130 ? 10.284  -7.308  -1.504  1.00 27.21 ? 334 ILE A CG2 1 
ATOM   943  C CD1 . ILE A 1 130 ? 12.425  -6.101  0.277   1.00 29.42 ? 334 ILE A CD1 1 
ATOM   944  N N   . LYS A 1 131 ? 11.586  -9.726  -3.254  1.00 29.77 ? 335 LYS A N   1 
ATOM   945  C CA  . LYS A 1 131 ? 11.080  -10.732 -4.191  1.00 30.59 ? 335 LYS A CA  1 
ATOM   946  C C   . LYS A 1 131 ? 9.790   -10.232 -4.849  1.00 30.70 ? 335 LYS A C   1 
ATOM   947  O O   . LYS A 1 131 ? 8.829   -9.841  -4.141  1.00 30.82 ? 335 LYS A O   1 
ATOM   948  C CB  . LYS A 1 131 ? 10.824  -12.064 -3.480  1.00 30.95 ? 335 LYS A CB  1 
ATOM   949  C CG  . LYS A 1 131 ? 10.402  -13.201 -4.407  1.00 30.82 ? 335 LYS A CG  1 
ATOM   950  C CD  . LYS A 1 131 ? 10.009  -14.465 -3.641  1.00 32.38 ? 335 LYS A CD  1 
ATOM   951  C CE  . LYS A 1 131 ? 11.232  -15.306 -3.321  1.00 37.28 ? 335 LYS A CE  1 
ATOM   952  N NZ  . LYS A 1 131 ? 10.926  -16.769 -3.141  1.00 39.07 ? 335 LYS A NZ  1 
ATOM   953  N N   . PRO A 1 132 ? 9.759   -10.222 -6.201  1.00 30.63 ? 336 PRO A N   1 
ATOM   954  C CA  . PRO A 1 132 ? 8.557   -9.759  -6.912  1.00 30.69 ? 336 PRO A CA  1 
ATOM   955  C C   . PRO A 1 132 ? 7.499   -10.837 -6.974  1.00 30.22 ? 336 PRO A C   1 
ATOM   956  O O   . PRO A 1 132 ? 7.828   -12.008 -6.968  1.00 30.87 ? 336 PRO A O   1 
ATOM   957  C CB  . PRO A 1 132 ? 9.068   -9.448  -8.334  1.00 30.39 ? 336 PRO A CB  1 
ATOM   958  C CG  . PRO A 1 132 ? 10.468  -9.950  -8.411  1.00 30.04 ? 336 PRO A CG  1 
ATOM   959  C CD  . PRO A 1 132 ? 10.825  -10.638 -7.135  1.00 30.50 ? 336 PRO A CD  1 
ATOM   960  N N   . HIS A 1 133 ? 6.237   -10.443 -7.045  1.00 30.48 ? 337 HIS A N   1 
ATOM   961  C CA  . HIS A 1 133 ? 5.126   -11.401 -7.253  1.00 30.98 ? 337 HIS A CA  1 
ATOM   962  C C   . HIS A 1 133 ? 4.144   -10.797 -8.234  1.00 30.06 ? 337 HIS A C   1 
ATOM   963  O O   . HIS A 1 133 ? 3.334   -9.954  -7.857  1.00 29.53 ? 337 HIS A O   1 
ATOM   964  C CB  . HIS A 1 133 ? 4.382   -11.748 -5.946  1.00 31.42 ? 337 HIS A CB  1 
ATOM   965  C CG  . HIS A 1 133 ? 5.201   -12.531 -4.968  1.00 35.88 ? 337 HIS A CG  1 
ATOM   966  N ND1 . HIS A 1 133 ? 5.498   -13.867 -5.144  1.00 39.72 ? 337 HIS A ND1 1 
ATOM   967  C CD2 . HIS A 1 133 ? 5.797   -12.164 -3.805  1.00 38.74 ? 337 HIS A CD2 1 
ATOM   968  C CE1 . HIS A 1 133 ? 6.253   -14.285 -4.142  1.00 40.29 ? 337 HIS A CE1 1 
ATOM   969  N NE2 . HIS A 1 133 ? 6.444   -13.272 -3.315  1.00 39.87 ? 337 HIS A NE2 1 
ATOM   970  N N   . LEU A 1 134 ? 4.236   -11.217 -9.487  1.00 29.70 ? 338 LEU A N   1 
ATOM   971  C CA  . LEU A 1 134 ? 3.263   -10.856 -10.509 1.00 30.37 ? 338 LEU A CA  1 
ATOM   972  C C   . LEU A 1 134 ? 1.825   -10.964 -10.026 1.00 30.71 ? 338 LEU A C   1 
ATOM   973  O O   . LEU A 1 134 ? 1.448   -11.936 -9.378  1.00 29.62 ? 338 LEU A O   1 
ATOM   974  C CB  . LEU A 1 134 ? 3.421   -11.783 -11.703 1.00 30.10 ? 338 LEU A CB  1 
ATOM   975  C CG  . LEU A 1 134 ? 2.652   -11.503 -12.987 1.00 31.19 ? 338 LEU A CG  1 
ATOM   976  C CD1 . LEU A 1 134 ? 2.789   -10.019 -13.359 1.00 30.49 ? 338 LEU A CD1 1 
ATOM   977  C CD2 . LEU A 1 134 ? 3.225   -12.386 -14.082 1.00 29.97 ? 338 LEU A CD2 1 
ATOM   978  N N   . MET A 1 135 ? 1.039   -9.943  -10.343 1.00 32.19 ? 339 MET A N   1 
ATOM   979  C CA  . MET A 1 135 ? -0.414  -9.975  -10.169 1.00 34.63 ? 339 MET A CA  1 
ATOM   980  C C   . MET A 1 135 ? -1.033  -10.184 -11.558 1.00 35.65 ? 339 MET A C   1 
ATOM   981  O O   . MET A 1 135 ? -0.808  -9.390  -12.480 1.00 36.44 ? 339 MET A O   1 
ATOM   982  C CB  . MET A 1 135 ? -0.912  -8.675  -9.527  1.00 33.57 ? 339 MET A CB  1 
ATOM   983  C CG  . MET A 1 135 ? -0.384  -8.420  -8.113  1.00 35.44 ? 339 MET A CG  1 
ATOM   984  S SD  . MET A 1 135 ? -1.109  -6.963  -7.331  1.00 36.64 ? 339 MET A SD  1 
ATOM   985  C CE  . MET A 1 135 ? -2.750  -7.614  -7.032  1.00 33.65 ? 339 MET A CE  1 
ATOM   986  N N   . SER A 1 136 ? -1.788  -11.256 -11.715 1.00 37.25 ? 340 SER A N   1 
ATOM   987  C CA  . SER A 1 136 ? -2.278  -11.657 -13.035 1.00 39.73 ? 340 SER A CA  1 
ATOM   988  C C   . SER A 1 136 ? -3.662  -11.053 -13.395 1.00 40.34 ? 340 SER A C   1 
ATOM   989  O O   . SER A 1 136 ? -4.025  -10.966 -14.584 1.00 40.49 ? 340 SER A O   1 
ATOM   990  C CB  . SER A 1 136 ? -2.309  -13.190 -13.158 1.00 39.71 ? 340 SER A CB  1 
ATOM   991  O OG  . SER A 1 136 ? -3.229  -13.731 -12.219 1.00 41.68 ? 340 SER A OG  1 
ATOM   992  N N   . GLN A 1 137 ? -4.421  -10.676 -12.369 1.00 41.33 ? 341 GLN A N   1 
ATOM   993  C CA  . GLN A 1 137 ? -5.659  -9.913  -12.525 1.00 42.28 ? 341 GLN A CA  1 
ATOM   994  C C   . GLN A 1 137 ? -5.397  -8.558  -13.159 1.00 42.57 ? 341 GLN A C   1 
ATOM   995  O O   . GLN A 1 137 ? -4.425  -7.876  -12.809 1.00 42.95 ? 341 GLN A O   1 
ATOM   996  C CB  . GLN A 1 137 ? -6.311  -9.674  -11.170 1.00 42.68 ? 341 GLN A CB  1 
ATOM   997  C CG  . GLN A 1 137 ? -7.163  -10.806 -10.662 1.00 44.62 ? 341 GLN A CG  1 
ATOM   998  C CD  . GLN A 1 137 ? -8.545  -10.326 -10.245 1.00 49.19 ? 341 GLN A CD  1 
ATOM   999  O OE1 . GLN A 1 137 ? -9.519  -10.527 -10.979 1.00 52.91 ? 341 GLN A OE1 1 
ATOM   1000 N NE2 . GLN A 1 137 ? -8.643  -9.687  -9.080  1.00 45.92 ? 341 GLN A NE2 1 
ATOM   1001 N N   . GLU A 1 138 ? -6.258  -8.177  -14.097 1.00 43.12 ? 342 GLU A N   1 
ATOM   1002 C CA  . GLU A 1 138 ? -6.229  -6.835  -14.677 1.00 43.71 ? 342 GLU A CA  1 
ATOM   1003 C C   . GLU A 1 138 ? -6.869  -5.885  -13.686 1.00 42.90 ? 342 GLU A C   1 
ATOM   1004 O O   . GLU A 1 138 ? -7.844  -6.249  -13.033 1.00 42.70 ? 342 GLU A O   1 
ATOM   1005 C CB  . GLU A 1 138 ? -6.985  -6.785  -16.017 1.00 44.15 ? 342 GLU A CB  1 
ATOM   1006 C CG  . GLU A 1 138 ? -6.844  -5.429  -16.756 1.00 45.61 ? 342 GLU A CG  1 
ATOM   1007 C CD  . GLU A 1 138 ? -7.119  -5.491  -18.259 1.00 45.71 ? 342 GLU A CD  1 
ATOM   1008 O OE1 . GLU A 1 138 ? -7.653  -6.518  -18.751 1.00 48.89 ? 342 GLU A OE1 1 
ATOM   1009 O OE2 . GLU A 1 138 ? -6.788  -4.501  -18.959 1.00 47.89 ? 342 GLU A OE2 1 
ATOM   1010 N N   . LEU A 1 139 ? -6.291  -4.688  -13.561 1.00 42.60 ? 343 LEU A N   1 
ATOM   1011 C CA  . LEU A 1 139 ? -6.884  -3.582  -12.829 1.00 42.29 ? 343 LEU A CA  1 
ATOM   1012 C C   . LEU A 1 139 ? -8.374  -3.480  -13.139 1.00 41.53 ? 343 LEU A C   1 
ATOM   1013 O O   . LEU A 1 139 ? -8.765  -3.577  -14.302 1.00 42.11 ? 343 LEU A O   1 
ATOM   1014 C CB  . LEU A 1 139 ? -6.235  -2.273  -13.250 1.00 42.48 ? 343 LEU A CB  1 
ATOM   1015 C CG  . LEU A 1 139 ? -4.987  -1.746  -12.569 1.00 43.41 ? 343 LEU A CG  1 
ATOM   1016 C CD1 . LEU A 1 139 ? -4.392  -0.685  -13.469 1.00 45.32 ? 343 LEU A CD1 1 
ATOM   1017 C CD2 . LEU A 1 139 ? -5.297  -1.162  -11.203 1.00 45.11 ? 343 LEU A CD2 1 
ATOM   1018 N N   . PRO A 1 140 ? -9.213  -3.337  -12.104 1.00 40.53 ? 344 PRO A N   1 
ATOM   1019 C CA  . PRO A 1 140 ? -10.618 -3.020  -12.347 1.00 39.89 ? 344 PRO A CA  1 
ATOM   1020 C C   . PRO A 1 140 ? -10.761 -1.823  -13.302 1.00 39.39 ? 344 PRO A C   1 
ATOM   1021 O O   . PRO A 1 140 ? -10.011 -0.849  -13.195 1.00 39.11 ? 344 PRO A O   1 
ATOM   1022 C CB  . PRO A 1 140 ? -11.145 -2.660  -10.952 1.00 39.59 ? 344 PRO A CB  1 
ATOM   1023 C CG  . PRO A 1 140 ? -10.259 -3.419  -10.005 1.00 40.29 ? 344 PRO A CG  1 
ATOM   1024 C CD  . PRO A 1 140 ? -8.905  -3.503  -10.670 1.00 40.36 ? 344 PRO A CD  1 
ATOM   1025 N N   . GLU A 1 141 ? -11.700 -1.924  -14.240 1.00 39.19 ? 345 GLU A N   1 
ATOM   1026 C CA  . GLU A 1 141 ? -12.052 -0.827  -15.145 1.00 39.57 ? 345 GLU A CA  1 
ATOM   1027 C C   . GLU A 1 141 ? -12.203 0.506   -14.410 1.00 39.98 ? 345 GLU A C   1 
ATOM   1028 O O   . GLU A 1 141 ? -11.735 1.527   -14.899 1.00 39.30 ? 345 GLU A O   1 
ATOM   1029 C CB  . GLU A 1 141 ? -13.357 -1.140  -15.883 1.00 39.29 ? 345 GLU A CB  1 
ATOM   1030 C CG  . GLU A 1 141 ? -13.200 -1.520  -17.336 0.50 39.16 ? 345 GLU A CG  1 
ATOM   1031 C CD  . GLU A 1 141 ? -14.446 -1.215  -18.154 0.50 37.84 ? 345 GLU A CD  1 
ATOM   1032 O OE1 . GLU A 1 141 ? -14.297 -0.774  -19.311 0.50 37.68 ? 345 GLU A OE1 1 
ATOM   1033 O OE2 . GLU A 1 141 ? -15.568 -1.404  -17.639 0.50 37.09 ? 345 GLU A OE2 1 
ATOM   1034 N N   . ASP A 1 142 ? -12.840 0.463   -13.231 1.00 41.01 ? 346 ASP A N   1 
ATOM   1035 C CA  . ASP A 1 142 ? -13.096 1.634   -12.365 1.00 41.98 ? 346 ASP A CA  1 
ATOM   1036 C C   . ASP A 1 142 ? -11.851 2.409   -12.000 1.00 42.61 ? 346 ASP A C   1 
ATOM   1037 O O   . ASP A 1 142 ? -11.888 3.638   -11.925 1.00 42.87 ? 346 ASP A O   1 
ATOM   1038 C CB  . ASP A 1 142 ? -13.746 1.201   -11.054 1.00 41.79 ? 346 ASP A CB  1 
ATOM   1039 C CG  . ASP A 1 142 ? -15.117 0.626   -11.247 1.00 42.85 ? 346 ASP A CG  1 
ATOM   1040 O OD1 . ASP A 1 142 ? -15.810 1.053   -12.184 1.00 41.13 ? 346 ASP A OD1 1 
ATOM   1041 O OD2 . ASP A 1 142 ? -15.501 -0.254  -10.450 1.00 45.21 ? 346 ASP A OD2 1 
ATOM   1042 N N   . TRP A 1 143 ? -10.762 1.681   -11.765 1.00 43.18 ? 347 TRP A N   1 
ATOM   1043 C CA  . TRP A 1 143 ? -9.503  2.264   -11.293 1.00 44.15 ? 347 TRP A CA  1 
ATOM   1044 C C   . TRP A 1 143 ? -8.720  2.966   -12.415 1.00 45.35 ? 347 TRP A C   1 
ATOM   1045 O O   . TRP A 1 143 ? -7.679  3.571   -12.164 1.00 46.21 ? 347 TRP A O   1 
ATOM   1046 C CB  . TRP A 1 143 ? -8.662  1.206   -10.564 1.00 42.81 ? 347 TRP A CB  1 
ATOM   1047 C CG  . TRP A 1 143 ? -9.387  0.537   -9.405  1.00 41.78 ? 347 TRP A CG  1 
ATOM   1048 C CD1 . TRP A 1 143 ? -10.699 0.715   -9.032  1.00 41.47 ? 347 TRP A CD1 1 
ATOM   1049 C CD2 . TRP A 1 143 ? -8.851  -0.436  -8.499  1.00 41.02 ? 347 TRP A CD2 1 
ATOM   1050 N NE1 . TRP A 1 143 ? -11.004 -0.076  -7.948  1.00 41.21 ? 347 TRP A NE1 1 
ATOM   1051 C CE2 . TRP A 1 143 ? -9.888  -0.789  -7.596  1.00 40.37 ? 347 TRP A CE2 1 
ATOM   1052 C CE3 . TRP A 1 143 ? -7.594  -1.037  -8.353  1.00 41.02 ? 347 TRP A CE3 1 
ATOM   1053 C CZ2 . TRP A 1 143 ? -9.706  -1.721  -6.573  1.00 40.12 ? 347 TRP A CZ2 1 
ATOM   1054 C CZ3 . TRP A 1 143 ? -7.413  -1.959  -7.318  1.00 41.94 ? 347 TRP A CZ3 1 
ATOM   1055 C CH2 . TRP A 1 143 ? -8.468  -2.296  -6.451  1.00 40.60 ? 347 TRP A CH2 1 
ATOM   1056 N N   . ASP A 1 144 ? -9.257  2.903   -13.633 1.00 46.97 ? 348 ASP A N   1 
ATOM   1057 C CA  . ASP A 1 144 ? -8.755  3.638   -14.814 1.00 48.31 ? 348 ASP A CA  1 
ATOM   1058 C C   . ASP A 1 144 ? -7.660  2.884   -15.550 1.00 48.49 ? 348 ASP A C   1 
ATOM   1059 O O   . ASP A 1 144 ? -7.898  2.352   -16.636 1.00 49.07 ? 348 ASP A O   1 
ATOM   1060 C CB  . ASP A 1 144 ? -8.319  5.087   -14.477 1.00 48.71 ? 348 ASP A CB  1 
ATOM   1061 C CG  . ASP A 1 144 ? -9.429  6.126   -14.732 1.00 49.97 ? 348 ASP A CG  1 
ATOM   1062 O OD1 . ASP A 1 144 ? -10.571 5.733   -15.078 1.00 51.13 ? 348 ASP A OD1 1 
ATOM   1063 O OD2 . ASP A 1 144 ? -9.152  7.344   -14.597 1.00 50.69 ? 348 ASP A OD2 1 
HETATM 1064 S S   . SO4 B 2 .   ? -2.739  -12.597 -8.167  1.00 80.15 ? 1   SO4 A S   1 
HETATM 1065 O O1  . SO4 B 2 .   ? -3.437  -13.558 -7.317  1.00 79.94 ? 1   SO4 A O1  1 
HETATM 1066 O O2  . SO4 B 2 .   ? -3.641  -11.578 -8.710  1.00 78.57 ? 1   SO4 A O2  1 
HETATM 1067 O O3  . SO4 B 2 .   ? -1.697  -11.968 -7.349  1.00 79.40 ? 1   SO4 A O3  1 
HETATM 1068 O O4  . SO4 B 2 .   ? -2.152  -13.320 -9.296  1.00 80.01 ? 1   SO4 A O4  1 
HETATM 1069 O O   . HOH C 3 .   ? 11.619  -5.837  4.279   1.00 25.36 ? 352 HOH A O   1 
HETATM 1070 O O   . HOH C 3 .   ? -8.740  7.105   15.639  1.00 26.57 ? 353 HOH A O   1 
HETATM 1071 O O   . HOH C 3 .   ? -13.707 -2.240  -2.851  1.00 23.23 ? 354 HOH A O   1 
HETATM 1072 O O   . HOH C 3 .   ? -10.005 3.226   2.924   1.00 20.54 ? 355 HOH A O   1 
HETATM 1073 O O   . HOH C 3 .   ? -15.998 2.406   7.789   1.00 25.09 ? 356 HOH A O   1 
HETATM 1074 O O   . HOH C 3 .   ? -9.599  4.474   15.403  1.00 24.82 ? 357 HOH A O   1 
HETATM 1075 O O   . HOH C 3 .   ? -0.884  -9.906  -0.651  1.00 27.31 ? 358 HOH A O   1 
HETATM 1076 O O   . HOH C 3 .   ? -5.923  -9.944  -7.858  1.00 45.05 ? 359 HOH A O   1 
HETATM 1077 O O   . HOH C 3 .   ? 7.615   -9.702  -1.809  1.00 26.54 ? 360 HOH A O   1 
HETATM 1078 O O   . HOH C 3 .   ? 2.853   -6.545  6.248   1.00 35.93 ? 361 HOH A O   1 
HETATM 1079 O O   . HOH C 3 .   ? 9.068   -14.509 -7.431  1.00 40.81 ? 362 HOH A O   1 
HETATM 1080 O O   . HOH C 3 .   ? 13.557  -17.421 -3.845  1.00 36.23 ? 363 HOH A O   1 
HETATM 1081 O O   . HOH C 3 .   ? -9.533  -5.093  8.808   1.00 35.50 ? 364 HOH A O   1 
HETATM 1082 O O   . HOH C 3 .   ? -12.913 -4.294  3.772   1.00 24.45 ? 365 HOH A O   1 
HETATM 1083 O O   . HOH C 3 .   ? 1.960   1.996   18.102  1.00 42.43 ? 366 HOH A O   1 
HETATM 1084 O O   . HOH C 3 .   ? -14.210 2.097   -1.064  1.00 19.35 ? 367 HOH A O   1 
HETATM 1085 O O   . HOH C 3 .   ? 12.857  -4.670  -4.981  1.00 42.72 ? 368 HOH A O   1 
HETATM 1086 O O   . HOH C 3 .   ? -6.163  2.213   20.949  1.00 46.04 ? 369 HOH A O   1 
HETATM 1087 O O   . HOH C 3 .   ? -1.617  13.572  4.511   1.00 54.84 ? 370 HOH A O   1 
HETATM 1088 O O   . HOH C 3 .   ? -17.933 -0.561  7.068   1.00 33.51 ? 371 HOH A O   1 
HETATM 1089 O O   . HOH C 3 .   ? -11.199 -11.853 7.553   1.00 42.78 ? 372 HOH A O   1 
HETATM 1090 O O   . HOH C 3 .   ? 17.888  2.783   -1.556  1.00 45.39 ? 373 HOH A O   1 
HETATM 1091 O O   . HOH C 3 .   ? 11.244  -1.246  14.138  1.00 38.64 ? 374 HOH A O   1 
HETATM 1092 O O   . HOH C 3 .   ? -5.898  -4.241  18.278  1.00 58.93 ? 375 HOH A O   1 
HETATM 1093 O O   . HOH C 3 .   ? 8.211   -13.967 -0.041  1.00 38.90 ? 376 HOH A O   1 
HETATM 1094 O O   . HOH C 3 .   ? -7.514  9.799   10.921  1.00 45.04 ? 377 HOH A O   1 
HETATM 1095 O O   . HOH C 3 .   ? -18.053 0.384   3.357   1.00 59.37 ? 378 HOH A O   1 
HETATM 1096 O O   . HOH C 3 .   ? 0.650   -13.186 0.158   1.00 38.72 ? 379 HOH A O   1 
HETATM 1097 O O   . HOH C 3 .   ? -0.695  -11.866 1.130   1.00 36.39 ? 380 HOH A O   1 
HETATM 1098 O O   . HOH C 3 .   ? -4.250  11.211  7.135   1.00 52.81 ? 381 HOH A O   1 
HETATM 1099 O O   . HOH C 3 .   ? -8.378  8.700   13.934  1.00 32.70 ? 382 HOH A O   1 
HETATM 1100 O O   . HOH C 3 .   ? 11.763  -10.526 -0.565  1.00 31.07 ? 383 HOH A O   1 
HETATM 1101 O O   . HOH C 3 .   ? -0.628  -5.108  -15.856 1.00 54.31 ? 384 HOH A O   1 
HETATM 1102 O O   . HOH C 3 .   ? 3.648   8.966   16.341  0.50 26.22 ? 385 HOH A O   1 
HETATM 1103 O O   . HOH C 3 .   ? -9.999  -10.348 -6.803  1.00 34.14 ? 386 HOH A O   1 
HETATM 1104 O O   . HOH C 3 .   ? -0.361  5.161   -3.718  1.00 47.34 ? 387 HOH A O   1 
HETATM 1105 O O   . HOH C 3 .   ? -8.967  15.210  -9.789  1.00 68.31 ? 388 HOH A O   1 
HETATM 1106 O O   . HOH C 3 .   ? 8.603   -3.907  -10.349 1.00 49.29 ? 389 HOH A O   1 
HETATM 1107 O O   . HOH C 3 .   ? 4.606   -14.927 -7.418  1.00 46.14 ? 390 HOH A O   1 
HETATM 1108 O O   . HOH C 3 .   ? 3.373   9.620   -0.723  1.00 30.54 ? 391 HOH A O   1 
HETATM 1109 O O   . HOH C 3 .   ? 1.357   5.887   19.552  1.00 45.79 ? 392 HOH A O   1 
HETATM 1110 O O   . HOH C 3 .   ? -3.673  -10.381 -5.019  1.00 35.67 ? 393 HOH A O   1 
HETATM 1111 O O   . HOH C 3 .   ? 6.084   9.679   -0.482  1.00 38.00 ? 394 HOH A O   1 
HETATM 1112 O O   . HOH C 3 .   ? -6.751  11.106  1.654   1.00 47.80 ? 395 HOH A O   1 
HETATM 1113 O O   . HOH C 3 .   ? 5.394   -12.051 7.004   1.00 54.54 ? 396 HOH A O   1 
# 
